data_6B1O
#
_entry.id   6B1O
#
_cell.length_a   119.515
_cell.length_b   123.342
_cell.length_c   130.958
_cell.angle_alpha   90.000
_cell.angle_beta   90.000
_cell.angle_gamma   90.000
#
_symmetry.space_group_name_H-M   'P 21 21 21'
#
loop_
_entity.id
_entity.type
_entity.pdbx_description
1 polymer 'Dipeptidyl peptidase 4'
2 branched 2-acetamido-2-deoxy-beta-D-glucopyranose-(1-4)-2-acetamido-2-deoxy-beta-D-glucopyranose
3 non-polymer 2-acetamido-2-deoxy-beta-D-glucopyranose
4 non-polymer (2S)-2-amino-1-[(1S,3S,5S)-3-(aminomethyl)-2-azabicyclo[3.1.0]hexan-2-yl]-2-[(1r,3R,5S,7S)-3,5-dihydroxytricyclo[3.3.1.1~3,7~]decan-1-yl]ethan-1-one
5 water water
#
_entity_poly.entity_id   1
_entity_poly.type   'polypeptide(L)'
_entity_poly.pdbx_seq_one_letter_code
;TRKTYTLTDYLKNTYRLKLYSLRWISDHEYLYKQENNILVFNAEYGNSSVFLENSTFDEFGHSINDYSISPDGQFILLEY
NYVKQWRHSYTASYDIYDLNKRQLITEERIPNNTQWVTWSPVGHKLAYVWNNDIYVKIEPNLPSYRITWTGKEDIIYNGI
TDWVYEEEVFSAYSALWWSPNGTFLAYAQFNDTEVPLIEYSFYSDESLQYPKTVRVPYPKAGAVNPTVKFFVVNTDSLSS
VTNATSIQITAPASMLIGDHYLCDVTWATQERISLQWLRRIQNYSVMDICDYDESSGRWNCLVARQHIEMSTTGWVGRFR
PSEPHFTLDGNSFYKIISNEEGYRHICYFQIDKKDCTFITKGTWEVIGIEALTSDYLYYISNEYKGMPGGRNLYKIQLSD
YTKVTCLSCELNPERCQYYSVSFSKEAKYYQLRCSGPGLPLYTLHSSVNDKGLRVLEDNSALDKMLQNVQMPSKKLDFII
LNETKFWYQMILPPHFDKSKKYPLLLDVYAGPCSQKADTVFRLNWATYLASTENIIVASFDGRGSGYQGDKIMHAINRRL
GTFEVEDQIEAARQFSKMGFVDNKRIAIWGWSYGGYVTSMVLGSGSGVFKCGIAVAPVSRWEYYDSVYTERYMGLPTPED
NLDHYRNSTVMSRAENFKQVEYLLIHGTADDNVHFQQSAQISKALVDVGVDFQAMWYTDEDHGIASSTAHQHIYTHMSHF
IKQCFSLP
;
_entity_poly.pdbx_strand_id   A,B
#
loop_
_chem_comp.id
_chem_comp.type
_chem_comp.name
_chem_comp.formula
C8S non-polymer (2S)-2-amino-1-[(1S,3S,5S)-3-(aminomethyl)-2-azabicyclo[3.1.0]hexan-2-yl]-2-[(1r,3R,5S,7S)-3,5-dihydroxytricyclo[3.3.1.1~3,7~]decan-1-yl]ethan-1-one 'C18 H29 N3 O3'
NAG D-saccharide, beta linking 2-acetamido-2-deoxy-beta-D-glucopyranose 'C8 H15 N O6'
#
# COMPACT_ATOMS: atom_id res chain seq x y z
N THR A 1 -37.17 30.06 -7.50
CA THR A 1 -35.87 30.08 -8.25
C THR A 1 -35.48 28.66 -8.67
N ARG A 2 -34.84 28.56 -9.84
CA ARG A 2 -34.28 27.29 -10.27
C ARG A 2 -32.98 27.04 -9.52
N LYS A 3 -32.87 25.86 -8.96
CA LYS A 3 -31.64 25.45 -8.28
C LYS A 3 -30.60 25.11 -9.33
N THR A 4 -29.34 24.99 -8.91
CA THR A 4 -28.28 24.54 -9.80
C THR A 4 -28.16 23.01 -9.69
N TYR A 5 -27.32 22.42 -10.54
CA TYR A 5 -27.03 20.99 -10.47
C TYR A 5 -25.89 20.84 -9.46
N THR A 6 -26.19 20.28 -8.30
CA THR A 6 -25.25 20.32 -7.18
C THR A 6 -24.36 19.09 -7.13
N LEU A 7 -23.35 19.13 -6.27
CA LEU A 7 -22.49 17.97 -6.08
C LEU A 7 -23.34 16.78 -5.60
N THR A 8 -24.23 17.01 -4.63
CA THR A 8 -25.12 15.96 -4.14
C THR A 8 -26.00 15.40 -5.24
N ASP A 9 -26.54 16.26 -6.11
CA ASP A 9 -27.33 15.82 -7.26
C ASP A 9 -26.57 14.75 -8.07
N TYR A 10 -25.30 15.04 -8.35
CA TYR A 10 -24.45 14.12 -9.12
C TYR A 10 -24.17 12.84 -8.34
N LEU A 11 -23.80 13.00 -7.07
CA LEU A 11 -23.39 11.86 -6.23
C LEU A 11 -24.56 10.96 -5.81
N LYS A 12 -25.75 11.54 -5.67
CA LYS A 12 -26.92 10.75 -5.30
C LYS A 12 -27.76 10.30 -6.50
N ASN A 13 -27.28 10.59 -7.72
CA ASN A 13 -27.98 10.23 -8.96
C ASN A 13 -29.43 10.70 -9.00
N THR A 14 -29.64 11.95 -8.62
CA THR A 14 -30.99 12.54 -8.58
C THR A 14 -31.63 12.62 -9.97
N TYR A 15 -30.81 12.94 -10.98
CA TYR A 15 -31.28 13.08 -12.35
C TYR A 15 -30.72 11.94 -13.20
N ARG A 16 -31.53 10.91 -13.40
CA ARG A 16 -31.12 9.70 -14.07
C ARG A 16 -31.54 9.68 -15.54
N LEU A 17 -30.61 9.26 -16.40
CA LEU A 17 -30.91 8.95 -17.79
C LEU A 17 -31.63 7.61 -17.85
N LYS A 18 -32.74 7.55 -18.59
CA LYS A 18 -33.41 6.27 -18.83
C LYS A 18 -32.80 5.57 -20.04
N LEU A 19 -32.74 4.25 -19.95
CA LEU A 19 -32.18 3.40 -21.00
C LEU A 19 -33.31 2.62 -21.68
N TYR A 20 -32.98 1.94 -22.78
CA TYR A 20 -33.85 0.92 -23.35
C TYR A 20 -32.99 -0.20 -23.88
N SER A 21 -32.57 -1.07 -22.98
CA SER A 21 -31.69 -2.18 -23.30
C SER A 21 -32.52 -3.39 -23.68
N LEU A 22 -32.42 -3.80 -24.94
CA LEU A 22 -33.17 -4.95 -25.44
C LEU A 22 -32.22 -6.04 -25.91
N ARG A 23 -32.73 -7.26 -26.03
CA ARG A 23 -31.93 -8.35 -26.57
C ARG A 23 -32.69 -9.08 -27.67
N TRP A 24 -32.18 -9.00 -28.88
CA TRP A 24 -32.80 -9.65 -30.03
C TRP A 24 -32.66 -11.18 -29.90
N ILE A 25 -33.78 -11.89 -30.02
CA ILE A 25 -33.77 -13.35 -29.97
C ILE A 25 -34.06 -13.98 -31.33
N SER A 26 -34.46 -13.14 -32.29
CA SER A 26 -34.78 -13.59 -33.63
C SER A 26 -34.67 -12.40 -34.58
N ASP A 27 -35.17 -12.59 -35.79
CA ASP A 27 -35.23 -11.52 -36.76
C ASP A 27 -36.37 -10.54 -36.49
N HIS A 28 -37.33 -10.93 -35.64
CA HIS A 28 -38.53 -10.13 -35.47
C HIS A 28 -38.88 -9.81 -34.01
N GLU A 29 -38.20 -10.45 -33.05
CA GLU A 29 -38.54 -10.34 -31.63
C GLU A 29 -37.36 -10.01 -30.75
N TYR A 30 -37.63 -9.26 -29.68
CA TYR A 30 -36.62 -8.98 -28.65
C TYR A 30 -37.18 -9.11 -27.23
N LEU A 31 -36.27 -9.37 -26.29
CA LEU A 31 -36.61 -9.41 -24.87
C LEU A 31 -36.28 -8.06 -24.21
N TYR A 32 -37.08 -7.71 -23.21
CA TYR A 32 -36.94 -6.45 -22.48
C TYR A 32 -37.46 -6.63 -21.06
N LYS A 33 -36.74 -6.08 -20.09
CA LYS A 33 -37.13 -6.21 -18.67
C LYS A 33 -37.88 -4.99 -18.15
N GLN A 34 -39.16 -5.20 -17.79
CA GLN A 34 -40.02 -4.15 -17.30
C GLN A 34 -40.61 -4.52 -15.95
N GLU A 35 -40.11 -3.87 -14.90
CA GLU A 35 -40.49 -4.16 -13.50
C GLU A 35 -40.32 -5.64 -13.17
N ASN A 36 -39.09 -6.14 -13.38
CA ASN A 36 -38.67 -7.52 -13.07
C ASN A 36 -39.24 -8.61 -13.99
N ASN A 37 -40.19 -8.25 -14.85
CA ASN A 37 -40.75 -9.18 -15.81
C ASN A 37 -39.96 -9.14 -17.11
N ILE A 38 -39.56 -10.30 -17.61
CA ILE A 38 -38.95 -10.37 -18.94
C ILE A 38 -40.08 -10.48 -19.95
N LEU A 39 -40.21 -9.45 -20.78
CA LEU A 39 -41.23 -9.41 -21.84
C LEU A 39 -40.61 -9.73 -23.21
N VAL A 40 -41.40 -10.36 -24.08
CA VAL A 40 -41.04 -10.51 -25.49
C VAL A 40 -41.83 -9.49 -26.26
N PHE A 41 -41.13 -8.70 -27.08
CA PHE A 41 -41.78 -7.74 -27.96
C PHE A 41 -41.72 -8.21 -29.40
N ASN A 42 -42.82 -7.99 -30.11
CA ASN A 42 -42.87 -8.11 -31.56
C ASN A 42 -42.43 -6.76 -32.16
N ALA A 43 -41.39 -6.77 -32.98
CA ALA A 43 -40.82 -5.53 -33.53
C ALA A 43 -41.78 -4.79 -34.47
N GLU A 44 -42.48 -5.53 -35.32
CA GLU A 44 -43.34 -4.94 -36.35
C GLU A 44 -44.50 -4.14 -35.76
N TYR A 45 -45.13 -4.67 -34.72
CA TYR A 45 -46.34 -4.05 -34.15
C TYR A 45 -46.16 -3.45 -32.75
N GLY A 46 -45.10 -3.86 -32.06
CA GLY A 46 -44.80 -3.31 -30.73
C GLY A 46 -45.54 -3.96 -29.58
N ASN A 47 -46.35 -4.98 -29.88
CA ASN A 47 -47.02 -5.72 -28.80
C ASN A 47 -46.09 -6.69 -28.08
N SER A 48 -46.45 -7.04 -26.86
CA SER A 48 -45.61 -7.86 -26.00
C SER A 48 -46.41 -8.92 -25.25
N SER A 49 -45.70 -9.97 -24.83
CA SER A 49 -46.22 -10.92 -23.85
C SER A 49 -45.18 -11.11 -22.76
N VAL A 50 -45.59 -11.66 -21.62
CA VAL A 50 -44.65 -12.00 -20.57
C VAL A 50 -43.93 -13.28 -20.96
N PHE A 51 -42.61 -13.21 -21.07
CA PHE A 51 -41.80 -14.38 -21.37
C PHE A 51 -41.52 -15.15 -20.09
N LEU A 52 -41.15 -14.41 -19.05
CA LEU A 52 -40.86 -14.98 -17.74
C LEU A 52 -41.35 -14.04 -16.64
N GLU A 53 -42.31 -14.54 -15.87
CA GLU A 53 -42.92 -13.78 -14.77
C GLU A 53 -41.91 -13.51 -13.67
N ASN A 54 -42.03 -12.35 -13.05
CA ASN A 54 -41.16 -11.93 -11.96
C ASN A 54 -41.21 -12.83 -10.71
N SER A 55 -42.30 -13.56 -10.56
CA SER A 55 -42.51 -14.45 -9.42
C SER A 55 -41.89 -15.84 -9.60
N THR A 56 -41.45 -16.15 -10.82
CA THR A 56 -40.90 -17.47 -11.14
C THR A 56 -39.77 -17.89 -10.21
N PHE A 57 -38.89 -16.96 -9.87
CA PHE A 57 -37.72 -17.28 -9.04
C PHE A 57 -37.71 -16.54 -7.70
N ASP A 58 -38.86 -16.56 -7.01
CA ASP A 58 -38.98 -15.93 -5.69
C ASP A 58 -38.48 -16.84 -4.57
N GLU A 59 -38.56 -18.15 -4.78
CA GLU A 59 -38.11 -19.14 -3.80
C GLU A 59 -36.75 -19.75 -4.17
N PHE A 60 -36.07 -19.14 -5.13
CA PHE A 60 -34.76 -19.61 -5.61
C PHE A 60 -33.73 -19.72 -4.48
N GLY A 61 -33.77 -18.78 -3.53
CA GLY A 61 -32.84 -18.76 -2.41
C GLY A 61 -31.61 -17.91 -2.68
N HIS A 62 -31.52 -17.38 -3.89
CA HIS A 62 -30.41 -16.53 -4.30
C HIS A 62 -30.89 -15.40 -5.21
N SER A 63 -30.27 -14.24 -5.05
CA SER A 63 -30.49 -13.11 -5.95
C SER A 63 -29.87 -13.44 -7.33
N ILE A 64 -30.65 -13.26 -8.39
CA ILE A 64 -30.21 -13.55 -9.74
C ILE A 64 -29.56 -12.33 -10.40
N ASN A 65 -28.28 -12.48 -10.75
CA ASN A 65 -27.51 -11.40 -11.33
C ASN A 65 -27.83 -11.16 -12.80
N ASP A 66 -28.03 -12.25 -13.55
CA ASP A 66 -28.28 -12.17 -14.99
C ASP A 66 -28.84 -13.49 -15.50
N TYR A 67 -29.34 -13.45 -16.74
CA TYR A 67 -29.89 -14.62 -17.40
C TYR A 67 -29.36 -14.71 -18.83
N SER A 68 -29.44 -15.92 -19.39
CA SER A 68 -29.10 -16.15 -20.77
C SER A 68 -29.98 -17.26 -21.29
N ILE A 69 -30.77 -16.97 -22.31
CA ILE A 69 -31.70 -17.94 -22.87
C ILE A 69 -31.04 -18.67 -24.04
N SER A 70 -31.23 -19.98 -24.11
CA SER A 70 -30.66 -20.77 -25.20
C SER A 70 -31.24 -20.27 -26.53
N PRO A 71 -30.47 -20.35 -27.62
CA PRO A 71 -30.96 -19.84 -28.91
C PRO A 71 -32.22 -20.54 -29.43
N ASP A 72 -32.45 -21.79 -29.03
CA ASP A 72 -33.67 -22.50 -29.43
C ASP A 72 -34.87 -22.22 -28.50
N GLY A 73 -34.64 -21.37 -27.50
CA GLY A 73 -35.67 -20.94 -26.55
C GLY A 73 -36.13 -21.98 -25.56
N GLN A 74 -35.39 -23.09 -25.44
CA GLN A 74 -35.83 -24.19 -24.60
C GLN A 74 -35.34 -24.09 -23.15
N PHE A 75 -34.23 -23.37 -22.95
CA PHE A 75 -33.58 -23.30 -21.64
C PHE A 75 -33.15 -21.88 -21.29
N ILE A 76 -33.04 -21.61 -19.99
CA ILE A 76 -32.51 -20.35 -19.50
C ILE A 76 -31.40 -20.60 -18.46
N LEU A 77 -30.26 -19.98 -18.69
CA LEU A 77 -29.13 -20.02 -17.77
C LEU A 77 -29.26 -18.91 -16.73
N LEU A 78 -29.29 -19.29 -15.46
CA LEU A 78 -29.43 -18.33 -14.38
C LEU A 78 -28.08 -18.11 -13.70
N GLU A 79 -27.64 -16.86 -13.71
CA GLU A 79 -26.35 -16.48 -13.15
C GLU A 79 -26.54 -15.85 -11.77
N TYR A 80 -25.84 -16.38 -10.77
CA TYR A 80 -25.88 -15.84 -9.41
C TYR A 80 -24.53 -16.02 -8.72
N ASN A 81 -24.42 -15.54 -7.48
CA ASN A 81 -23.15 -15.51 -6.75
C ASN A 81 -22.02 -14.87 -7.58
N TYR A 82 -22.37 -13.79 -8.29
CA TYR A 82 -21.43 -13.03 -9.13
C TYR A 82 -20.33 -12.40 -8.27
N VAL A 83 -19.08 -12.68 -8.64
CA VAL A 83 -17.90 -12.10 -7.98
C VAL A 83 -16.99 -11.53 -9.08
N LYS A 84 -16.90 -10.20 -9.14
CA LYS A 84 -16.13 -9.51 -10.18
C LYS A 84 -14.66 -9.85 -10.09
N GLN A 85 -14.02 -10.03 -11.24
CA GLN A 85 -12.56 -10.08 -11.29
C GLN A 85 -12.00 -8.76 -11.90
N TRP A 86 -11.56 -8.80 -13.16
CA TRP A 86 -10.97 -7.59 -13.76
C TRP A 86 -12.05 -6.77 -14.50
N ARG A 87 -11.72 -6.14 -15.62
CA ARG A 87 -12.70 -5.30 -16.33
C ARG A 87 -13.89 -6.09 -16.89
N HIS A 88 -13.64 -7.30 -17.39
CA HIS A 88 -14.68 -8.13 -17.99
C HIS A 88 -14.88 -9.46 -17.27
N SER A 89 -13.81 -9.98 -16.67
CA SER A 89 -13.85 -11.30 -16.05
C SER A 89 -14.60 -11.29 -14.72
N TYR A 90 -15.21 -12.43 -14.39
CA TYR A 90 -15.84 -12.67 -13.10
C TYR A 90 -16.05 -14.17 -12.92
N THR A 91 -16.38 -14.61 -11.70
CA THR A 91 -16.89 -15.98 -11.52
C THR A 91 -18.34 -15.92 -11.02
N ALA A 92 -19.06 -17.02 -11.22
CA ALA A 92 -20.45 -17.12 -10.79
C ALA A 92 -20.86 -18.58 -10.64
N SER A 93 -22.00 -18.79 -9.98
CA SER A 93 -22.70 -20.06 -10.00
C SER A 93 -23.77 -19.99 -11.08
N TYR A 94 -24.18 -21.15 -11.56
CA TYR A 94 -25.16 -21.25 -12.65
C TYR A 94 -26.13 -22.38 -12.41
N ASP A 95 -27.40 -22.09 -12.67
CA ASP A 95 -28.43 -23.11 -12.75
C ASP A 95 -29.11 -23.01 -14.10
N ILE A 96 -29.58 -24.14 -14.61
CA ILE A 96 -30.34 -24.16 -15.86
C ILE A 96 -31.78 -24.51 -15.54
N TYR A 97 -32.70 -23.79 -16.16
CA TYR A 97 -34.14 -23.95 -15.96
C TYR A 97 -34.77 -24.35 -17.28
N ASP A 98 -35.48 -25.48 -17.29
CA ASP A 98 -36.20 -25.95 -18.47
C ASP A 98 -37.51 -25.17 -18.59
N LEU A 99 -37.66 -24.44 -19.69
CA LEU A 99 -38.82 -23.57 -19.89
C LEU A 99 -40.07 -24.32 -20.31
N ASN A 100 -39.91 -25.32 -21.17
CA ASN A 100 -41.05 -26.09 -21.68
C ASN A 100 -41.71 -27.02 -20.65
N LYS A 101 -40.96 -27.41 -19.61
CA LYS A 101 -41.51 -28.21 -18.52
C LYS A 101 -41.54 -27.48 -17.16
N ARG A 102 -41.16 -26.20 -17.16
CA ARG A 102 -41.25 -25.32 -15.98
C ARG A 102 -40.50 -25.85 -14.75
N GLN A 103 -39.29 -26.33 -14.96
CA GLN A 103 -38.50 -27.01 -13.93
C GLN A 103 -37.05 -26.53 -13.92
N LEU A 104 -36.49 -26.35 -12.72
CA LEU A 104 -35.03 -26.21 -12.59
C LEU A 104 -34.39 -27.58 -12.81
N ILE A 105 -33.13 -27.56 -13.27
CA ILE A 105 -32.40 -28.80 -13.46
C ILE A 105 -31.46 -28.99 -12.27
N THR A 106 -31.59 -30.13 -11.60
CA THR A 106 -30.80 -30.42 -10.40
C THR A 106 -29.73 -31.47 -10.69
N GLU A 107 -29.73 -31.99 -11.91
CA GLU A 107 -28.83 -33.06 -12.33
C GLU A 107 -27.60 -32.49 -13.03
N GLU A 108 -26.40 -32.97 -12.67
CA GLU A 108 -25.15 -32.63 -13.36
C GLU A 108 -24.98 -31.11 -13.55
N ARG A 109 -25.10 -30.38 -12.46
CA ARG A 109 -25.10 -28.92 -12.49
C ARG A 109 -23.74 -28.36 -12.88
N ILE A 110 -23.74 -27.23 -13.59
CA ILE A 110 -22.52 -26.43 -13.79
C ILE A 110 -21.91 -26.15 -12.41
N PRO A 111 -20.59 -26.41 -12.25
CA PRO A 111 -19.94 -26.22 -10.94
C PRO A 111 -19.97 -24.77 -10.43
N ASN A 112 -19.86 -24.59 -9.12
CA ASN A 112 -19.61 -23.27 -8.54
C ASN A 112 -18.23 -22.80 -8.99
N ASN A 113 -18.02 -21.48 -8.98
CA ASN A 113 -16.74 -20.87 -9.39
C ASN A 113 -16.39 -21.10 -10.87
N THR A 114 -17.44 -21.23 -11.68
CA THR A 114 -17.27 -21.32 -13.13
C THR A 114 -16.87 -19.95 -13.67
N GLN A 115 -15.87 -19.96 -14.54
CA GLN A 115 -15.21 -18.76 -15.04
C GLN A 115 -15.91 -18.18 -16.27
N TRP A 116 -16.48 -19.04 -17.11
CA TRP A 116 -17.18 -18.61 -18.30
C TRP A 116 -18.14 -19.69 -18.77
N VAL A 117 -19.29 -19.27 -19.28
CA VAL A 117 -20.22 -20.19 -19.91
C VAL A 117 -20.88 -19.52 -21.10
N THR A 118 -21.04 -20.28 -22.20
CA THR A 118 -21.80 -19.81 -23.34
C THR A 118 -22.60 -20.93 -24.00
N TRP A 119 -23.83 -20.61 -24.37
CA TRP A 119 -24.60 -21.47 -25.26
C TRP A 119 -23.89 -21.56 -26.60
N SER A 120 -24.11 -22.67 -27.33
CA SER A 120 -23.83 -22.71 -28.77
C SER A 120 -24.75 -21.69 -29.48
N PRO A 121 -24.42 -21.31 -30.74
CA PRO A 121 -25.20 -20.27 -31.44
C PRO A 121 -26.54 -20.78 -31.99
N VAL A 122 -26.67 -22.10 -32.09
CA VAL A 122 -27.91 -22.76 -32.47
C VAL A 122 -28.14 -23.85 -31.43
N GLY A 123 -29.40 -24.03 -31.04
CA GLY A 123 -29.79 -25.12 -30.13
C GLY A 123 -29.53 -24.81 -28.67
N HIS A 124 -28.87 -25.75 -27.97
CA HIS A 124 -28.69 -25.64 -26.53
C HIS A 124 -27.50 -26.42 -25.95
N LYS A 125 -26.45 -26.58 -26.76
CA LYS A 125 -25.15 -27.06 -26.22
C LYS A 125 -24.58 -25.99 -25.32
N LEU A 126 -23.74 -26.40 -24.37
CA LEU A 126 -23.08 -25.47 -23.47
C LEU A 126 -21.58 -25.74 -23.47
N ALA A 127 -20.79 -24.68 -23.47
CA ALA A 127 -19.37 -24.80 -23.17
C ALA A 127 -19.07 -23.92 -21.98
N TYR A 128 -18.28 -24.43 -21.03
CA TYR A 128 -17.90 -23.62 -19.90
C TYR A 128 -16.45 -23.85 -19.50
N VAL A 129 -15.90 -22.88 -18.78
CA VAL A 129 -14.52 -22.98 -18.30
C VAL A 129 -14.55 -23.02 -16.77
N TRP A 130 -13.87 -24.02 -16.20
CA TRP A 130 -13.84 -24.24 -14.75
C TRP A 130 -12.44 -24.72 -14.36
N ASN A 131 -11.85 -24.08 -13.37
CA ASN A 131 -10.43 -24.30 -13.04
C ASN A 131 -9.51 -24.32 -14.28
N ASN A 132 -9.73 -23.37 -15.19
CA ASN A 132 -8.86 -23.11 -16.35
C ASN A 132 -8.95 -24.15 -17.48
N ASP A 133 -9.90 -25.10 -17.36
CA ASP A 133 -10.14 -26.10 -18.39
C ASP A 133 -11.55 -25.98 -18.98
N ILE A 134 -11.67 -26.37 -20.25
CA ILE A 134 -12.93 -26.32 -21.00
C ILE A 134 -13.73 -27.61 -20.88
N TYR A 135 -15.05 -27.44 -20.69
CA TYR A 135 -15.99 -28.56 -20.62
C TYR A 135 -17.16 -28.28 -21.57
N VAL A 136 -17.73 -29.33 -22.14
CA VAL A 136 -18.90 -29.22 -23.02
C VAL A 136 -20.02 -30.14 -22.54
N LYS A 137 -21.24 -29.59 -22.45
CA LYS A 137 -22.45 -30.38 -22.25
C LYS A 137 -23.28 -30.35 -23.52
N ILE A 138 -23.59 -31.53 -24.04
CA ILE A 138 -24.44 -31.65 -25.22
C ILE A 138 -25.90 -31.38 -24.80
N GLU A 139 -26.26 -31.85 -23.61
CA GLU A 139 -27.59 -31.65 -23.03
C GLU A 139 -27.45 -31.11 -21.63
N PRO A 140 -28.30 -30.14 -21.26
CA PRO A 140 -28.18 -29.43 -19.98
C PRO A 140 -28.21 -30.33 -18.73
N ASN A 141 -28.91 -31.47 -18.81
CA ASN A 141 -29.01 -32.37 -17.65
C ASN A 141 -28.01 -33.53 -17.66
N LEU A 142 -27.17 -33.61 -18.69
CA LEU A 142 -26.26 -34.75 -18.85
C LEU A 142 -24.82 -34.41 -18.46
N PRO A 143 -24.01 -35.44 -18.12
CA PRO A 143 -22.61 -35.17 -17.74
C PRO A 143 -21.86 -34.33 -18.78
N SER A 144 -20.93 -33.50 -18.31
CA SER A 144 -20.05 -32.77 -19.20
C SER A 144 -18.92 -33.63 -19.74
N TYR A 145 -18.42 -33.27 -20.92
CA TYR A 145 -17.19 -33.85 -21.46
C TYR A 145 -16.05 -32.87 -21.23
N ARG A 146 -14.97 -33.34 -20.61
CA ARG A 146 -13.78 -32.50 -20.46
C ARG A 146 -13.07 -32.41 -21.79
N ILE A 147 -12.65 -31.20 -22.15
CA ILE A 147 -11.96 -30.94 -23.43
C ILE A 147 -10.44 -30.76 -23.22
N THR A 148 -10.06 -30.16 -22.11
CA THR A 148 -8.63 -29.91 -21.84
C THR A 148 -8.25 -30.37 -20.43
N TRP A 149 -6.99 -30.79 -20.25
CA TRP A 149 -6.48 -31.28 -18.97
C TRP A 149 -5.30 -30.45 -18.45
N THR A 150 -4.90 -29.43 -19.21
CA THR A 150 -3.67 -28.68 -18.91
C THR A 150 -3.87 -27.43 -18.06
N GLY A 151 -5.12 -27.09 -17.77
CA GLY A 151 -5.44 -25.89 -16.97
C GLY A 151 -4.68 -25.87 -15.66
N LYS A 152 -4.09 -24.72 -15.33
CA LYS A 152 -3.29 -24.56 -14.12
C LYS A 152 -3.40 -23.10 -13.69
N GLU A 153 -3.88 -22.88 -12.46
CA GLU A 153 -4.11 -21.53 -11.95
C GLU A 153 -2.89 -20.65 -12.16
N ASP A 154 -3.11 -19.45 -12.72
CA ASP A 154 -2.06 -18.47 -13.02
C ASP A 154 -1.02 -18.92 -14.03
N ILE A 155 -1.24 -20.08 -14.66
CA ILE A 155 -0.20 -20.60 -15.53
C ILE A 155 -0.71 -20.93 -16.93
N ILE A 156 -1.66 -21.87 -17.01
CA ILE A 156 -2.24 -22.27 -18.30
C ILE A 156 -3.72 -21.94 -18.31
N TYR A 157 -4.15 -21.17 -19.31
CA TYR A 157 -5.54 -20.73 -19.42
C TYR A 157 -6.12 -21.33 -20.71
N ASN A 158 -7.13 -22.20 -20.58
CA ASN A 158 -7.81 -22.76 -21.75
C ASN A 158 -9.19 -22.15 -21.89
N GLY A 159 -9.43 -21.49 -23.02
CA GLY A 159 -10.75 -20.95 -23.34
C GLY A 159 -11.14 -19.68 -22.59
N ILE A 160 -10.20 -19.14 -21.82
CA ILE A 160 -10.28 -17.82 -21.19
C ILE A 160 -8.94 -17.11 -21.36
N THR A 161 -8.97 -15.78 -21.29
CA THR A 161 -7.78 -14.95 -21.43
C THR A 161 -7.05 -14.80 -20.09
N ASP A 162 -5.75 -14.51 -20.15
CA ASP A 162 -5.00 -14.04 -18.99
C ASP A 162 -5.24 -12.52 -18.87
N TRP A 163 -4.59 -11.87 -17.91
CA TRP A 163 -4.88 -10.46 -17.61
C TRP A 163 -4.74 -9.56 -18.85
N VAL A 164 -3.59 -9.69 -19.53
CA VAL A 164 -3.26 -8.76 -20.60
C VAL A 164 -4.10 -9.00 -21.87
N TYR A 165 -4.38 -10.26 -22.21
CA TYR A 165 -5.29 -10.51 -23.35
C TYR A 165 -6.71 -10.00 -23.08
N GLU A 166 -7.18 -10.14 -21.84
CA GLU A 166 -8.51 -9.64 -21.45
C GLU A 166 -8.59 -8.12 -21.63
N GLU A 167 -7.61 -7.43 -21.06
CA GLU A 167 -7.64 -5.95 -21.05
C GLU A 167 -7.26 -5.31 -22.39
N GLU A 168 -6.23 -5.84 -23.05
CA GLU A 168 -5.61 -5.12 -24.18
C GLU A 168 -5.80 -5.72 -25.56
N VAL A 169 -6.23 -6.98 -25.64
CA VAL A 169 -6.34 -7.65 -26.94
C VAL A 169 -7.80 -7.93 -27.29
N PHE A 170 -8.49 -8.74 -26.48
CA PHE A 170 -9.86 -9.15 -26.77
C PHE A 170 -10.97 -8.30 -26.16
N SER A 171 -10.65 -7.43 -25.20
CA SER A 171 -11.67 -6.71 -24.41
C SER A 171 -12.80 -7.65 -23.97
N ALA A 172 -12.40 -8.82 -23.51
CA ALA A 172 -13.32 -9.90 -23.15
C ALA A 172 -12.52 -10.96 -22.42
N TYR A 173 -13.20 -11.71 -21.56
CA TYR A 173 -12.61 -12.80 -20.80
C TYR A 173 -12.65 -14.11 -21.60
N SER A 174 -13.69 -14.29 -22.41
CA SER A 174 -13.84 -15.53 -23.17
CA SER A 174 -13.86 -15.52 -23.20
C SER A 174 -12.79 -15.65 -24.27
N ALA A 175 -12.52 -16.90 -24.62
CA ALA A 175 -11.56 -17.28 -25.65
C ALA A 175 -12.09 -18.55 -26.32
N LEU A 176 -13.42 -18.66 -26.36
CA LEU A 176 -14.11 -19.79 -26.96
C LEU A 176 -14.96 -19.27 -28.11
N TRP A 177 -14.86 -19.92 -29.25
CA TRP A 177 -15.61 -19.49 -30.43
C TRP A 177 -16.36 -20.63 -31.11
N TRP A 178 -17.64 -20.79 -30.80
CA TRP A 178 -18.43 -21.84 -31.46
C TRP A 178 -18.52 -21.55 -32.95
N SER A 179 -18.49 -22.59 -33.77
CA SER A 179 -18.80 -22.45 -35.19
C SER A 179 -20.28 -22.06 -35.34
N PRO A 180 -20.68 -21.51 -36.52
CA PRO A 180 -22.04 -20.97 -36.65
C PRO A 180 -23.19 -21.93 -36.29
N ASN A 181 -23.07 -23.20 -36.65
CA ASN A 181 -24.13 -24.17 -36.29
C ASN A 181 -23.79 -25.04 -35.06
N GLY A 182 -22.65 -24.77 -34.44
CA GLY A 182 -22.27 -25.43 -33.19
C GLY A 182 -21.54 -26.76 -33.32
N THR A 183 -21.18 -27.16 -34.54
CA THR A 183 -20.43 -28.40 -34.72
C THR A 183 -19.06 -28.34 -34.04
N PHE A 184 -18.32 -27.28 -34.32
CA PHE A 184 -16.95 -27.11 -33.82
C PHE A 184 -16.90 -26.11 -32.67
N LEU A 185 -15.97 -26.35 -31.76
CA LEU A 185 -15.61 -25.36 -30.74
C LEU A 185 -14.14 -24.99 -30.87
N ALA A 186 -13.90 -23.72 -31.21
CA ALA A 186 -12.55 -23.19 -31.30
C ALA A 186 -12.20 -22.53 -29.98
N TYR A 187 -10.92 -22.57 -29.63
CA TYR A 187 -10.47 -21.96 -28.38
C TYR A 187 -8.98 -21.64 -28.43
N ALA A 188 -8.58 -20.62 -27.67
CA ALA A 188 -7.18 -20.30 -27.49
C ALA A 188 -6.69 -20.85 -26.15
N GLN A 189 -5.40 -21.15 -26.08
CA GLN A 189 -4.73 -21.51 -24.84
C GLN A 189 -3.55 -20.59 -24.59
N PHE A 190 -3.52 -19.98 -23.40
CA PHE A 190 -2.46 -19.04 -23.04
C PHE A 190 -1.55 -19.64 -21.99
N ASN A 191 -0.26 -19.46 -22.18
CA ASN A 191 0.73 -20.02 -21.30
C ASN A 191 1.51 -18.86 -20.65
N ASP A 192 1.29 -18.67 -19.36
CA ASP A 192 1.93 -17.57 -18.62
C ASP A 192 3.05 -18.04 -17.71
N THR A 193 3.59 -19.24 -17.97
CA THR A 193 4.64 -19.85 -17.13
C THR A 193 5.75 -18.88 -16.68
N GLU A 194 6.31 -18.14 -17.64
CA GLU A 194 7.44 -17.26 -17.36
C GLU A 194 7.09 -15.76 -17.32
N VAL A 195 5.79 -15.46 -17.31
CA VAL A 195 5.35 -14.07 -17.16
C VAL A 195 5.45 -13.68 -15.69
N PRO A 196 6.15 -12.56 -15.38
CA PRO A 196 6.28 -12.18 -13.95
C PRO A 196 4.96 -11.74 -13.34
N LEU A 197 4.88 -11.80 -12.01
CA LEU A 197 3.66 -11.47 -11.28
C LEU A 197 3.72 -10.06 -10.71
N ILE A 198 2.64 -9.30 -10.87
CA ILE A 198 2.45 -8.10 -10.05
C ILE A 198 1.84 -8.61 -8.74
N GLU A 199 2.35 -8.08 -7.62
CA GLU A 199 1.90 -8.46 -6.29
C GLU A 199 1.52 -7.20 -5.53
N TYR A 200 0.35 -7.23 -4.90
CA TYR A 200 -0.10 -6.13 -4.04
C TYR A 200 -1.00 -6.64 -2.90
N SER A 201 -1.06 -5.88 -1.81
CA SER A 201 -1.83 -6.26 -0.63
C SER A 201 -3.30 -5.96 -0.86
N PHE A 202 -4.16 -6.84 -0.36
CA PHE A 202 -5.59 -6.59 -0.32
C PHE A 202 -6.04 -6.75 1.14
N TYR A 203 -6.63 -5.69 1.69
CA TYR A 203 -6.87 -5.62 3.13
C TYR A 203 -8.16 -6.31 3.55
N SER A 204 -9.17 -6.26 2.68
CA SER A 204 -10.49 -6.87 2.89
C SER A 204 -11.25 -6.20 4.05
N ASP A 205 -12.29 -6.87 4.54
CA ASP A 205 -13.05 -6.37 5.68
C ASP A 205 -12.15 -6.29 6.90
N GLU A 206 -12.54 -5.44 7.84
CA GLU A 206 -11.81 -5.23 9.08
C GLU A 206 -11.53 -6.54 9.84
N SER A 207 -12.45 -7.52 9.72
CA SER A 207 -12.29 -8.82 10.39
C SER A 207 -11.05 -9.63 9.97
N LEU A 208 -10.51 -9.37 8.78
CA LEU A 208 -9.37 -10.13 8.28
C LEU A 208 -8.09 -9.70 9.00
N GLN A 209 -7.53 -10.63 9.77
CA GLN A 209 -6.37 -10.32 10.62
C GLN A 209 -5.07 -10.03 9.84
N TYR A 210 -4.79 -10.83 8.82
CA TYR A 210 -3.62 -10.62 7.96
C TYR A 210 -4.05 -10.27 6.54
N PRO A 211 -3.50 -9.17 5.97
CA PRO A 211 -3.80 -8.86 4.58
C PRO A 211 -3.43 -9.98 3.62
N LYS A 212 -4.19 -10.07 2.53
CA LYS A 212 -3.97 -11.03 1.46
C LYS A 212 -2.98 -10.41 0.46
N THR A 213 -2.09 -11.21 -0.11
CA THR A 213 -1.33 -10.73 -1.25
C THR A 213 -1.97 -11.26 -2.52
N VAL A 214 -2.40 -10.34 -3.38
CA VAL A 214 -2.92 -10.70 -4.71
C VAL A 214 -1.73 -10.81 -5.67
N ARG A 215 -1.70 -11.88 -6.45
CA ARG A 215 -0.59 -12.14 -7.37
C ARG A 215 -1.17 -12.45 -8.76
N VAL A 216 -0.77 -11.65 -9.75
CA VAL A 216 -1.37 -11.74 -11.09
C VAL A 216 -0.27 -11.75 -12.16
N PRO A 217 -0.25 -12.77 -13.06
CA PRO A 217 0.68 -12.69 -14.19
C PRO A 217 0.36 -11.49 -15.08
N TYR A 218 1.34 -10.61 -15.24
CA TYR A 218 1.17 -9.31 -15.86
C TYR A 218 2.51 -8.93 -16.47
N PRO A 219 2.62 -8.95 -17.81
CA PRO A 219 3.87 -8.52 -18.44
C PRO A 219 3.93 -7.00 -18.53
N LYS A 220 4.90 -6.42 -17.84
CA LYS A 220 5.21 -4.99 -18.01
C LYS A 220 6.04 -4.79 -19.29
N ALA A 221 6.24 -3.54 -19.69
CA ALA A 221 6.90 -3.26 -20.99
C ALA A 221 8.26 -3.95 -21.10
N GLY A 222 8.47 -4.68 -22.19
CA GLY A 222 9.73 -5.38 -22.40
C GLY A 222 9.89 -6.73 -21.70
N ALA A 223 8.93 -7.10 -20.85
CA ALA A 223 9.03 -8.34 -20.08
C ALA A 223 8.61 -9.57 -20.90
N VAL A 224 8.82 -10.77 -20.35
CA VAL A 224 8.34 -11.99 -20.99
C VAL A 224 6.80 -11.99 -21.10
N ASN A 225 6.30 -12.20 -22.33
CA ASN A 225 4.86 -12.20 -22.62
C ASN A 225 4.32 -13.62 -22.50
N PRO A 226 2.99 -13.77 -22.36
CA PRO A 226 2.35 -15.07 -22.51
C PRO A 226 2.55 -15.57 -23.93
N THR A 227 2.58 -16.87 -24.11
CA THR A 227 2.53 -17.48 -25.43
C THR A 227 1.12 -18.00 -25.69
N VAL A 228 0.78 -18.25 -26.95
CA VAL A 228 -0.57 -18.62 -27.31
C VAL A 228 -0.59 -19.78 -28.31
N LYS A 229 -1.59 -20.66 -28.18
CA LYS A 229 -1.87 -21.68 -29.17
C LYS A 229 -3.35 -21.64 -29.47
N PHE A 230 -3.72 -22.13 -30.65
CA PHE A 230 -5.11 -22.16 -31.10
C PHE A 230 -5.55 -23.57 -31.50
N PHE A 231 -6.75 -23.96 -31.08
CA PHE A 231 -7.26 -25.31 -31.31
C PHE A 231 -8.71 -25.29 -31.76
N VAL A 232 -9.14 -26.37 -32.42
CA VAL A 232 -10.54 -26.57 -32.80
C VAL A 232 -10.90 -28.03 -32.56
N VAL A 233 -12.00 -28.25 -31.84
CA VAL A 233 -12.48 -29.61 -31.53
C VAL A 233 -13.87 -29.82 -32.16
N ASN A 234 -14.14 -31.05 -32.61
CA ASN A 234 -15.45 -31.37 -33.17
C ASN A 234 -16.35 -31.91 -32.06
N THR A 235 -17.29 -31.09 -31.60
CA THR A 235 -18.15 -31.49 -30.46
C THR A 235 -19.13 -32.62 -30.78
N ASP A 236 -19.43 -32.83 -32.07
CA ASP A 236 -20.27 -33.95 -32.49
C ASP A 236 -19.62 -35.33 -32.30
N SER A 237 -18.31 -35.36 -32.12
CA SER A 237 -17.60 -36.63 -31.90
C SER A 237 -17.57 -37.05 -30.42
N LEU A 238 -17.94 -36.12 -29.54
CA LEU A 238 -17.76 -36.26 -28.10
C LEU A 238 -18.41 -37.47 -27.45
N SER A 239 -19.59 -37.84 -27.93
CA SER A 239 -20.36 -38.91 -27.29
C SER A 239 -19.97 -40.28 -27.84
N SER A 240 -19.13 -40.28 -28.87
CA SER A 240 -18.71 -41.48 -29.59
C SER A 240 -17.29 -41.92 -29.25
N VAL A 241 -16.51 -40.98 -28.73
CA VAL A 241 -15.14 -41.23 -28.35
C VAL A 241 -14.98 -40.80 -26.88
N THR A 242 -14.10 -41.46 -26.16
CA THR A 242 -13.91 -41.13 -24.75
C THR A 242 -13.21 -39.75 -24.63
N ASN A 243 -12.29 -39.48 -25.53
CA ASN A 243 -11.47 -38.26 -25.46
C ASN A 243 -11.31 -37.64 -26.85
N ALA A 244 -12.09 -36.60 -27.14
CA ALA A 244 -12.09 -35.97 -28.48
C ALA A 244 -10.77 -35.23 -28.77
N THR A 245 -10.35 -35.24 -30.03
CA THR A 245 -9.07 -34.66 -30.41
C THR A 245 -9.23 -33.19 -30.74
N SER A 246 -8.48 -32.35 -30.03
CA SER A 246 -8.35 -30.93 -30.33
C SER A 246 -7.27 -30.75 -31.39
N ILE A 247 -7.66 -30.18 -32.52
CA ILE A 247 -6.76 -30.00 -33.67
C ILE A 247 -6.14 -28.60 -33.60
N GLN A 248 -4.82 -28.53 -33.55
CA GLN A 248 -4.14 -27.24 -33.48
C GLN A 248 -4.01 -26.58 -34.86
N ILE A 249 -4.23 -25.27 -34.92
CA ILE A 249 -3.89 -24.48 -36.09
C ILE A 249 -2.71 -23.60 -35.69
N THR A 250 -1.57 -23.80 -36.35
CA THR A 250 -0.35 -23.07 -36.00
C THR A 250 -0.32 -21.70 -36.68
N ALA A 251 0.31 -20.73 -36.01
CA ALA A 251 0.53 -19.41 -36.58
C ALA A 251 1.46 -19.48 -37.79
N PRO A 252 1.41 -18.47 -38.68
CA PRO A 252 2.27 -18.49 -39.88
C PRO A 252 3.73 -18.34 -39.51
N ALA A 253 4.60 -18.82 -40.38
CA ALA A 253 6.05 -18.73 -40.17
C ALA A 253 6.49 -17.30 -39.88
N SER A 254 5.86 -16.32 -40.54
CA SER A 254 6.19 -14.91 -40.37
C SER A 254 5.87 -14.41 -38.96
N MET A 255 5.02 -15.16 -38.24
CA MET A 255 4.75 -14.88 -36.83
C MET A 255 5.64 -15.68 -35.87
N LEU A 256 5.83 -16.97 -36.17
CA LEU A 256 6.59 -17.89 -35.31
C LEU A 256 8.07 -17.51 -35.14
N ILE A 257 8.59 -16.67 -36.03
CA ILE A 257 9.99 -16.20 -35.95
C ILE A 257 10.32 -15.39 -34.68
N GLY A 258 9.30 -14.88 -34.01
CA GLY A 258 9.51 -14.14 -32.76
C GLY A 258 8.23 -14.03 -31.95
N ASP A 259 8.20 -13.11 -30.98
CA ASP A 259 7.03 -12.95 -30.12
C ASP A 259 5.87 -12.40 -30.96
N HIS A 260 4.68 -12.90 -30.67
CA HIS A 260 3.47 -12.54 -31.42
C HIS A 260 2.22 -12.68 -30.55
N TYR A 261 1.08 -12.29 -31.11
CA TYR A 261 -0.21 -12.35 -30.45
C TYR A 261 -1.25 -12.92 -31.39
N LEU A 262 -2.24 -13.61 -30.84
CA LEU A 262 -3.48 -13.88 -31.58
C LEU A 262 -4.44 -12.72 -31.31
N CYS A 263 -4.93 -12.07 -32.36
CA CYS A 263 -5.68 -10.82 -32.14
C CYS A 263 -7.13 -10.81 -32.65
N ASP A 264 -7.49 -11.79 -33.47
CA ASP A 264 -8.89 -11.93 -33.93
C ASP A 264 -9.20 -13.36 -34.33
N VAL A 265 -10.41 -13.78 -34.01
CA VAL A 265 -10.94 -15.08 -34.40
C VAL A 265 -12.35 -14.83 -34.93
N THR A 266 -12.60 -15.17 -36.19
CA THR A 266 -13.91 -14.96 -36.83
C THR A 266 -14.28 -16.16 -37.69
N TRP A 267 -15.38 -16.83 -37.36
CA TRP A 267 -15.91 -17.90 -38.22
C TRP A 267 -16.53 -17.30 -39.48
N ALA A 268 -16.18 -17.85 -40.64
CA ALA A 268 -16.68 -17.38 -41.94
C ALA A 268 -17.84 -18.24 -42.46
N THR A 269 -17.71 -19.56 -42.31
CA THR A 269 -18.76 -20.53 -42.67
C THR A 269 -18.75 -21.67 -41.65
N GLN A 270 -19.51 -22.74 -41.92
CA GLN A 270 -19.50 -23.91 -41.04
C GLN A 270 -18.14 -24.59 -40.98
N GLU A 271 -17.31 -24.35 -42.00
CA GLU A 271 -16.07 -25.09 -42.19
C GLU A 271 -14.89 -24.19 -42.53
N ARG A 272 -15.03 -22.90 -42.26
CA ARG A 272 -13.97 -21.93 -42.56
C ARG A 272 -13.84 -20.90 -41.44
N ILE A 273 -12.63 -20.78 -40.90
CA ILE A 273 -12.34 -19.86 -39.80
C ILE A 273 -11.19 -18.91 -40.15
N SER A 274 -11.32 -17.64 -39.82
CA SER A 274 -10.21 -16.69 -39.97
C SER A 274 -9.55 -16.33 -38.66
N LEU A 275 -8.23 -16.35 -38.65
CA LEU A 275 -7.42 -15.97 -37.51
C LEU A 275 -6.54 -14.79 -37.92
N GLN A 276 -6.54 -13.73 -37.13
CA GLN A 276 -5.52 -12.68 -37.30
C GLN A 276 -4.45 -12.80 -36.22
N TRP A 277 -3.21 -12.66 -36.64
CA TRP A 277 -2.07 -12.67 -35.74
C TRP A 277 -1.35 -11.34 -35.84
N LEU A 278 -0.67 -10.94 -34.77
CA LEU A 278 0.03 -9.64 -34.72
C LEU A 278 1.43 -9.83 -34.12
N ARG A 279 2.46 -9.28 -34.75
CA ARG A 279 3.81 -9.35 -34.19
C ARG A 279 3.88 -8.51 -32.92
N ARG A 280 4.79 -8.88 -32.00
CA ARG A 280 4.98 -8.08 -30.79
C ARG A 280 5.33 -6.63 -31.13
N ILE A 281 6.08 -6.44 -32.22
CA ILE A 281 6.24 -5.11 -32.81
C ILE A 281 5.01 -4.96 -33.71
N GLN A 282 4.06 -4.17 -33.24
CA GLN A 282 2.68 -4.22 -33.71
C GLN A 282 2.40 -3.43 -34.98
N ASN A 283 3.35 -3.44 -35.90
CA ASN A 283 3.14 -2.81 -37.20
C ASN A 283 3.06 -3.82 -38.33
N TYR A 284 2.81 -5.09 -37.99
CA TYR A 284 2.74 -6.14 -38.99
C TYR A 284 1.75 -7.19 -38.51
N SER A 285 0.73 -7.47 -39.31
CA SER A 285 -0.30 -8.44 -38.93
C SER A 285 -0.63 -9.34 -40.12
N VAL A 286 -1.05 -10.58 -39.82
CA VAL A 286 -1.33 -11.58 -40.84
C VAL A 286 -2.66 -12.25 -40.54
N MET A 287 -3.54 -12.25 -41.54
CA MET A 287 -4.81 -13.00 -41.47
C MET A 287 -4.71 -14.32 -42.22
N ASP A 288 -4.93 -15.43 -41.53
CA ASP A 288 -5.04 -16.73 -42.19
C ASP A 288 -6.52 -17.07 -42.35
N ILE A 289 -6.85 -17.74 -43.45
CA ILE A 289 -8.19 -18.23 -43.68
C ILE A 289 -8.12 -19.75 -43.87
N CYS A 290 -8.68 -20.47 -42.90
CA CYS A 290 -8.43 -21.91 -42.77
C CYS A 290 -9.70 -22.74 -42.98
N ASP A 291 -9.58 -23.77 -43.82
CA ASP A 291 -10.71 -24.63 -44.16
C ASP A 291 -10.52 -26.02 -43.57
N TYR A 292 -11.63 -26.62 -43.13
CA TYR A 292 -11.63 -28.00 -42.64
C TYR A 292 -11.46 -28.96 -43.81
N ASP A 293 -10.58 -29.94 -43.65
CA ASP A 293 -10.33 -30.95 -44.66
C ASP A 293 -10.86 -32.30 -44.16
N GLU A 294 -12.02 -32.69 -44.69
CA GLU A 294 -12.76 -33.89 -44.27
C GLU A 294 -11.94 -35.19 -44.27
N SER A 295 -11.12 -35.40 -45.28
CA SER A 295 -10.36 -36.64 -45.40
C SER A 295 -9.19 -36.71 -44.42
N SER A 296 -8.58 -35.57 -44.13
CA SER A 296 -7.42 -35.53 -43.23
C SER A 296 -7.80 -35.19 -41.79
N GLY A 297 -9.01 -34.65 -41.60
CA GLY A 297 -9.46 -34.21 -40.28
C GLY A 297 -8.74 -32.98 -39.76
N ARG A 298 -7.87 -32.39 -40.58
CA ARG A 298 -7.04 -31.23 -40.23
C ARG A 298 -7.66 -29.93 -40.72
N TRP A 299 -7.11 -28.82 -40.24
CA TRP A 299 -7.46 -27.48 -40.72
C TRP A 299 -6.26 -26.93 -41.49
N ASN A 300 -6.47 -26.55 -42.75
CA ASN A 300 -5.40 -26.01 -43.60
C ASN A 300 -5.69 -24.59 -44.06
N CYS A 301 -4.66 -23.75 -43.99
CA CYS A 301 -4.78 -22.34 -44.34
C CYS A 301 -3.92 -22.03 -45.58
N LEU A 302 -4.56 -21.95 -46.75
CA LEU A 302 -3.86 -21.69 -48.02
C LEU A 302 -3.16 -20.34 -48.00
N VAL A 303 -1.89 -20.31 -48.43
CA VAL A 303 -1.13 -19.05 -48.49
C VAL A 303 -1.75 -18.05 -49.47
N ALA A 304 -2.41 -18.56 -50.51
CA ALA A 304 -3.12 -17.68 -51.46
C ALA A 304 -4.27 -16.92 -50.81
N ARG A 305 -4.66 -17.34 -49.60
CA ARG A 305 -5.75 -16.71 -48.84
C ARG A 305 -5.26 -15.96 -47.59
N GLN A 306 -3.95 -15.75 -47.49
CA GLN A 306 -3.35 -15.09 -46.36
C GLN A 306 -3.26 -13.61 -46.70
N HIS A 307 -3.65 -12.74 -45.77
CA HIS A 307 -3.65 -11.29 -46.01
C HIS A 307 -2.76 -10.57 -44.99
N ILE A 308 -1.86 -9.73 -45.50
CA ILE A 308 -0.91 -9.01 -44.67
C ILE A 308 -1.34 -7.56 -44.55
N GLU A 309 -1.21 -7.02 -43.34
CA GLU A 309 -1.47 -5.62 -43.11
C GLU A 309 -0.26 -5.06 -42.35
N MET A 310 0.27 -3.95 -42.84
CA MET A 310 1.39 -3.29 -42.17
C MET A 310 1.26 -1.77 -42.15
N SER A 311 2.03 -1.13 -41.28
CA SER A 311 1.98 0.33 -41.16
C SER A 311 3.39 0.84 -41.16
N THR A 312 3.65 1.86 -41.96
CA THR A 312 4.97 2.45 -42.02
C THR A 312 5.09 3.64 -41.05
N THR A 313 3.96 4.23 -40.65
CA THR A 313 3.98 5.44 -39.80
C THR A 313 3.62 5.17 -38.32
N GLY A 314 3.10 3.98 -38.05
CA GLY A 314 2.66 3.68 -36.69
C GLY A 314 2.35 2.20 -36.55
N TRP A 315 1.33 1.90 -35.75
CA TRP A 315 0.89 0.54 -35.45
C TRP A 315 -0.26 0.17 -36.40
N VAL A 316 -0.69 -1.10 -36.39
CA VAL A 316 -1.83 -1.55 -37.21
C VAL A 316 -3.14 -1.38 -36.43
N GLY A 317 -4.13 -0.74 -37.07
CA GLY A 317 -5.46 -0.59 -36.48
C GLY A 317 -5.55 0.53 -35.46
N ARG A 318 -6.74 0.80 -34.96
CA ARG A 318 -6.90 1.85 -33.95
C ARG A 318 -6.26 1.38 -32.65
N PHE A 319 -6.70 0.21 -32.16
CA PHE A 319 -6.10 -0.43 -30.99
C PHE A 319 -5.65 -1.87 -31.29
N ARG A 320 -5.98 -2.34 -32.51
CA ARG A 320 -5.64 -3.67 -33.01
C ARG A 320 -6.13 -3.78 -34.44
N PRO A 321 -5.66 -4.80 -35.20
CA PRO A 321 -6.19 -4.95 -36.56
C PRO A 321 -7.72 -5.11 -36.53
N SER A 322 -8.39 -4.55 -37.53
CA SER A 322 -9.85 -4.55 -37.53
C SER A 322 -10.40 -5.94 -37.86
N GLU A 323 -11.66 -6.14 -37.50
CA GLU A 323 -12.32 -7.43 -37.65
C GLU A 323 -12.92 -7.54 -39.06
N PRO A 324 -12.89 -8.74 -39.67
CA PRO A 324 -13.50 -8.90 -40.98
C PRO A 324 -15.00 -9.22 -40.87
N HIS A 325 -15.76 -8.78 -41.87
CA HIS A 325 -17.17 -9.12 -41.96
C HIS A 325 -17.37 -9.89 -43.24
N PHE A 326 -17.60 -11.20 -43.12
CA PHE A 326 -17.69 -12.06 -44.29
C PHE A 326 -19.07 -12.02 -44.92
N THR A 327 -19.10 -12.08 -46.24
CA THR A 327 -20.34 -12.32 -46.97
C THR A 327 -20.85 -13.72 -46.62
N LEU A 328 -22.13 -13.96 -46.89
CA LEU A 328 -22.78 -15.20 -46.48
C LEU A 328 -22.02 -16.45 -46.97
N ASP A 329 -21.61 -16.45 -48.24
CA ASP A 329 -20.90 -17.60 -48.81
C ASP A 329 -19.46 -17.77 -48.29
N GLY A 330 -18.97 -16.77 -47.55
CA GLY A 330 -17.61 -16.79 -46.99
C GLY A 330 -16.45 -16.63 -47.95
N ASN A 331 -16.74 -16.20 -49.18
CA ASN A 331 -15.71 -16.05 -50.22
C ASN A 331 -15.18 -14.62 -50.39
N SER A 332 -15.72 -13.70 -49.59
CA SER A 332 -15.26 -12.32 -49.61
C SER A 332 -15.59 -11.69 -48.27
N PHE A 333 -14.96 -10.55 -47.96
CA PHE A 333 -15.18 -9.89 -46.69
C PHE A 333 -14.90 -8.38 -46.78
N TYR A 334 -15.42 -7.65 -45.80
CA TYR A 334 -15.18 -6.20 -45.68
C TYR A 334 -14.45 -5.96 -44.38
N LYS A 335 -13.59 -4.93 -44.37
CA LYS A 335 -12.71 -4.66 -43.26
C LYS A 335 -12.36 -3.18 -43.33
N ILE A 336 -12.34 -2.51 -42.17
CA ILE A 336 -11.90 -1.11 -42.11
C ILE A 336 -10.37 -1.08 -42.12
N ILE A 337 -9.79 -0.38 -43.09
CA ILE A 337 -8.34 -0.22 -43.10
C ILE A 337 -7.99 1.23 -43.48
N SER A 338 -6.81 1.67 -43.07
CA SER A 338 -6.34 3.02 -43.39
C SER A 338 -5.97 3.14 -44.88
N ASN A 339 -6.54 4.13 -45.55
CA ASN A 339 -6.27 4.33 -46.98
C ASN A 339 -4.95 5.09 -47.22
N GLU A 340 -4.66 5.39 -48.48
CA GLU A 340 -3.38 6.03 -48.83
C GLU A 340 -3.23 7.44 -48.26
N GLU A 341 -4.37 8.08 -47.95
CA GLU A 341 -4.38 9.40 -47.30
C GLU A 341 -4.33 9.28 -45.78
N GLY A 342 -4.38 8.07 -45.27
CA GLY A 342 -4.36 7.84 -43.82
C GLY A 342 -5.70 7.88 -43.13
N TYR A 343 -6.78 7.83 -43.91
CA TYR A 343 -8.15 7.78 -43.37
C TYR A 343 -8.74 6.38 -43.41
N ARG A 344 -9.32 5.99 -42.29
CA ARG A 344 -9.91 4.65 -42.14
C ARG A 344 -11.25 4.50 -42.87
N HIS A 345 -11.26 3.63 -43.88
CA HIS A 345 -12.43 3.41 -44.73
C HIS A 345 -12.67 1.92 -44.97
N ILE A 346 -13.85 1.56 -45.47
CA ILE A 346 -14.20 0.15 -45.69
C ILE A 346 -13.57 -0.36 -46.98
N CYS A 347 -12.84 -1.47 -46.89
CA CYS A 347 -12.22 -2.12 -48.04
C CYS A 347 -12.84 -3.50 -48.26
N TYR A 348 -13.06 -3.87 -49.53
CA TYR A 348 -13.68 -5.14 -49.88
C TYR A 348 -12.66 -6.12 -50.48
N PHE A 349 -12.59 -7.32 -49.91
CA PHE A 349 -11.58 -8.32 -50.29
C PHE A 349 -12.25 -9.57 -50.80
N GLN A 350 -11.67 -10.18 -51.82
CA GLN A 350 -11.97 -11.58 -52.12
C GLN A 350 -10.95 -12.39 -51.31
N ILE A 351 -11.35 -13.55 -50.81
CA ILE A 351 -10.47 -14.30 -49.90
C ILE A 351 -9.13 -14.69 -50.51
N ASP A 352 -9.08 -14.83 -51.84
CA ASP A 352 -7.84 -15.23 -52.50
C ASP A 352 -7.20 -14.17 -53.42
N LYS A 353 -7.54 -12.89 -53.24
CA LYS A 353 -6.84 -11.80 -53.94
C LYS A 353 -6.32 -10.79 -52.92
N LYS A 354 -5.05 -10.40 -53.08
CA LYS A 354 -4.41 -9.58 -52.06
C LYS A 354 -4.77 -8.09 -52.10
N ASP A 355 -5.15 -7.58 -53.27
CA ASP A 355 -5.51 -6.16 -53.38
C ASP A 355 -7.01 -5.98 -53.13
N CYS A 356 -7.36 -5.09 -52.20
CA CYS A 356 -8.76 -4.82 -51.87
C CYS A 356 -9.29 -3.59 -52.62
N THR A 357 -10.61 -3.42 -52.62
CA THR A 357 -11.22 -2.24 -53.20
C THR A 357 -11.87 -1.38 -52.13
N PHE A 358 -11.44 -0.12 -52.00
CA PHE A 358 -12.10 0.77 -51.06
C PHE A 358 -13.49 1.09 -51.58
N ILE A 359 -14.48 1.02 -50.69
CA ILE A 359 -15.86 1.28 -51.08
C ILE A 359 -16.36 2.62 -50.53
N THR A 360 -15.65 3.17 -49.54
CA THR A 360 -15.86 4.55 -49.06
C THR A 360 -14.53 5.30 -49.15
N LYS A 361 -14.59 6.63 -49.18
CA LYS A 361 -13.41 7.49 -49.15
C LYS A 361 -13.81 8.87 -48.70
N GLY A 362 -12.81 9.68 -48.34
CA GLY A 362 -13.03 11.07 -47.96
C GLY A 362 -12.30 11.40 -46.67
N THR A 363 -12.31 12.68 -46.30
CA THR A 363 -11.56 13.16 -45.15
C THR A 363 -12.44 13.09 -43.90
N TRP A 364 -12.73 11.86 -43.52
CA TRP A 364 -13.53 11.50 -42.35
C TRP A 364 -13.30 10.00 -42.21
N GLU A 365 -13.81 9.37 -41.16
CA GLU A 365 -13.55 7.95 -40.97
C GLU A 365 -14.77 7.10 -40.65
N VAL A 366 -14.72 5.85 -41.09
CA VAL A 366 -15.67 4.83 -40.69
C VAL A 366 -15.27 4.35 -39.29
N ILE A 367 -16.24 4.34 -38.37
CA ILE A 367 -16.01 3.98 -36.98
C ILE A 367 -16.19 2.47 -36.82
N GLY A 368 -17.23 1.94 -37.45
CA GLY A 368 -17.49 0.49 -37.38
C GLY A 368 -18.45 0.00 -38.45
N ILE A 369 -18.28 -1.27 -38.84
CA ILE A 369 -19.22 -1.92 -39.73
C ILE A 369 -20.24 -2.63 -38.84
N GLU A 370 -21.53 -2.36 -39.06
CA GLU A 370 -22.54 -2.78 -38.09
C GLU A 370 -23.40 -3.95 -38.55
N ALA A 371 -23.62 -4.05 -39.86
CA ALA A 371 -24.44 -5.13 -40.44
C ALA A 371 -24.14 -5.30 -41.92
N LEU A 372 -24.31 -6.53 -42.38
CA LEU A 372 -24.11 -6.85 -43.79
C LEU A 372 -25.25 -7.71 -44.30
N THR A 373 -25.93 -7.24 -45.34
CA THR A 373 -26.98 -8.02 -45.99
C THR A 373 -26.54 -8.29 -47.44
N SER A 374 -27.35 -9.03 -48.19
CA SER A 374 -27.03 -9.32 -49.58
C SER A 374 -26.96 -8.04 -50.42
N ASP A 375 -27.73 -7.02 -50.03
CA ASP A 375 -27.88 -5.78 -50.81
CA ASP A 375 -27.80 -5.80 -50.84
C ASP A 375 -27.16 -4.55 -50.24
N TYR A 376 -26.99 -4.51 -48.92
CA TYR A 376 -26.47 -3.32 -48.24
C TYR A 376 -25.46 -3.63 -47.14
N LEU A 377 -24.51 -2.73 -46.98
CA LEU A 377 -23.66 -2.74 -45.80
C LEU A 377 -24.01 -1.50 -44.97
N TYR A 378 -24.16 -1.71 -43.67
CA TYR A 378 -24.51 -0.67 -42.72
C TYR A 378 -23.30 -0.35 -41.86
N TYR A 379 -22.99 0.94 -41.72
CA TYR A 379 -21.83 1.37 -40.96
C TYR A 379 -22.05 2.71 -40.23
N ILE A 380 -21.28 2.94 -39.18
CA ILE A 380 -21.26 4.22 -38.44
C ILE A 380 -20.03 5.01 -38.88
N SER A 381 -20.21 6.30 -39.15
CA SER A 381 -19.07 7.17 -39.46
C SER A 381 -19.25 8.57 -38.88
N ASN A 382 -18.20 9.38 -38.95
CA ASN A 382 -18.30 10.79 -38.57
C ASN A 382 -18.28 11.72 -39.78
N GLU A 383 -18.82 11.26 -40.91
CA GLU A 383 -18.87 12.10 -42.11
C GLU A 383 -19.70 13.38 -41.92
N TYR A 384 -20.85 13.23 -41.29
CA TYR A 384 -21.85 14.28 -41.28
C TYR A 384 -21.34 15.63 -40.76
N LYS A 385 -21.48 16.66 -41.60
CA LYS A 385 -21.03 18.04 -41.31
C LYS A 385 -19.53 18.15 -40.97
N GLY A 386 -18.75 17.15 -41.36
CA GLY A 386 -17.32 17.09 -41.05
C GLY A 386 -16.97 17.24 -39.57
N MET A 387 -17.82 16.69 -38.70
CA MET A 387 -17.61 16.75 -37.25
C MET A 387 -17.07 15.40 -36.79
N PRO A 388 -15.78 15.33 -36.39
CA PRO A 388 -15.19 14.04 -36.02
C PRO A 388 -15.78 13.47 -34.73
N GLY A 389 -16.43 14.34 -33.95
CA GLY A 389 -17.06 13.96 -32.68
C GLY A 389 -18.54 13.60 -32.76
N GLY A 390 -19.08 13.57 -33.98
CA GLY A 390 -20.45 13.07 -34.21
C GLY A 390 -20.42 11.66 -34.78
N ARG A 391 -21.53 10.94 -34.64
CA ARG A 391 -21.67 9.57 -35.15
C ARG A 391 -23.05 9.36 -35.77
N ASN A 392 -23.06 8.87 -37.01
CA ASN A 392 -24.30 8.55 -37.72
C ASN A 392 -24.27 7.19 -38.45
N LEU A 393 -25.46 6.60 -38.62
CA LEU A 393 -25.62 5.34 -39.34
C LEU A 393 -25.88 5.60 -40.81
N TYR A 394 -25.08 4.93 -41.65
CA TYR A 394 -25.21 4.99 -43.10
C TYR A 394 -25.41 3.60 -43.69
N LYS A 395 -25.96 3.54 -44.91
CA LYS A 395 -25.93 2.29 -45.65
C LYS A 395 -25.44 2.55 -47.06
N ILE A 396 -24.68 1.58 -47.57
CA ILE A 396 -24.10 1.66 -48.92
C ILE A 396 -24.58 0.47 -49.76
N GLN A 397 -25.02 0.79 -50.98
CA GLN A 397 -25.53 -0.21 -51.91
C GLN A 397 -24.35 -0.99 -52.47
N LEU A 398 -24.40 -2.31 -52.27
CA LEU A 398 -23.25 -3.14 -52.64
C LEU A 398 -23.03 -3.21 -54.15
N SER A 399 -24.10 -3.03 -54.93
CA SER A 399 -24.00 -3.04 -56.40
C SER A 399 -23.64 -1.68 -57.01
N ASP A 400 -23.61 -0.64 -56.18
CA ASP A 400 -23.26 0.71 -56.64
C ASP A 400 -22.78 1.57 -55.47
N TYR A 401 -21.45 1.64 -55.31
CA TYR A 401 -20.83 2.32 -54.16
C TYR A 401 -21.09 3.82 -54.14
N THR A 402 -21.52 4.38 -55.26
CA THR A 402 -21.86 5.81 -55.30
C THR A 402 -23.16 6.10 -54.54
N LYS A 403 -23.90 5.04 -54.21
CA LYS A 403 -25.21 5.20 -53.58
C LYS A 403 -25.12 4.94 -52.07
N VAL A 404 -24.92 6.02 -51.34
CA VAL A 404 -24.79 6.00 -49.88
C VAL A 404 -25.87 6.89 -49.28
N THR A 405 -26.58 6.34 -48.29
CA THR A 405 -27.71 6.98 -47.63
C THR A 405 -27.41 7.12 -46.14
N CYS A 406 -27.60 8.31 -45.59
CA CYS A 406 -27.53 8.48 -44.14
C CYS A 406 -28.90 8.20 -43.52
N LEU A 407 -28.93 7.29 -42.57
CA LEU A 407 -30.18 6.80 -41.99
C LEU A 407 -30.58 7.55 -40.71
N SER A 408 -29.62 8.22 -40.07
CA SER A 408 -29.86 8.85 -38.77
C SER A 408 -29.64 10.36 -38.76
N CYS A 409 -28.93 10.88 -39.76
CA CYS A 409 -28.47 12.29 -39.79
C CYS A 409 -29.62 13.28 -39.57
N GLU A 410 -30.73 13.07 -40.27
CA GLU A 410 -31.82 14.06 -40.32
C GLU A 410 -33.04 13.71 -39.46
N LEU A 411 -32.95 12.63 -38.68
CA LEU A 411 -34.07 12.24 -37.81
C LEU A 411 -34.45 13.33 -36.80
N ASN A 412 -33.46 13.87 -36.09
CA ASN A 412 -33.63 15.04 -35.24
C ASN A 412 -32.28 15.75 -35.15
N PRO A 413 -31.97 16.60 -36.14
CA PRO A 413 -30.62 17.17 -36.26
C PRO A 413 -30.16 17.98 -35.03
N GLU A 414 -31.09 18.68 -34.39
CA GLU A 414 -30.74 19.53 -33.25
C GLU A 414 -30.48 18.73 -31.97
N ARG A 415 -31.22 17.63 -31.79
CA ARG A 415 -31.13 16.83 -30.58
C ARG A 415 -30.13 15.67 -30.71
N CYS A 416 -29.94 15.19 -31.93
CA CYS A 416 -29.31 13.89 -32.11
C CYS A 416 -28.21 13.93 -33.14
N GLN A 417 -26.96 13.85 -32.66
CA GLN A 417 -25.78 13.88 -33.50
C GLN A 417 -24.78 12.76 -33.17
N TYR A 418 -25.20 11.80 -32.35
CA TYR A 418 -24.28 10.74 -31.91
C TYR A 418 -25.11 9.48 -31.72
N TYR A 419 -24.96 8.55 -32.65
CA TYR A 419 -25.77 7.36 -32.69
C TYR A 419 -24.96 6.08 -32.56
N SER A 420 -25.59 5.07 -31.95
CA SER A 420 -25.16 3.68 -32.06
C SER A 420 -26.39 2.87 -32.47
N VAL A 421 -26.19 1.61 -32.88
CA VAL A 421 -27.28 0.82 -33.47
C VAL A 421 -27.24 -0.65 -33.03
N SER A 422 -28.42 -1.27 -32.91
CA SER A 422 -28.54 -2.70 -32.65
C SER A 422 -29.51 -3.38 -33.62
N PHE A 423 -28.96 -4.17 -34.54
CA PHE A 423 -29.74 -4.85 -35.56
C PHE A 423 -30.32 -6.19 -35.06
N SER A 424 -31.52 -6.54 -35.51
CA SER A 424 -32.09 -7.87 -35.30
C SER A 424 -31.30 -8.96 -36.05
N LYS A 425 -31.66 -10.22 -35.82
CA LYS A 425 -30.84 -11.34 -36.29
C LYS A 425 -30.41 -11.31 -37.76
N GLU A 426 -31.35 -11.07 -38.68
CA GLU A 426 -30.96 -10.91 -40.10
C GLU A 426 -31.12 -9.47 -40.60
N ALA A 427 -30.94 -8.52 -39.68
CA ALA A 427 -31.01 -7.09 -39.98
C ALA A 427 -32.36 -6.61 -40.55
N LYS A 428 -33.44 -7.32 -40.21
CA LYS A 428 -34.79 -6.90 -40.59
C LYS A 428 -35.23 -5.63 -39.89
N TYR A 429 -34.78 -5.47 -38.65
CA TYR A 429 -35.10 -4.30 -37.83
C TYR A 429 -33.84 -3.78 -37.18
N TYR A 430 -33.88 -2.51 -36.75
CA TYR A 430 -32.81 -1.99 -35.92
C TYR A 430 -33.31 -0.97 -34.90
N GLN A 431 -32.65 -0.95 -33.75
CA GLN A 431 -32.85 0.08 -32.74
C GLN A 431 -31.76 1.13 -32.93
N LEU A 432 -32.13 2.40 -33.02
CA LEU A 432 -31.16 3.48 -32.95
C LEU A 432 -31.09 4.06 -31.55
N ARG A 433 -29.87 4.32 -31.09
CA ARG A 433 -29.64 4.95 -29.79
C ARG A 433 -28.89 6.26 -30.00
N CYS A 434 -29.61 7.35 -29.76
CA CYS A 434 -29.05 8.70 -29.82
C CYS A 434 -28.57 9.06 -28.43
N SER A 435 -27.33 9.52 -28.28
CA SER A 435 -26.81 9.85 -26.95
C SER A 435 -26.47 11.33 -26.78
N GLY A 436 -26.82 12.15 -27.77
CA GLY A 436 -26.63 13.60 -27.62
C GLY A 436 -26.56 14.34 -28.94
N PRO A 437 -26.48 15.69 -28.90
CA PRO A 437 -26.25 16.55 -27.74
C PRO A 437 -27.45 16.78 -26.79
N GLY A 438 -28.66 16.48 -27.26
CA GLY A 438 -29.85 16.54 -26.39
C GLY A 438 -29.96 15.28 -25.52
N LEU A 439 -31.11 15.09 -24.88
CA LEU A 439 -31.34 13.89 -24.08
C LEU A 439 -31.42 12.63 -24.96
N PRO A 440 -30.87 11.51 -24.45
CA PRO A 440 -30.89 10.25 -25.19
C PRO A 440 -32.28 9.86 -25.72
N LEU A 441 -32.29 9.32 -26.94
CA LEU A 441 -33.53 8.99 -27.64
C LEU A 441 -33.35 7.63 -28.33
N TYR A 442 -34.25 6.70 -28.01
CA TYR A 442 -34.20 5.33 -28.53
C TYR A 442 -35.40 5.11 -29.43
N THR A 443 -35.15 4.69 -30.67
CA THR A 443 -36.20 4.48 -31.65
C THR A 443 -36.03 3.12 -32.35
N LEU A 444 -37.13 2.60 -32.90
CA LEU A 444 -37.09 1.33 -33.61
C LEU A 444 -37.50 1.52 -35.06
N HIS A 445 -36.80 0.81 -35.95
CA HIS A 445 -36.92 1.00 -37.40
C HIS A 445 -36.99 -0.35 -38.12
N SER A 446 -37.67 -0.39 -39.28
CA SER A 446 -37.60 -1.57 -40.14
C SER A 446 -36.72 -1.28 -41.35
N SER A 447 -35.87 -2.24 -41.69
CA SER A 447 -34.83 -2.03 -42.70
C SER A 447 -35.34 -2.00 -44.13
N VAL A 448 -36.56 -2.48 -44.37
CA VAL A 448 -37.07 -2.55 -45.75
C VAL A 448 -37.07 -1.15 -46.43
N ASN A 449 -37.59 -0.16 -45.72
CA ASN A 449 -37.58 1.22 -46.20
C ASN A 449 -37.06 2.21 -45.15
N ASP A 450 -36.48 1.69 -44.06
CA ASP A 450 -35.97 2.50 -42.95
C ASP A 450 -37.04 3.33 -42.22
N LYS A 451 -38.30 2.92 -42.33
CA LYS A 451 -39.38 3.56 -41.60
C LYS A 451 -39.11 3.53 -40.10
N GLY A 452 -39.35 4.66 -39.43
CA GLY A 452 -39.35 4.71 -37.98
C GLY A 452 -40.66 4.16 -37.46
N LEU A 453 -40.60 3.02 -36.77
CA LEU A 453 -41.79 2.35 -36.28
C LEU A 453 -42.40 3.01 -35.05
N ARG A 454 -41.56 3.30 -34.06
CA ARG A 454 -42.02 3.92 -32.81
C ARG A 454 -40.84 4.48 -32.02
N VAL A 455 -41.15 5.36 -31.07
CA VAL A 455 -40.16 5.81 -30.09
C VAL A 455 -40.23 4.84 -28.91
N LEU A 456 -39.08 4.31 -28.50
CA LEU A 456 -39.03 3.36 -27.39
C LEU A 456 -38.85 4.06 -26.04
N GLU A 457 -37.99 5.07 -26.01
CA GLU A 457 -37.72 5.87 -24.82
C GLU A 457 -37.22 7.27 -25.23
N ASP A 458 -37.87 8.31 -24.73
CA ASP A 458 -37.52 9.69 -25.10
C ASP A 458 -37.04 10.57 -23.92
N ASN A 459 -36.90 9.97 -22.74
CA ASN A 459 -36.41 10.69 -21.55
C ASN A 459 -37.23 11.96 -21.22
N SER A 460 -38.53 11.88 -21.49
CA SER A 460 -39.44 12.98 -21.21
C SER A 460 -39.48 13.30 -19.72
N ALA A 461 -39.40 12.26 -18.88
CA ALA A 461 -39.38 12.42 -17.40
C ALA A 461 -38.21 13.26 -16.92
N LEU A 462 -37.01 12.95 -17.42
CA LEU A 462 -35.82 13.72 -17.09
C LEU A 462 -35.90 15.15 -17.61
N ASP A 463 -36.38 15.30 -18.85
CA ASP A 463 -36.56 16.61 -19.46
C ASP A 463 -37.38 17.55 -18.56
N LYS A 464 -38.46 17.02 -18.00
CA LYS A 464 -39.35 17.76 -17.10
C LYS A 464 -38.62 18.22 -15.83
N MET A 465 -37.86 17.30 -15.22
CA MET A 465 -37.08 17.60 -14.01
C MET A 465 -36.02 18.65 -14.25
N LEU A 466 -35.37 18.59 -15.42
CA LEU A 466 -34.27 19.52 -15.75
C LEU A 466 -34.74 20.93 -16.08
N GLN A 467 -36.03 21.09 -16.34
CA GLN A 467 -36.62 22.41 -16.58
C GLN A 467 -36.43 23.33 -15.37
N ASN A 468 -36.45 22.75 -14.18
CA ASN A 468 -36.32 23.48 -12.93
C ASN A 468 -34.88 23.61 -12.42
N VAL A 469 -33.91 23.31 -13.29
CA VAL A 469 -32.48 23.39 -12.96
C VAL A 469 -31.77 24.35 -13.91
N GLN A 470 -30.84 25.13 -13.37
CA GLN A 470 -29.97 25.95 -14.21
C GLN A 470 -28.84 25.09 -14.76
N MET A 471 -29.08 24.47 -15.90
CA MET A 471 -28.09 23.56 -16.49
C MET A 471 -27.05 24.34 -17.25
N PRO A 472 -25.80 23.83 -17.28
CA PRO A 472 -24.77 24.45 -18.09
C PRO A 472 -25.04 24.15 -19.57
N SER A 473 -24.40 24.91 -20.46
CA SER A 473 -24.43 24.60 -21.88
C SER A 473 -23.11 23.95 -22.31
N LYS A 474 -23.05 23.51 -23.56
CA LYS A 474 -21.86 22.90 -24.12
C LYS A 474 -21.53 23.48 -25.49
N LYS A 475 -20.29 23.91 -25.65
CA LYS A 475 -19.81 24.39 -26.94
C LYS A 475 -18.81 23.37 -27.49
N LEU A 476 -19.02 22.96 -28.73
CA LEU A 476 -18.10 22.08 -29.43
C LEU A 476 -17.66 22.78 -30.70
N ASP A 477 -16.36 23.02 -30.84
CA ASP A 477 -15.84 23.82 -31.95
C ASP A 477 -14.38 23.44 -32.20
N PHE A 478 -13.71 24.16 -33.08
CA PHE A 478 -12.32 23.87 -33.38
C PHE A 478 -11.48 25.13 -33.36
N ILE A 479 -10.18 24.94 -33.15
CA ILE A 479 -9.21 25.99 -33.37
C ILE A 479 -8.22 25.49 -34.43
N ILE A 480 -7.67 26.42 -35.21
CA ILE A 480 -6.74 26.07 -36.27
C ILE A 480 -5.31 26.33 -35.79
N LEU A 481 -4.51 25.26 -35.75
CA LEU A 481 -3.09 25.36 -35.46
C LEU A 481 -2.32 24.70 -36.61
N ASN A 482 -1.34 25.42 -37.16
CA ASN A 482 -0.54 24.91 -38.30
C ASN A 482 -1.39 24.33 -39.42
N GLU A 483 -2.41 25.06 -39.85
CA GLU A 483 -3.31 24.63 -40.92
C GLU A 483 -4.17 23.40 -40.60
N THR A 484 -4.13 22.95 -39.34
CA THR A 484 -4.93 21.79 -38.92
C THR A 484 -6.01 22.19 -37.91
N LYS A 485 -7.22 21.71 -38.13
CA LYS A 485 -8.30 21.91 -37.15
C LYS A 485 -8.09 20.96 -35.99
N PHE A 486 -8.14 21.51 -34.79
CA PHE A 486 -8.16 20.67 -33.58
C PHE A 486 -9.42 21.02 -32.80
N TRP A 487 -10.18 20.00 -32.44
CA TRP A 487 -11.50 20.18 -31.82
C TRP A 487 -11.41 20.26 -30.31
N TYR A 488 -12.27 21.08 -29.72
CA TYR A 488 -12.38 21.20 -28.28
C TYR A 488 -13.86 21.29 -27.86
N GLN A 489 -14.12 21.06 -26.58
CA GLN A 489 -15.45 21.30 -26.03
C GLN A 489 -15.33 22.07 -24.72
N MET A 490 -16.33 22.88 -24.42
CA MET A 490 -16.42 23.55 -23.13
C MET A 490 -17.78 23.35 -22.49
N ILE A 491 -17.77 22.94 -21.23
CA ILE A 491 -18.97 22.94 -20.40
C ILE A 491 -19.04 24.34 -19.78
N LEU A 492 -20.03 25.12 -20.21
CA LEU A 492 -20.11 26.53 -19.84
C LEU A 492 -21.17 26.76 -18.78
N PRO A 493 -20.83 27.57 -17.75
CA PRO A 493 -21.82 27.89 -16.69
C PRO A 493 -23.11 28.51 -17.25
N PRO A 494 -24.25 28.31 -16.54
CA PRO A 494 -25.49 28.98 -16.93
C PRO A 494 -25.30 30.49 -17.04
N HIS A 495 -26.06 31.12 -17.93
CA HIS A 495 -25.98 32.58 -18.13
C HIS A 495 -24.55 33.03 -18.44
N PHE A 496 -23.83 32.21 -19.21
CA PHE A 496 -22.44 32.47 -19.57
C PHE A 496 -22.29 33.84 -20.21
N ASP A 497 -21.30 34.60 -19.75
CA ASP A 497 -21.09 35.97 -20.24
C ASP A 497 -19.63 36.13 -20.62
N LYS A 498 -19.39 36.18 -21.93
CA LYS A 498 -18.04 36.27 -22.51
C LYS A 498 -17.31 37.57 -22.13
N SER A 499 -18.02 38.52 -21.52
CA SER A 499 -17.38 39.75 -21.05
C SER A 499 -16.75 39.57 -19.65
N LYS A 500 -17.03 38.44 -18.99
CA LYS A 500 -16.48 38.13 -17.67
C LYS A 500 -15.34 37.11 -17.76
N LYS A 501 -14.55 37.01 -16.70
CA LYS A 501 -13.43 36.07 -16.66
C LYS A 501 -13.68 34.94 -15.67
N TYR A 502 -13.73 33.71 -16.20
CA TYR A 502 -14.07 32.53 -15.42
C TYR A 502 -12.83 31.68 -15.11
N PRO A 503 -12.83 31.01 -13.95
CA PRO A 503 -11.78 30.00 -13.75
C PRO A 503 -12.02 28.87 -14.73
N LEU A 504 -10.96 28.15 -15.09
CA LEU A 504 -11.07 27.06 -16.04
C LEU A 504 -10.36 25.79 -15.58
N LEU A 505 -11.06 24.67 -15.73
CA LEU A 505 -10.46 23.36 -15.48
C LEU A 505 -10.35 22.59 -16.79
N LEU A 506 -9.12 22.19 -17.13
CA LEU A 506 -8.87 21.39 -18.32
C LEU A 506 -8.98 19.92 -17.93
N ASP A 507 -9.97 19.25 -18.48
CA ASP A 507 -10.27 17.84 -18.21
C ASP A 507 -9.60 17.07 -19.34
N VAL A 508 -8.53 16.34 -19.01
CA VAL A 508 -7.66 15.72 -20.00
C VAL A 508 -7.69 14.20 -19.94
N TYR A 509 -7.60 13.58 -21.12
CA TYR A 509 -7.25 12.16 -21.21
C TYR A 509 -6.04 12.05 -22.15
N ALA A 510 -6.31 12.22 -23.45
CA ALA A 510 -5.27 12.46 -24.47
C ALA A 510 -4.40 11.25 -24.85
N GLY A 511 -4.86 10.05 -24.50
CA GLY A 511 -4.19 8.83 -24.93
C GLY A 511 -4.38 8.64 -26.44
N PRO A 512 -3.51 7.85 -27.08
CA PRO A 512 -3.60 7.59 -28.53
C PRO A 512 -4.98 7.05 -28.95
N CYS A 513 -5.51 7.67 -30.01
CA CYS A 513 -6.83 7.38 -30.56
C CYS A 513 -7.99 7.69 -29.62
N SER A 514 -7.79 8.59 -28.66
CA SER A 514 -8.89 8.98 -27.80
C SER A 514 -9.60 10.21 -28.35
N GLN A 515 -10.81 10.47 -27.84
CA GLN A 515 -11.59 11.62 -28.27
C GLN A 515 -12.31 12.17 -27.05
N LYS A 516 -12.01 13.41 -26.69
CA LYS A 516 -12.62 14.04 -25.53
C LYS A 516 -13.55 15.18 -25.91
N ALA A 517 -13.59 15.51 -27.21
CA ALA A 517 -14.52 16.52 -27.71
C ALA A 517 -15.53 15.81 -28.59
N ASP A 518 -16.78 15.76 -28.12
CA ASP A 518 -17.82 15.09 -28.89
C ASP A 518 -19.19 15.69 -28.64
N THR A 519 -20.21 15.05 -29.20
CA THR A 519 -21.58 15.56 -29.11
C THR A 519 -22.42 14.83 -28.06
N VAL A 520 -21.78 14.02 -27.22
CA VAL A 520 -22.48 13.23 -26.19
C VAL A 520 -22.98 14.09 -25.02
N PHE A 521 -24.23 13.86 -24.61
CA PHE A 521 -24.81 14.48 -23.42
C PHE A 521 -24.39 13.71 -22.16
N ARG A 522 -23.78 14.41 -21.21
CA ARG A 522 -23.32 13.79 -19.94
C ARG A 522 -23.80 14.54 -18.71
N LEU A 523 -24.17 13.78 -17.67
CA LEU A 523 -24.41 14.34 -16.35
C LEU A 523 -23.29 13.84 -15.45
N ASN A 524 -22.33 14.71 -15.18
CA ASN A 524 -21.12 14.27 -14.47
C ASN A 524 -20.58 15.35 -13.55
N TRP A 525 -19.35 15.17 -13.06
CA TRP A 525 -18.76 16.13 -12.13
C TRP A 525 -18.62 17.52 -12.77
N ALA A 526 -18.23 17.56 -14.05
CA ALA A 526 -18.11 18.83 -14.80
C ALA A 526 -19.43 19.63 -14.86
N THR A 527 -20.54 18.90 -14.95
CA THR A 527 -21.87 19.52 -14.96
C THR A 527 -22.06 20.32 -13.67
N TYR A 528 -21.70 19.70 -12.55
CA TYR A 528 -21.74 20.37 -11.24
C TYR A 528 -20.79 21.55 -11.18
N LEU A 529 -19.53 21.33 -11.56
CA LEU A 529 -18.53 22.41 -11.56
C LEU A 529 -18.96 23.64 -12.35
N ALA A 530 -19.53 23.44 -13.54
CA ALA A 530 -20.03 24.57 -14.32
C ALA A 530 -21.31 25.17 -13.74
N SER A 531 -22.28 24.33 -13.41
CA SER A 531 -23.61 24.78 -12.97
C SER A 531 -23.57 25.49 -11.63
N THR A 532 -22.92 24.86 -10.65
CA THR A 532 -22.90 25.37 -9.27
C THR A 532 -21.72 26.29 -8.99
N GLU A 533 -20.52 25.89 -9.42
CA GLU A 533 -19.30 26.64 -9.07
C GLU A 533 -18.86 27.68 -10.11
N ASN A 534 -19.57 27.78 -11.24
CA ASN A 534 -19.25 28.73 -12.31
C ASN A 534 -17.82 28.55 -12.87
N ILE A 535 -17.39 27.30 -12.98
CA ILE A 535 -16.12 26.95 -13.59
C ILE A 535 -16.35 26.44 -15.02
N ILE A 536 -15.58 26.96 -15.99
CA ILE A 536 -15.56 26.37 -17.33
C ILE A 536 -14.73 25.09 -17.29
N VAL A 537 -15.31 23.99 -17.76
CA VAL A 537 -14.57 22.72 -17.87
C VAL A 537 -14.34 22.40 -19.34
N ALA A 538 -13.08 22.46 -19.76
CA ALA A 538 -12.73 22.32 -21.17
C ALA A 538 -11.96 21.03 -21.45
N SER A 539 -12.09 20.52 -22.68
CA SER A 539 -11.27 19.40 -23.14
C SER A 539 -10.84 19.69 -24.57
N PHE A 540 -9.69 19.12 -24.95
CA PHE A 540 -9.06 19.39 -26.23
C PHE A 540 -8.49 18.10 -26.80
N ASP A 541 -8.75 17.84 -28.09
CA ASP A 541 -8.19 16.69 -28.78
C ASP A 541 -7.02 17.13 -29.66
N GLY A 542 -5.80 16.92 -29.18
CA GLY A 542 -4.61 17.34 -29.93
C GLY A 542 -3.98 16.22 -30.71
N ARG A 543 -2.68 16.35 -30.97
CA ARG A 543 -1.96 15.29 -31.68
C ARG A 543 -2.05 13.98 -30.91
N GLY A 544 -2.23 12.90 -31.66
CA GLY A 544 -2.45 11.58 -31.07
C GLY A 544 -3.92 11.21 -30.93
N SER A 545 -4.81 12.19 -31.04
CA SER A 545 -6.24 11.92 -30.88
C SER A 545 -6.81 11.15 -32.08
N GLY A 546 -7.99 10.55 -31.90
CA GLY A 546 -8.52 9.58 -32.88
C GLY A 546 -9.57 10.12 -33.83
N TYR A 547 -9.92 9.30 -34.82
CA TYR A 547 -11.06 9.48 -35.73
C TYR A 547 -10.88 10.62 -36.74
N GLN A 548 -9.65 11.11 -36.85
CA GLN A 548 -9.31 12.21 -37.77
C GLN A 548 -8.16 11.88 -38.74
N GLY A 549 -7.85 10.60 -38.91
CA GLY A 549 -6.80 10.21 -39.83
C GLY A 549 -5.48 9.96 -39.13
N ASP A 550 -4.57 9.27 -39.83
CA ASP A 550 -3.29 8.88 -39.27
C ASP A 550 -2.29 10.02 -39.10
N LYS A 551 -2.36 11.04 -39.93
CA LYS A 551 -1.44 12.16 -39.73
C LYS A 551 -1.55 12.69 -38.29
N ILE A 552 -2.78 12.83 -37.80
CA ILE A 552 -2.98 13.23 -36.40
C ILE A 552 -2.69 12.07 -35.43
N MET A 553 -3.27 10.90 -35.68
CA MET A 553 -3.19 9.83 -34.69
C MET A 553 -1.77 9.32 -34.47
N HIS A 554 -1.02 9.16 -35.55
CA HIS A 554 0.35 8.63 -35.49
C HIS A 554 1.42 9.67 -35.12
N ALA A 555 1.01 10.91 -34.89
CA ALA A 555 1.97 11.98 -34.55
C ALA A 555 2.82 11.68 -33.30
N ILE A 556 2.29 10.87 -32.39
CA ILE A 556 2.99 10.54 -31.16
C ILE A 556 3.60 9.14 -31.15
N ASN A 557 3.69 8.53 -32.35
CA ASN A 557 4.34 7.23 -32.49
C ASN A 557 5.73 7.27 -31.89
N ARG A 558 6.04 6.27 -31.06
CA ARG A 558 7.35 6.12 -30.36
C ARG A 558 7.71 7.27 -29.41
N ARG A 559 6.76 8.20 -29.21
CA ARG A 559 7.01 9.45 -28.49
C ARG A 559 5.86 9.85 -27.53
N LEU A 560 5.32 8.90 -26.78
CA LEU A 560 4.36 9.24 -25.74
C LEU A 560 4.96 10.25 -24.77
N GLY A 561 4.12 11.12 -24.23
CA GLY A 561 4.57 12.13 -23.29
C GLY A 561 5.24 13.33 -23.94
N THR A 562 4.97 13.53 -25.23
CA THR A 562 5.50 14.72 -25.92
C THR A 562 4.40 15.62 -26.47
N PHE A 563 4.06 15.47 -27.76
CA PHE A 563 3.13 16.38 -28.43
C PHE A 563 1.76 16.47 -27.77
N GLU A 564 1.23 15.34 -27.33
CA GLU A 564 -0.10 15.32 -26.72
C GLU A 564 -0.10 16.09 -25.40
N VAL A 565 1.06 16.14 -24.73
CA VAL A 565 1.25 16.94 -23.52
C VAL A 565 1.38 18.43 -23.88
N GLU A 566 2.27 18.75 -24.83
CA GLU A 566 2.44 20.13 -25.32
C GLU A 566 1.13 20.75 -25.85
N ASP A 567 0.31 19.93 -26.50
CA ASP A 567 -0.95 20.40 -27.08
C ASP A 567 -2.01 20.79 -26.02
N GLN A 568 -1.99 20.14 -24.85
CA GLN A 568 -2.87 20.52 -23.74
C GLN A 568 -2.48 21.87 -23.15
N ILE A 569 -1.18 22.10 -23.04
CA ILE A 569 -0.68 23.39 -22.55
C ILE A 569 -1.09 24.47 -23.57
N GLU A 570 -0.85 24.19 -24.85
CA GLU A 570 -1.22 25.16 -25.89
C GLU A 570 -2.73 25.42 -25.93
N ALA A 571 -3.54 24.39 -25.70
CA ALA A 571 -4.99 24.57 -25.63
C ALA A 571 -5.38 25.58 -24.55
N ALA A 572 -4.78 25.45 -23.37
CA ALA A 572 -4.99 26.42 -22.28
C ALA A 572 -4.60 27.84 -22.68
N ARG A 573 -3.49 28.00 -23.40
CA ARG A 573 -3.10 29.33 -23.92
C ARG A 573 -4.14 29.85 -24.91
N GLN A 574 -4.66 28.96 -25.76
CA GLN A 574 -5.64 29.34 -26.78
C GLN A 574 -6.97 29.73 -26.16
N PHE A 575 -7.36 29.02 -25.11
CA PHE A 575 -8.58 29.36 -24.38
C PHE A 575 -8.43 30.73 -23.71
N SER A 576 -7.26 31.01 -23.11
CA SER A 576 -6.97 32.34 -22.53
C SER A 576 -7.09 33.46 -23.56
N LYS A 577 -6.70 33.18 -24.79
CA LYS A 577 -6.79 34.16 -25.89
C LYS A 577 -8.23 34.48 -26.28
N MET A 578 -9.16 33.60 -25.89
CA MET A 578 -10.57 33.82 -26.19
C MET A 578 -11.22 34.91 -25.34
N GLY A 579 -10.56 35.28 -24.23
CA GLY A 579 -10.90 36.50 -23.49
C GLY A 579 -11.82 36.35 -22.28
N PHE A 580 -12.34 35.15 -22.06
CA PHE A 580 -13.26 34.90 -20.94
C PHE A 580 -12.71 33.95 -19.85
N VAL A 581 -11.39 33.77 -19.86
CA VAL A 581 -10.71 32.91 -18.88
C VAL A 581 -9.81 33.76 -17.97
N ASP A 582 -9.94 33.52 -16.65
CA ASP A 582 -9.04 34.11 -15.67
C ASP A 582 -7.71 33.35 -15.71
N ASN A 583 -6.65 34.01 -16.19
CA ASN A 583 -5.36 33.33 -16.36
C ASN A 583 -4.64 32.99 -15.06
N LYS A 584 -5.13 33.54 -13.95
CA LYS A 584 -4.60 33.23 -12.63
C LYS A 584 -5.24 31.97 -12.06
N ARG A 585 -6.31 31.49 -12.71
CA ARG A 585 -7.07 30.35 -12.20
C ARG A 585 -7.35 29.31 -13.28
N ILE A 586 -6.29 28.65 -13.74
CA ILE A 586 -6.39 27.55 -14.69
C ILE A 586 -5.86 26.29 -14.02
N ALA A 587 -6.69 25.25 -14.03
CA ALA A 587 -6.30 23.97 -13.42
C ALA A 587 -6.40 22.86 -14.45
N ILE A 588 -5.86 21.68 -14.10
CA ILE A 588 -5.87 20.54 -15.02
C ILE A 588 -6.10 19.25 -14.22
N TRP A 589 -6.88 18.32 -14.78
CA TRP A 589 -7.07 17.02 -14.13
C TRP A 589 -7.32 15.89 -15.12
N GLY A 590 -6.97 14.68 -14.72
CA GLY A 590 -7.26 13.52 -15.55
C GLY A 590 -7.05 12.21 -14.79
N TRP A 591 -7.51 11.12 -15.41
CA TRP A 591 -7.52 9.79 -14.79
C TRP A 591 -6.76 8.85 -15.73
N SER A 592 -5.85 8.05 -15.19
CA SER A 592 -5.03 7.09 -15.98
C SER A 592 -4.06 7.74 -16.99
N TYR A 593 -4.32 7.62 -18.31
CA TYR A 593 -3.54 8.41 -19.27
C TYR A 593 -3.70 9.90 -18.99
N GLY A 594 -4.90 10.33 -18.60
CA GLY A 594 -5.11 11.75 -18.21
C GLY A 594 -4.34 12.15 -16.95
N GLY A 595 -4.17 11.21 -16.03
CA GLY A 595 -3.34 11.42 -14.84
C GLY A 595 -1.88 11.59 -15.21
N TYR A 596 -1.41 10.76 -16.14
CA TYR A 596 -0.05 10.91 -16.68
C TYR A 596 0.13 12.29 -17.33
N VAL A 597 -0.79 12.64 -18.24
CA VAL A 597 -0.66 13.94 -18.92
C VAL A 597 -0.77 15.13 -17.96
N THR A 598 -1.70 15.06 -17.02
CA THR A 598 -1.84 16.09 -15.98
C THR A 598 -0.50 16.29 -15.25
N SER A 599 0.10 15.18 -14.86
CA SER A 599 1.36 15.21 -14.09
C SER A 599 2.51 15.74 -14.94
N MET A 600 2.60 15.29 -16.20
CA MET A 600 3.59 15.83 -17.14
C MET A 600 3.45 17.34 -17.38
N VAL A 601 2.20 17.79 -17.54
CA VAL A 601 1.91 19.22 -17.68
C VAL A 601 2.33 19.98 -16.41
N LEU A 602 1.86 19.52 -15.25
CA LEU A 602 2.24 20.16 -13.97
C LEU A 602 3.75 20.18 -13.73
N GLY A 603 4.45 19.17 -14.22
CA GLY A 603 5.91 19.13 -14.14
C GLY A 603 6.68 19.83 -15.26
N SER A 604 5.98 20.54 -16.15
CA SER A 604 6.62 21.12 -17.35
C SER A 604 7.29 22.48 -17.16
N GLY A 605 6.95 23.19 -16.10
CA GLY A 605 7.47 24.55 -15.88
C GLY A 605 6.86 25.63 -16.78
N SER A 606 5.71 25.34 -17.39
CA SER A 606 5.04 26.28 -18.29
C SER A 606 4.51 27.54 -17.60
N GLY A 607 4.17 27.43 -16.32
CA GLY A 607 3.61 28.53 -15.55
C GLY A 607 2.14 28.78 -15.85
N VAL A 608 1.56 27.96 -16.71
CA VAL A 608 0.18 28.16 -17.17
C VAL A 608 -0.86 27.74 -16.12
N PHE A 609 -0.55 26.69 -15.35
CA PHE A 609 -1.51 26.04 -14.48
C PHE A 609 -1.19 26.29 -13.00
N LYS A 610 -2.22 26.66 -12.24
CA LYS A 610 -2.10 26.88 -10.80
C LYS A 610 -2.04 25.56 -10.01
N CYS A 611 -2.85 24.60 -10.43
CA CYS A 611 -3.02 23.36 -9.67
C CYS A 611 -3.52 22.24 -10.58
N GLY A 612 -3.44 21.02 -10.10
CA GLY A 612 -3.93 19.88 -10.84
C GLY A 612 -4.13 18.64 -10.01
N ILE A 613 -4.94 17.73 -10.54
CA ILE A 613 -5.25 16.46 -9.86
C ILE A 613 -4.96 15.29 -10.80
N ALA A 614 -4.14 14.36 -10.33
CA ALA A 614 -3.89 13.14 -11.08
C ALA A 614 -4.50 11.95 -10.35
N VAL A 615 -5.39 11.21 -11.02
CA VAL A 615 -5.99 10.01 -10.42
C VAL A 615 -5.51 8.77 -11.16
N ALA A 616 -4.98 7.82 -10.40
CA ALA A 616 -4.39 6.59 -10.92
C ALA A 616 -3.52 6.81 -12.17
N PRO A 617 -2.54 7.76 -12.08
CA PRO A 617 -1.71 8.04 -13.25
C PRO A 617 -0.71 6.95 -13.59
N VAL A 618 -0.44 6.80 -14.87
CA VAL A 618 0.83 6.19 -15.30
C VAL A 618 1.93 7.20 -14.97
N SER A 619 3.08 6.71 -14.46
CA SER A 619 4.22 7.58 -14.14
C SER A 619 5.49 7.25 -14.95
N ARG A 620 5.58 6.00 -15.41
CA ARG A 620 6.76 5.53 -16.15
C ARG A 620 6.30 4.37 -17.03
N TRP A 621 6.60 4.45 -18.33
CA TRP A 621 6.05 3.48 -19.27
C TRP A 621 6.50 2.05 -19.02
N GLU A 622 7.68 1.87 -18.44
CA GLU A 622 8.14 0.53 -18.06
C GLU A 622 7.26 -0.15 -16.99
N TYR A 623 6.41 0.62 -16.30
CA TYR A 623 5.51 0.04 -15.29
C TYR A 623 4.17 -0.41 -15.87
N TYR A 624 3.82 0.03 -17.09
CA TYR A 624 2.56 -0.38 -17.71
C TYR A 624 2.70 -1.66 -18.56
N ASP A 625 1.60 -2.23 -19.03
CA ASP A 625 1.68 -3.59 -19.63
C ASP A 625 2.28 -3.52 -21.04
N SER A 626 2.78 -4.65 -21.51
CA SER A 626 3.51 -4.73 -22.79
C SER A 626 2.61 -4.39 -23.99
N VAL A 627 1.43 -5.00 -24.05
CA VAL A 627 0.58 -4.92 -25.27
C VAL A 627 0.19 -3.49 -25.56
N TYR A 628 -0.30 -2.77 -24.55
CA TYR A 628 -0.65 -1.38 -24.75
C TYR A 628 0.60 -0.52 -24.97
N THR A 629 1.57 -0.62 -24.06
CA THR A 629 2.71 0.31 -24.09
C THR A 629 3.55 0.18 -25.36
N GLU A 630 3.91 -1.04 -25.72
CA GLU A 630 4.82 -1.29 -26.85
C GLU A 630 4.17 -0.97 -28.18
N ARG A 631 2.83 -1.00 -28.23
CA ARG A 631 2.11 -0.63 -29.46
C ARG A 631 2.58 0.75 -29.95
N TYR A 632 2.74 1.67 -29.00
CA TYR A 632 3.14 3.06 -29.27
C TYR A 632 4.63 3.34 -29.06
N MET A 633 5.28 2.60 -28.14
CA MET A 633 6.63 2.94 -27.68
C MET A 633 7.71 1.99 -28.16
N GLY A 634 7.32 0.90 -28.81
CA GLY A 634 8.27 -0.18 -29.11
C GLY A 634 8.83 -0.80 -27.83
N LEU A 635 10.04 -1.33 -27.90
CA LEU A 635 10.65 -2.01 -26.75
C LEU A 635 11.62 -1.11 -25.94
N PRO A 636 11.64 -1.27 -24.60
CA PRO A 636 12.54 -0.49 -23.75
C PRO A 636 13.97 -1.07 -23.72
N THR A 637 14.61 -1.16 -24.89
CA THR A 637 15.98 -1.66 -25.01
C THR A 637 16.84 -0.57 -25.66
N PRO A 638 18.18 -0.59 -25.43
CA PRO A 638 19.02 0.45 -26.02
C PRO A 638 18.95 0.46 -27.54
N GLU A 639 18.73 -0.71 -28.14
CA GLU A 639 18.66 -0.88 -29.60
C GLU A 639 17.34 -0.37 -30.17
N ASP A 640 16.30 -0.29 -29.33
CA ASP A 640 15.01 0.22 -29.79
C ASP A 640 14.72 1.60 -29.20
N ASN A 641 13.97 1.67 -28.10
CA ASN A 641 13.42 2.95 -27.69
C ASN A 641 13.63 3.30 -26.22
N LEU A 642 14.63 2.69 -25.58
CA LEU A 642 14.84 2.88 -24.14
C LEU A 642 15.06 4.36 -23.78
N ASP A 643 15.86 5.06 -24.58
CA ASP A 643 16.13 6.48 -24.31
C ASP A 643 14.83 7.26 -24.07
N HIS A 644 13.87 7.11 -24.97
CA HIS A 644 12.61 7.82 -24.77
C HIS A 644 11.75 7.30 -23.62
N TYR A 645 11.80 5.98 -23.35
CA TYR A 645 11.12 5.43 -22.18
C TYR A 645 11.62 6.15 -20.93
N ARG A 646 12.93 6.36 -20.87
CA ARG A 646 13.56 6.99 -19.71
C ARG A 646 13.37 8.50 -19.61
N ASN A 647 13.21 9.21 -20.71
CA ASN A 647 12.97 10.64 -20.51
C ASN A 647 11.51 11.09 -20.52
N SER A 648 10.60 10.14 -20.57
CA SER A 648 9.16 10.45 -20.57
C SER A 648 8.46 10.09 -19.24
N THR A 649 9.22 10.08 -18.15
CA THR A 649 8.65 9.74 -16.83
C THR A 649 8.19 11.00 -16.09
N VAL A 650 7.23 10.84 -15.21
CA VAL A 650 6.79 11.92 -14.33
C VAL A 650 7.89 12.25 -13.31
N MET A 651 8.54 11.20 -12.80
CA MET A 651 9.57 11.35 -11.75
C MET A 651 10.71 12.31 -12.13
N SER A 652 11.12 12.33 -13.39
CA SER A 652 12.21 13.23 -13.81
C SER A 652 11.82 14.72 -13.74
N ARG A 653 10.53 15.00 -13.63
CA ARG A 653 10.06 16.38 -13.60
C ARG A 653 9.75 16.88 -12.18
N ALA A 654 10.11 16.09 -11.18
CA ALA A 654 9.75 16.36 -9.78
C ALA A 654 10.03 17.80 -9.32
N GLU A 655 11.23 18.30 -9.65
CA GLU A 655 11.64 19.64 -9.21
C GLU A 655 10.64 20.74 -9.61
N ASN A 656 10.09 20.65 -10.81
CA ASN A 656 9.12 21.63 -11.32
C ASN A 656 7.77 21.68 -10.59
N PHE A 657 7.43 20.61 -9.86
CA PHE A 657 6.22 20.60 -9.02
C PHE A 657 6.26 21.62 -7.87
N LYS A 658 7.44 22.18 -7.60
CA LYS A 658 7.55 23.26 -6.62
C LYS A 658 6.68 24.47 -6.98
N GLN A 659 6.34 24.60 -8.24
CA GLN A 659 5.62 25.78 -8.74
C GLN A 659 4.11 25.62 -8.76
N VAL A 660 3.62 24.42 -8.40
CA VAL A 660 2.18 24.11 -8.50
C VAL A 660 1.62 23.42 -7.24
N GLU A 661 0.29 23.45 -7.10
CA GLU A 661 -0.40 22.65 -6.09
C GLU A 661 -0.87 21.35 -6.76
N TYR A 662 -0.50 20.21 -6.18
CA TYR A 662 -0.74 18.89 -6.79
C TYR A 662 -1.48 17.99 -5.82
N LEU A 663 -2.52 17.31 -6.33
CA LEU A 663 -3.24 16.30 -5.56
C LEU A 663 -3.13 14.97 -6.31
N LEU A 664 -2.61 13.95 -5.63
CA LEU A 664 -2.30 12.65 -6.22
C LEU A 664 -3.14 11.59 -5.53
N ILE A 665 -3.89 10.82 -6.31
CA ILE A 665 -4.87 9.88 -5.80
C ILE A 665 -4.72 8.53 -6.48
N HIS A 666 -4.81 7.44 -5.73
CA HIS A 666 -4.69 6.11 -6.32
C HIS A 666 -5.36 5.05 -5.44
N GLY A 667 -6.04 4.11 -6.07
CA GLY A 667 -6.61 2.95 -5.38
C GLY A 667 -5.54 1.91 -5.13
N THR A 668 -5.54 1.32 -3.93
CA THR A 668 -4.45 0.42 -3.54
C THR A 668 -4.54 -0.94 -4.24
N ALA A 669 -5.72 -1.30 -4.71
CA ALA A 669 -5.94 -2.58 -5.39
C ALA A 669 -6.13 -2.44 -6.90
N ASP A 670 -5.49 -1.42 -7.47
CA ASP A 670 -5.50 -1.19 -8.92
C ASP A 670 -4.62 -2.25 -9.60
N ASP A 671 -5.27 -3.22 -10.24
CA ASP A 671 -4.62 -4.29 -10.98
C ASP A 671 -4.12 -3.85 -12.34
N ASN A 672 -4.54 -2.65 -12.76
CA ASN A 672 -4.34 -2.18 -14.14
C ASN A 672 -3.17 -1.20 -14.17
N VAL A 673 -3.40 0.00 -13.64
CA VAL A 673 -2.32 0.93 -13.42
C VAL A 673 -1.92 0.74 -11.95
N HIS A 674 -0.79 0.08 -11.71
CA HIS A 674 -0.44 -0.33 -10.33
C HIS A 674 -0.17 0.81 -9.37
N PHE A 675 -0.57 0.63 -8.11
CA PHE A 675 -0.33 1.64 -7.08
C PHE A 675 1.14 2.06 -7.07
N GLN A 676 2.01 1.10 -7.36
CA GLN A 676 3.43 1.35 -7.65
C GLN A 676 3.70 2.65 -8.41
N GLN A 677 2.88 2.97 -9.43
CA GLN A 677 3.14 4.13 -10.28
C GLN A 677 3.05 5.46 -9.50
N SER A 678 2.05 5.58 -8.63
CA SER A 678 1.92 6.76 -7.76
C SER A 678 2.89 6.72 -6.58
N ALA A 679 3.21 5.52 -6.10
CA ALA A 679 4.18 5.36 -5.01
C ALA A 679 5.56 5.89 -5.43
N GLN A 680 5.89 5.75 -6.72
CA GLN A 680 7.16 6.24 -7.22
C GLN A 680 7.12 7.75 -7.46
N ILE A 681 5.95 8.27 -7.85
CA ILE A 681 5.79 9.73 -7.98
C ILE A 681 5.96 10.40 -6.62
N SER A 682 5.24 9.91 -5.61
CA SER A 682 5.32 10.51 -4.28
C SER A 682 6.75 10.45 -3.75
N LYS A 683 7.42 9.30 -3.90
CA LYS A 683 8.81 9.17 -3.43
C LYS A 683 9.74 10.21 -4.09
N ALA A 684 9.58 10.41 -5.40
CA ALA A 684 10.39 11.41 -6.13
C ALA A 684 10.14 12.82 -5.64
N LEU A 685 8.87 13.14 -5.37
CA LEU A 685 8.53 14.47 -4.84
C LEU A 685 9.10 14.66 -3.44
N VAL A 686 9.06 13.61 -2.63
CA VAL A 686 9.65 13.65 -1.29
C VAL A 686 11.17 13.88 -1.38
N ASP A 687 11.81 13.21 -2.34
CA ASP A 687 13.27 13.28 -2.50
C ASP A 687 13.76 14.68 -2.87
N VAL A 688 12.92 15.46 -3.53
CA VAL A 688 13.29 16.84 -3.88
C VAL A 688 12.65 17.91 -2.98
N GLY A 689 11.92 17.49 -1.95
CA GLY A 689 11.35 18.43 -0.99
C GLY A 689 10.17 19.23 -1.51
N VAL A 690 9.31 18.58 -2.30
CA VAL A 690 8.10 19.22 -2.82
C VAL A 690 6.91 18.81 -1.97
N ASP A 691 6.18 19.78 -1.45
CA ASP A 691 4.93 19.47 -0.75
C ASP A 691 3.79 19.26 -1.75
N PHE A 692 2.89 18.34 -1.42
CA PHE A 692 1.74 18.01 -2.27
C PHE A 692 0.68 17.35 -1.41
N GLN A 693 -0.51 17.17 -1.98
CA GLN A 693 -1.60 16.47 -1.31
C GLN A 693 -1.74 15.08 -1.87
N ALA A 694 -2.14 14.13 -1.02
CA ALA A 694 -2.30 12.74 -1.42
C ALA A 694 -3.57 12.11 -0.86
N MET A 695 -4.08 11.09 -1.55
CA MET A 695 -5.16 10.26 -1.01
C MET A 695 -5.03 8.86 -1.60
N TRP A 696 -4.96 7.85 -0.74
CA TRP A 696 -5.08 6.47 -1.23
C TRP A 696 -6.52 6.02 -1.00
N TYR A 697 -6.99 5.06 -1.79
CA TYR A 697 -8.30 4.43 -1.55
C TYR A 697 -8.15 2.92 -1.33
N THR A 698 -8.28 2.52 -0.07
CA THR A 698 -8.05 1.13 0.35
C THR A 698 -8.94 0.18 -0.42
N ASP A 699 -8.31 -0.82 -1.07
CA ASP A 699 -8.98 -1.90 -1.78
C ASP A 699 -9.80 -1.47 -3.02
N GLU A 700 -9.68 -0.22 -3.44
CA GLU A 700 -10.32 0.20 -4.67
C GLU A 700 -9.43 -0.15 -5.88
N ASP A 701 -10.05 -0.48 -7.00
CA ASP A 701 -9.29 -0.74 -8.23
C ASP A 701 -9.21 0.51 -9.12
N HIS A 702 -8.91 0.30 -10.40
CA HIS A 702 -8.80 1.41 -11.33
C HIS A 702 -10.04 2.31 -11.41
N GLY A 703 -11.22 1.73 -11.19
CA GLY A 703 -12.46 2.51 -11.32
C GLY A 703 -12.76 3.43 -10.14
N ILE A 704 -12.15 3.15 -8.98
CA ILE A 704 -12.53 3.81 -7.70
C ILE A 704 -14.06 4.02 -7.70
N ALA A 705 -14.75 2.90 -7.85
CA ALA A 705 -16.14 2.91 -8.30
C ALA A 705 -17.12 2.36 -7.28
N SER A 706 -16.65 1.85 -6.15
CA SER A 706 -17.58 1.48 -5.09
C SER A 706 -18.41 2.72 -4.73
N SER A 707 -19.66 2.51 -4.32
CA SER A 707 -20.55 3.65 -4.06
C SER A 707 -19.92 4.67 -3.09
N THR A 708 -19.33 4.19 -2.00
CA THR A 708 -18.79 5.12 -0.99
C THR A 708 -17.51 5.80 -1.45
N ALA A 709 -16.63 5.03 -2.10
CA ALA A 709 -15.37 5.60 -2.59
C ALA A 709 -15.57 6.63 -3.69
N HIS A 710 -16.53 6.36 -4.58
CA HIS A 710 -16.89 7.31 -5.65
C HIS A 710 -17.32 8.65 -5.03
N GLN A 711 -18.21 8.59 -4.05
CA GLN A 711 -18.68 9.81 -3.40
C GLN A 711 -17.52 10.54 -2.71
N HIS A 712 -16.65 9.77 -2.05
CA HIS A 712 -15.53 10.35 -1.29
C HIS A 712 -14.52 11.04 -2.20
N ILE A 713 -14.13 10.39 -3.29
CA ILE A 713 -13.11 10.98 -4.18
C ILE A 713 -13.58 12.29 -4.82
N TYR A 714 -14.81 12.31 -5.35
CA TYR A 714 -15.31 13.54 -5.93
C TYR A 714 -15.51 14.65 -4.91
N THR A 715 -15.88 14.27 -3.68
CA THR A 715 -15.97 15.25 -2.58
C THR A 715 -14.58 15.86 -2.28
N HIS A 716 -13.57 15.00 -2.19
CA HIS A 716 -12.19 15.42 -1.86
C HIS A 716 -11.63 16.30 -2.98
N MET A 717 -11.83 15.87 -4.23
CA MET A 717 -11.44 16.69 -5.38
C MET A 717 -12.13 18.06 -5.47
N SER A 718 -13.44 18.08 -5.18
CA SER A 718 -14.20 19.32 -5.15
C SER A 718 -13.61 20.34 -4.16
N HIS A 719 -13.26 19.89 -2.95
CA HIS A 719 -12.65 20.79 -1.95
C HIS A 719 -11.35 21.37 -2.47
N PHE A 720 -10.54 20.53 -3.09
CA PHE A 720 -9.23 20.93 -3.62
C PHE A 720 -9.34 21.99 -4.73
N ILE A 721 -10.19 21.74 -5.74
CA ILE A 721 -10.42 22.72 -6.81
C ILE A 721 -10.94 24.06 -6.27
N LYS A 722 -11.91 23.99 -5.37
CA LYS A 722 -12.52 25.21 -4.82
C LYS A 722 -11.51 26.05 -4.02
N GLN A 723 -10.69 25.36 -3.23
CA GLN A 723 -9.59 26.01 -2.49
C GLN A 723 -8.63 26.68 -3.48
N CYS A 724 -8.24 25.94 -4.51
CA CYS A 724 -7.34 26.45 -5.55
C CYS A 724 -7.90 27.72 -6.21
N PHE A 725 -9.20 27.73 -6.46
CA PHE A 725 -9.86 28.81 -7.18
C PHE A 725 -10.45 29.90 -6.27
N SER A 726 -10.15 29.82 -4.97
CA SER A 726 -10.68 30.75 -3.96
C SER A 726 -12.21 30.83 -3.94
N LEU A 727 -12.87 29.68 -4.07
CA LEU A 727 -14.32 29.62 -4.11
C LEU A 727 -14.89 29.11 -2.80
N PRO A 728 -15.78 29.91 -2.16
CA PRO A 728 -16.35 29.54 -0.86
C PRO A 728 -17.18 28.26 -0.93
N THR B 1 16.31 42.38 17.13
CA THR B 1 15.94 41.28 18.06
C THR B 1 16.32 39.90 17.49
N ARG B 2 16.64 38.97 18.38
CA ARG B 2 17.23 37.69 17.98
C ARG B 2 16.27 36.71 17.28
N LYS B 3 16.86 35.74 16.59
CA LYS B 3 16.11 34.74 15.85
C LYS B 3 15.28 33.81 16.78
N THR B 4 14.35 33.09 16.18
CA THR B 4 13.62 32.03 16.88
C THR B 4 14.20 30.68 16.44
N TYR B 5 13.79 29.60 17.10
CA TYR B 5 14.18 28.25 16.69
C TYR B 5 13.18 27.80 15.62
N THR B 6 13.66 27.73 14.38
CA THR B 6 12.81 27.57 13.20
C THR B 6 12.62 26.10 12.84
N LEU B 7 11.69 25.83 11.93
CA LEU B 7 11.53 24.46 11.42
C LEU B 7 12.81 23.97 10.74
N THR B 8 13.50 24.85 10.01
CA THR B 8 14.78 24.50 9.38
C THR B 8 15.86 24.17 10.42
N ASP B 9 15.89 24.92 11.52
CA ASP B 9 16.81 24.60 12.62
C ASP B 9 16.62 23.16 13.11
N TYR B 10 15.36 22.76 13.29
CA TYR B 10 15.07 21.39 13.70
C TYR B 10 15.49 20.37 12.63
N LEU B 11 15.07 20.61 11.40
CA LEU B 11 15.25 19.63 10.32
C LEU B 11 16.71 19.51 9.86
N LYS B 12 17.45 20.61 9.94
CA LYS B 12 18.86 20.63 9.53
C LYS B 12 19.87 20.44 10.68
N ASN B 13 19.37 20.21 11.90
CA ASN B 13 20.22 20.02 13.10
C ASN B 13 21.26 21.15 13.28
N THR B 14 20.79 22.39 13.22
CA THR B 14 21.61 23.58 13.41
C THR B 14 22.19 23.63 14.82
N TYR B 15 21.38 23.28 15.81
CA TYR B 15 21.82 23.28 17.20
C TYR B 15 21.96 21.86 17.71
N ARG B 16 23.21 21.42 17.88
CA ARG B 16 23.49 20.02 18.21
C ARG B 16 23.93 19.82 19.66
N LEU B 17 23.31 18.85 20.31
CA LEU B 17 23.69 18.40 21.64
C LEU B 17 24.99 17.60 21.52
N LYS B 18 26.01 17.97 22.29
CA LYS B 18 27.22 17.16 22.34
C LYS B 18 27.09 16.01 23.34
N LEU B 19 27.70 14.88 23.01
CA LEU B 19 27.65 13.68 23.84
C LEU B 19 29.04 13.39 24.42
N TYR B 20 29.13 12.36 25.26
CA TYR B 20 30.42 11.83 25.69
C TYR B 20 30.21 10.31 25.89
N SER B 21 30.27 9.60 24.77
CA SER B 21 30.02 8.18 24.75
C SER B 21 31.34 7.45 24.96
N LEU B 22 31.51 6.87 26.14
CA LEU B 22 32.72 6.12 26.46
C LEU B 22 32.41 4.64 26.60
N ARG B 23 33.44 3.80 26.53
CA ARG B 23 33.26 2.38 26.80
C ARG B 23 34.36 1.91 27.74
N TRP B 24 33.95 1.56 28.95
CA TRP B 24 34.84 1.04 29.99
C TRP B 24 35.48 -0.27 29.56
N ILE B 25 36.80 -0.36 29.69
CA ILE B 25 37.52 -1.58 29.32
C ILE B 25 38.10 -2.31 30.53
N SER B 26 38.01 -1.68 31.71
CA SER B 26 38.54 -2.24 32.95
C SER B 26 37.90 -1.51 34.13
N ASP B 27 38.46 -1.70 35.32
CA ASP B 27 38.00 -0.96 36.49
C ASP B 27 38.62 0.45 36.50
N HIS B 28 39.56 0.71 35.58
CA HIS B 28 40.38 1.95 35.66
C HIS B 28 40.49 2.77 34.36
N GLU B 29 40.11 2.18 33.22
CA GLU B 29 40.27 2.87 31.93
C GLU B 29 39.03 2.76 31.05
N TYR B 30 38.89 3.72 30.15
CA TYR B 30 37.80 3.70 29.17
C TYR B 30 38.28 4.14 27.79
N LEU B 31 37.55 3.71 26.75
CA LEU B 31 37.85 4.15 25.38
C LEU B 31 36.91 5.27 24.97
N TYR B 32 37.42 6.17 24.14
CA TYR B 32 36.65 7.31 23.68
C TYR B 32 37.08 7.71 22.27
N LYS B 33 36.12 7.81 21.38
CA LYS B 33 36.41 8.18 19.99
C LYS B 33 36.44 9.70 19.80
N GLN B 34 37.63 10.27 19.60
CA GLN B 34 37.77 11.71 19.32
C GLN B 34 38.43 11.99 17.97
N GLU B 35 37.65 12.58 17.05
CA GLU B 35 38.10 12.88 15.68
C GLU B 35 38.52 11.62 14.91
N ASN B 36 37.66 10.60 14.99
CA ASN B 36 37.90 9.26 14.41
C ASN B 36 39.02 8.43 15.08
N ASN B 37 39.92 9.09 15.82
CA ASN B 37 40.91 8.40 16.64
C ASN B 37 40.22 7.77 17.86
N ILE B 38 40.64 6.55 18.22
CA ILE B 38 40.16 5.95 19.47
C ILE B 38 41.25 6.16 20.52
N LEU B 39 40.89 6.84 21.60
CA LEU B 39 41.81 7.13 22.70
C LEU B 39 41.47 6.25 23.89
N VAL B 40 42.49 5.93 24.70
CA VAL B 40 42.29 5.29 26.00
C VAL B 40 42.51 6.34 27.07
N PHE B 41 41.61 6.40 28.04
CA PHE B 41 41.72 7.36 29.15
C PHE B 41 41.93 6.66 30.47
N ASN B 42 42.77 7.25 31.31
CA ASN B 42 42.90 6.86 32.70
C ASN B 42 41.89 7.63 33.55
N ALA B 43 40.99 6.91 34.23
CA ALA B 43 39.88 7.52 34.98
C ALA B 43 40.36 8.41 36.13
N GLU B 44 41.37 7.93 36.85
CA GLU B 44 41.85 8.58 38.06
C GLU B 44 42.43 9.98 37.77
N TYR B 45 43.23 10.09 36.71
CA TYR B 45 43.98 11.32 36.41
C TYR B 45 43.54 12.06 35.15
N GLY B 46 42.85 11.36 34.25
CA GLY B 46 42.31 11.97 33.04
C GLY B 46 43.28 12.09 31.89
N ASN B 47 44.48 11.53 32.05
CA ASN B 47 45.43 11.45 30.94
C ASN B 47 45.01 10.41 29.91
N SER B 48 45.48 10.59 28.68
CA SER B 48 45.09 9.69 27.58
C SER B 48 46.25 9.30 26.65
N SER B 49 46.04 8.19 25.92
CA SER B 49 46.95 7.79 24.84
C SER B 49 46.10 7.43 23.63
N VAL B 50 46.67 7.59 22.44
CA VAL B 50 46.01 7.14 21.22
C VAL B 50 46.07 5.62 21.21
N PHE B 51 44.90 4.98 21.13
CA PHE B 51 44.83 3.52 21.01
C PHE B 51 44.92 3.15 19.53
N LEU B 52 44.12 3.82 18.70
CA LEU B 52 44.09 3.57 17.29
C LEU B 52 43.97 4.90 16.55
N GLU B 53 44.96 5.19 15.71
CA GLU B 53 44.93 6.38 14.85
C GLU B 53 43.89 6.24 13.74
N ASN B 54 43.26 7.35 13.41
CA ASN B 54 42.17 7.38 12.42
C ASN B 54 42.62 7.05 10.99
N SER B 55 43.93 7.02 10.77
CA SER B 55 44.49 6.78 9.45
C SER B 55 44.96 5.34 9.23
N THR B 56 44.90 4.51 10.28
CA THR B 56 45.29 3.09 10.20
C THR B 56 44.59 2.36 9.04
N PHE B 57 43.32 2.70 8.80
CA PHE B 57 42.52 2.00 7.80
C PHE B 57 42.19 2.85 6.56
N ASP B 58 43.08 3.77 6.22
CA ASP B 58 42.93 4.63 5.04
C ASP B 58 42.90 3.83 3.72
N GLU B 59 43.62 2.71 3.68
CA GLU B 59 43.64 1.84 2.50
C GLU B 59 42.69 0.64 2.62
N PHE B 60 41.82 0.66 3.61
CA PHE B 60 40.90 -0.45 3.86
C PHE B 60 39.97 -0.74 2.66
N GLY B 61 39.45 0.31 2.04
CA GLY B 61 38.66 0.16 0.81
C GLY B 61 37.17 0.02 1.04
N HIS B 62 36.78 0.12 2.31
CA HIS B 62 35.38 0.10 2.71
C HIS B 62 35.17 1.17 3.76
N SER B 63 33.97 1.75 3.77
CA SER B 63 33.60 2.64 4.85
C SER B 63 33.31 1.78 6.08
N ILE B 64 33.96 2.12 7.19
CA ILE B 64 33.82 1.34 8.43
C ILE B 64 32.66 1.88 9.27
N ASN B 65 31.68 1.01 9.53
CA ASN B 65 30.47 1.38 10.28
C ASN B 65 30.73 1.49 11.80
N ASP B 66 31.44 0.52 12.35
CA ASP B 66 31.69 0.47 13.78
C ASP B 66 32.93 -0.38 14.04
N TYR B 67 33.44 -0.29 15.27
CA TYR B 67 34.58 -1.09 15.71
C TYR B 67 34.20 -1.79 17.02
N SER B 68 34.81 -2.93 17.29
CA SER B 68 34.68 -3.57 18.59
C SER B 68 36.02 -4.19 18.97
N ILE B 69 36.64 -3.67 20.04
CA ILE B 69 37.93 -4.18 20.52
C ILE B 69 37.71 -5.37 21.44
N SER B 70 38.57 -6.39 21.29
CA SER B 70 38.48 -7.57 22.14
C SER B 70 38.76 -7.15 23.60
N PRO B 71 38.19 -7.87 24.57
CA PRO B 71 38.39 -7.54 25.98
C PRO B 71 39.85 -7.47 26.41
N ASP B 72 40.71 -8.30 25.82
CA ASP B 72 42.16 -8.27 26.14
C ASP B 72 42.95 -7.22 25.36
N GLY B 73 42.26 -6.48 24.49
CA GLY B 73 42.86 -5.38 23.73
C GLY B 73 43.74 -5.79 22.55
N GLN B 74 43.75 -7.09 22.24
CA GLN B 74 44.65 -7.61 21.22
C GLN B 74 44.10 -7.59 19.78
N PHE B 75 42.78 -7.45 19.64
CA PHE B 75 42.14 -7.50 18.33
C PHE B 75 41.04 -6.46 18.19
N ILE B 76 40.77 -6.02 16.97
CA ILE B 76 39.63 -5.16 16.73
C ILE B 76 38.79 -5.67 15.57
N LEU B 77 37.50 -5.82 15.86
CA LEU B 77 36.52 -6.23 14.88
C LEU B 77 36.06 -4.96 14.15
N LEU B 78 36.12 -5.01 12.81
CA LEU B 78 35.75 -3.91 11.93
C LEU B 78 34.47 -4.26 11.19
N GLU B 79 33.45 -3.43 11.36
CA GLU B 79 32.15 -3.72 10.79
C GLU B 79 31.89 -2.84 9.57
N TYR B 80 31.54 -3.47 8.46
CA TYR B 80 31.23 -2.71 7.23
C TYR B 80 30.13 -3.41 6.45
N ASN B 81 29.76 -2.85 5.29
CA ASN B 81 28.61 -3.32 4.51
C ASN B 81 27.37 -3.50 5.40
N TYR B 82 27.14 -2.53 6.28
CA TYR B 82 26.00 -2.55 7.19
C TYR B 82 24.70 -2.44 6.40
N VAL B 83 23.77 -3.37 6.63
CA VAL B 83 22.41 -3.26 6.06
C VAL B 83 21.40 -3.44 7.18
N LYS B 84 20.69 -2.36 7.52
CA LYS B 84 19.64 -2.42 8.55
C LYS B 84 18.55 -3.44 8.24
N GLN B 85 18.11 -4.19 9.26
CA GLN B 85 16.87 -4.95 9.17
C GLN B 85 15.77 -4.24 10.00
N TRP B 86 15.50 -4.72 11.22
CA TRP B 86 14.42 -4.15 12.06
C TRP B 86 14.96 -3.09 13.03
N ARG B 87 14.40 -2.98 14.23
CA ARG B 87 14.83 -1.92 15.16
C ARG B 87 16.29 -2.12 15.63
N HIS B 88 16.69 -3.38 15.80
CA HIS B 88 18.03 -3.70 16.32
C HIS B 88 18.84 -4.55 15.36
N SER B 89 18.16 -5.38 14.57
CA SER B 89 18.82 -6.34 13.69
C SER B 89 19.39 -5.70 12.45
N TYR B 90 20.47 -6.29 11.95
CA TYR B 90 21.11 -5.89 10.72
C TYR B 90 22.05 -7.00 10.29
N THR B 91 22.55 -6.96 9.06
CA THR B 91 23.67 -7.82 8.68
C THR B 91 24.87 -6.96 8.33
N ALA B 92 26.05 -7.56 8.33
CA ALA B 92 27.24 -6.80 8.00
C ALA B 92 28.37 -7.76 7.63
N SER B 93 29.40 -7.20 6.99
CA SER B 93 30.68 -7.89 6.83
C SER B 93 31.61 -7.49 7.96
N TYR B 94 32.62 -8.34 8.22
CA TYR B 94 33.55 -8.14 9.32
C TYR B 94 34.97 -8.52 8.91
N ASP B 95 35.92 -7.66 9.24
CA ASP B 95 37.33 -8.03 9.22
C ASP B 95 37.86 -7.91 10.63
N ILE B 96 38.95 -8.62 10.93
CA ILE B 96 39.60 -8.54 12.25
C ILE B 96 41.02 -8.06 12.06
N TYR B 97 41.37 -7.00 12.79
CA TYR B 97 42.73 -6.47 12.81
C TYR B 97 43.46 -7.01 14.06
N ASP B 98 44.62 -7.61 13.83
CA ASP B 98 45.47 -8.14 14.91
C ASP B 98 46.42 -7.01 15.34
N LEU B 99 46.21 -6.46 16.54
CA LEU B 99 47.05 -5.36 17.04
C LEU B 99 48.50 -5.75 17.39
N ASN B 100 48.73 -7.03 17.72
CA ASN B 100 50.10 -7.51 17.97
C ASN B 100 50.93 -7.49 16.67
N LYS B 101 50.30 -7.92 15.58
CA LYS B 101 50.94 -8.00 14.26
C LYS B 101 50.85 -6.68 13.47
N ARG B 102 49.90 -5.82 13.86
CA ARG B 102 49.56 -4.61 13.08
C ARG B 102 49.17 -4.99 11.65
N GLN B 103 48.35 -6.04 11.53
CA GLN B 103 47.91 -6.56 10.22
C GLN B 103 46.48 -7.05 10.28
N LEU B 104 45.74 -6.88 9.19
CA LEU B 104 44.43 -7.52 9.05
C LEU B 104 44.62 -9.03 8.95
N ILE B 105 43.67 -9.77 9.51
CA ILE B 105 43.68 -11.23 9.41
C ILE B 105 43.06 -11.67 8.08
N THR B 106 43.80 -12.46 7.31
CA THR B 106 43.36 -12.85 5.97
C THR B 106 42.78 -14.26 5.89
N GLU B 107 43.04 -15.11 6.87
CA GLU B 107 42.49 -16.47 6.82
C GLU B 107 41.28 -16.68 7.72
N GLU B 108 40.45 -17.63 7.31
CA GLU B 108 39.26 -18.08 8.04
C GLU B 108 38.38 -16.91 8.45
N ARG B 109 38.15 -15.99 7.52
CA ARG B 109 37.42 -14.77 7.85
C ARG B 109 35.96 -15.04 8.18
N ILE B 110 35.40 -14.14 8.97
CA ILE B 110 33.97 -14.13 9.26
C ILE B 110 33.21 -13.91 7.95
N PRO B 111 32.19 -14.73 7.67
CA PRO B 111 31.49 -14.63 6.38
C PRO B 111 30.76 -13.30 6.19
N ASN B 112 30.55 -12.93 4.93
CA ASN B 112 29.69 -11.80 4.61
C ASN B 112 28.26 -12.11 5.06
N ASN B 113 27.44 -11.08 5.20
CA ASN B 113 26.04 -11.25 5.60
C ASN B 113 25.91 -11.90 6.98
N THR B 114 26.88 -11.61 7.84
CA THR B 114 26.82 -12.10 9.22
C THR B 114 25.74 -11.33 9.97
N GLN B 115 24.94 -12.07 10.73
CA GLN B 115 23.76 -11.57 11.45
C GLN B 115 24.09 -11.02 12.85
N TRP B 116 25.07 -11.62 13.51
CA TRP B 116 25.46 -11.16 14.84
C TRP B 116 26.86 -11.68 15.15
N VAL B 117 27.64 -10.87 15.84
CA VAL B 117 28.96 -11.28 16.33
C VAL B 117 29.22 -10.67 17.70
N THR B 118 29.88 -11.43 18.58
CA THR B 118 30.28 -10.92 19.88
C THR B 118 31.55 -11.59 20.38
N TRP B 119 32.44 -10.78 20.93
CA TRP B 119 33.59 -11.31 21.65
C TRP B 119 33.13 -12.02 22.93
N SER B 120 33.93 -12.97 23.42
CA SER B 120 33.77 -13.46 24.80
C SER B 120 33.98 -12.30 25.80
N PRO B 121 33.49 -12.44 27.06
CA PRO B 121 33.59 -11.34 28.03
C PRO B 121 35.02 -11.08 28.47
N VAL B 122 35.85 -12.12 28.34
CA VAL B 122 37.26 -12.08 28.69
C VAL B 122 38.03 -12.70 27.50
N GLY B 123 39.26 -12.25 27.28
CA GLY B 123 40.10 -12.83 26.23
C GLY B 123 39.73 -12.40 24.82
N HIS B 124 39.64 -13.35 23.91
CA HIS B 124 39.40 -13.03 22.49
C HIS B 124 38.71 -14.13 21.67
N LYS B 125 37.86 -14.94 22.31
CA LYS B 125 36.99 -15.85 21.59
C LYS B 125 35.90 -15.03 20.90
N LEU B 126 35.35 -15.59 19.82
CA LEU B 126 34.24 -14.98 19.09
C LEU B 126 33.11 -15.97 18.91
N ALA B 127 31.88 -15.48 18.99
CA ALA B 127 30.72 -16.26 18.56
C ALA B 127 30.00 -15.42 17.53
N TYR B 128 29.55 -16.06 16.45
CA TYR B 128 28.76 -15.37 15.44
C TYR B 128 27.65 -16.24 14.86
N VAL B 129 26.65 -15.57 14.29
CA VAL B 129 25.52 -16.24 13.67
C VAL B 129 25.52 -15.84 12.20
N TRP B 130 25.44 -16.85 11.34
CA TRP B 130 25.45 -16.67 9.90
C TRP B 130 24.50 -17.70 9.33
N ASN B 131 23.57 -17.26 8.49
CA ASN B 131 22.48 -18.11 7.96
C ASN B 131 21.73 -18.87 9.08
N ASN B 132 21.40 -18.13 10.14
CA ASN B 132 20.64 -18.64 11.28
C ASN B 132 21.32 -19.74 12.14
N ASP B 133 22.60 -20.04 11.90
CA ASP B 133 23.36 -21.00 12.72
C ASP B 133 24.52 -20.34 13.47
N ILE B 134 24.89 -20.94 14.61
CA ILE B 134 25.93 -20.40 15.49
C ILE B 134 27.29 -21.03 15.23
N TYR B 135 28.33 -20.19 15.23
CA TYR B 135 29.72 -20.61 15.04
C TYR B 135 30.60 -20.01 16.12
N VAL B 136 31.67 -20.72 16.47
CA VAL B 136 32.62 -20.24 17.49
C VAL B 136 34.04 -20.30 16.95
N LYS B 137 34.78 -19.21 17.11
CA LYS B 137 36.24 -19.20 16.88
C LYS B 137 36.93 -19.04 18.22
N ILE B 138 37.85 -19.94 18.52
CA ILE B 138 38.68 -19.86 19.72
C ILE B 138 39.80 -18.82 19.54
N GLU B 139 40.37 -18.77 18.34
CA GLU B 139 41.33 -17.73 17.95
C GLU B 139 40.89 -17.11 16.63
N PRO B 140 41.10 -15.79 16.46
CA PRO B 140 40.53 -15.07 15.33
C PRO B 140 40.95 -15.56 13.95
N ASN B 141 42.15 -16.13 13.83
CA ASN B 141 42.63 -16.62 12.54
C ASN B 141 42.40 -18.13 12.33
N LEU B 142 41.72 -18.78 13.27
CA LEU B 142 41.51 -20.23 13.17
C LEU B 142 40.12 -20.57 12.62
N PRO B 143 39.97 -21.77 12.01
CA PRO B 143 38.65 -22.17 11.52
C PRO B 143 37.57 -22.17 12.60
N SER B 144 36.33 -21.86 12.20
CA SER B 144 35.21 -21.84 13.13
C SER B 144 34.71 -23.24 13.40
N TYR B 145 34.18 -23.46 14.60
CA TYR B 145 33.40 -24.65 14.95
C TYR B 145 31.93 -24.33 14.77
N ARG B 146 31.26 -25.11 13.95
CA ARG B 146 29.82 -24.93 13.77
C ARG B 146 29.06 -25.58 14.93
N ILE B 147 28.32 -24.77 15.67
CA ILE B 147 27.59 -25.23 16.85
C ILE B 147 26.23 -25.83 16.51
N THR B 148 25.49 -25.16 15.62
CA THR B 148 24.17 -25.64 15.23
C THR B 148 24.08 -25.87 13.73
N TRP B 149 23.20 -26.79 13.33
CA TRP B 149 23.06 -27.17 11.92
C TRP B 149 21.62 -27.09 11.42
N THR B 150 20.74 -26.52 12.24
CA THR B 150 19.30 -26.54 11.99
C THR B 150 18.75 -25.20 11.50
N GLY B 151 19.61 -24.18 11.43
CA GLY B 151 19.19 -22.83 11.03
C GLY B 151 18.52 -22.84 9.68
N LYS B 152 17.42 -22.07 9.56
CA LYS B 152 16.70 -21.96 8.29
C LYS B 152 15.96 -20.62 8.25
N GLU B 153 16.25 -19.82 7.23
CA GLU B 153 15.63 -18.50 7.03
C GLU B 153 14.12 -18.54 7.29
N ASP B 154 13.66 -17.60 8.12
CA ASP B 154 12.24 -17.44 8.50
C ASP B 154 11.63 -18.61 9.31
N ILE B 155 12.44 -19.63 9.63
CA ILE B 155 11.89 -20.82 10.28
C ILE B 155 12.57 -21.20 11.61
N ILE B 156 13.85 -21.55 11.56
CA ILE B 156 14.64 -21.85 12.76
C ILE B 156 15.72 -20.79 12.95
N TYR B 157 15.69 -20.13 14.09
CA TYR B 157 16.66 -19.10 14.46
C TYR B 157 17.54 -19.61 15.62
N ASN B 158 18.83 -19.81 15.40
CA ASN B 158 19.75 -20.18 16.50
C ASN B 158 20.62 -19.00 16.89
N GLY B 159 20.52 -18.55 18.14
CA GLY B 159 21.39 -17.47 18.64
C GLY B 159 21.01 -16.06 18.19
N ILE B 160 19.93 -15.94 17.43
CA ILE B 160 19.34 -14.63 17.09
C ILE B 160 17.83 -14.74 17.35
N THR B 161 17.19 -13.59 17.54
CA THR B 161 15.75 -13.54 17.80
C THR B 161 14.97 -13.45 16.49
N ASP B 162 13.71 -13.87 16.51
CA ASP B 162 12.79 -13.62 15.39
C ASP B 162 12.19 -12.22 15.55
N TRP B 163 11.26 -11.81 14.69
CA TRP B 163 10.77 -10.42 14.73
C TRP B 163 10.24 -10.03 16.13
N VAL B 164 9.37 -10.88 16.69
CA VAL B 164 8.66 -10.49 17.91
C VAL B 164 9.54 -10.57 19.19
N TYR B 165 10.44 -11.55 19.26
CA TYR B 165 11.39 -11.55 20.38
C TYR B 165 12.36 -10.38 20.30
N GLU B 166 12.79 -10.01 19.11
CA GLU B 166 13.65 -8.83 18.92
C GLU B 166 12.98 -7.55 19.44
N GLU B 167 11.75 -7.30 19.00
CA GLU B 167 11.08 -6.01 19.28
C GLU B 167 10.50 -5.95 20.70
N GLU B 168 9.94 -7.07 21.17
CA GLU B 168 9.07 -7.04 22.36
C GLU B 168 9.61 -7.73 23.59
N VAL B 169 10.67 -8.53 23.46
CA VAL B 169 11.17 -9.31 24.60
C VAL B 169 12.59 -8.90 24.96
N PHE B 170 13.54 -9.15 24.06
CA PHE B 170 14.93 -8.85 24.37
C PHE B 170 15.47 -7.48 23.94
N SER B 171 14.71 -6.73 23.12
CA SER B 171 15.16 -5.43 22.59
C SER B 171 16.57 -5.56 21.98
N ALA B 172 16.76 -6.65 21.24
CA ALA B 172 18.06 -6.98 20.65
C ALA B 172 17.88 -8.14 19.70
N TYR B 173 18.79 -8.23 18.72
CA TYR B 173 18.81 -9.32 17.75
C TYR B 173 19.53 -10.53 18.33
N SER B 174 20.48 -10.31 19.23
CA SER B 174 21.25 -11.44 19.74
C SER B 174 20.49 -12.28 20.78
N ALA B 175 20.70 -13.58 20.71
CA ALA B 175 20.17 -14.52 21.70
C ALA B 175 21.30 -15.47 22.06
N LEU B 176 22.45 -14.87 22.34
CA LEU B 176 23.65 -15.58 22.78
C LEU B 176 24.09 -14.97 24.09
N TRP B 177 24.47 -15.80 25.06
CA TRP B 177 24.92 -15.32 26.37
C TRP B 177 26.17 -16.09 26.83
N TRP B 178 27.34 -15.45 26.73
CA TRP B 178 28.59 -16.05 27.22
C TRP B 178 28.59 -16.10 28.76
N SER B 179 29.12 -17.19 29.34
CA SER B 179 29.39 -17.25 30.79
C SER B 179 30.46 -16.21 31.16
N PRO B 180 30.57 -15.86 32.45
CA PRO B 180 31.41 -14.71 32.79
C PRO B 180 32.87 -14.81 32.37
N ASN B 181 33.45 -16.02 32.43
CA ASN B 181 34.83 -16.18 31.97
C ASN B 181 34.97 -16.79 30.57
N GLY B 182 33.85 -16.92 29.85
CA GLY B 182 33.88 -17.42 28.47
C GLY B 182 33.87 -18.93 28.25
N THR B 183 33.86 -19.71 29.34
CA THR B 183 33.82 -21.18 29.21
C THR B 183 32.60 -21.68 28.43
N PHE B 184 31.41 -21.22 28.83
CA PHE B 184 30.17 -21.67 28.23
C PHE B 184 29.57 -20.60 27.34
N LEU B 185 28.87 -21.05 26.30
CA LEU B 185 28.06 -20.16 25.49
C LEU B 185 26.64 -20.66 25.59
N ALA B 186 25.76 -19.83 26.15
CA ALA B 186 24.34 -20.15 26.23
C ALA B 186 23.61 -19.53 25.06
N TYR B 187 22.57 -20.20 24.58
CA TYR B 187 21.81 -19.65 23.48
C TYR B 187 20.37 -20.11 23.41
N ALA B 188 19.52 -19.27 22.84
CA ALA B 188 18.15 -19.65 22.58
C ALA B 188 17.95 -20.04 21.11
N GLN B 189 17.00 -20.95 20.88
CA GLN B 189 16.58 -21.34 19.53
C GLN B 189 15.09 -21.09 19.38
N PHE B 190 14.71 -20.30 18.38
CA PHE B 190 13.31 -19.95 18.11
C PHE B 190 12.80 -20.69 16.89
N ASN B 191 11.56 -21.20 16.98
CA ASN B 191 10.98 -21.94 15.90
C ASN B 191 9.66 -21.29 15.46
N ASP B 192 9.67 -20.75 14.25
CA ASP B 192 8.55 -19.97 13.71
C ASP B 192 7.74 -20.72 12.65
N THR B 193 7.88 -22.05 12.60
CA THR B 193 7.24 -22.88 11.55
C THR B 193 5.78 -22.54 11.25
N GLU B 194 4.98 -22.35 12.29
CA GLU B 194 3.55 -22.12 12.07
C GLU B 194 3.09 -20.68 12.34
N VAL B 195 4.05 -19.76 12.44
CA VAL B 195 3.75 -18.34 12.66
C VAL B 195 3.37 -17.73 11.32
N PRO B 196 2.16 -17.13 11.22
CA PRO B 196 1.78 -16.55 9.92
C PRO B 196 2.70 -15.37 9.53
N LEU B 197 2.78 -15.10 8.23
CA LEU B 197 3.61 -14.00 7.69
C LEU B 197 2.80 -12.73 7.47
N ILE B 198 3.34 -11.59 7.90
CA ILE B 198 2.85 -10.31 7.38
C ILE B 198 3.52 -10.11 6.02
N GLU B 199 2.74 -9.72 5.02
CA GLU B 199 3.23 -9.50 3.66
C GLU B 199 2.89 -8.08 3.24
N TYR B 200 3.88 -7.35 2.75
CA TYR B 200 3.66 -6.00 2.21
C TYR B 200 4.61 -5.69 1.06
N SER B 201 4.20 -4.76 0.18
CA SER B 201 4.97 -4.41 -1.00
C SER B 201 6.14 -3.48 -0.64
N PHE B 202 7.25 -3.65 -1.35
CA PHE B 202 8.39 -2.73 -1.29
C PHE B 202 8.74 -2.30 -2.70
N TYR B 203 8.77 -1.00 -2.96
CA TYR B 203 8.81 -0.47 -4.33
C TYR B 203 10.22 -0.27 -4.84
N SER B 204 11.13 0.01 -3.91
CA SER B 204 12.56 0.21 -4.18
C SER B 204 12.83 1.43 -5.08
N ASP B 205 14.04 1.51 -5.63
CA ASP B 205 14.35 2.57 -6.59
C ASP B 205 13.46 2.47 -7.83
N GLU B 206 13.27 3.61 -8.48
CA GLU B 206 12.44 3.73 -9.68
C GLU B 206 12.80 2.71 -10.79
N SER B 207 14.08 2.31 -10.81
CA SER B 207 14.58 1.35 -11.80
C SER B 207 13.95 -0.04 -11.66
N LEU B 208 13.45 -0.39 -10.47
CA LEU B 208 12.86 -1.73 -10.24
C LEU B 208 11.49 -1.84 -10.91
N GLN B 209 11.38 -2.74 -11.89
CA GLN B 209 10.18 -2.83 -12.74
C GLN B 209 8.96 -3.41 -11.99
N TYR B 210 9.19 -4.47 -11.21
CA TYR B 210 8.15 -5.07 -10.39
C TYR B 210 8.42 -4.87 -8.91
N PRO B 211 7.40 -4.42 -8.16
CA PRO B 211 7.58 -4.34 -6.69
C PRO B 211 7.88 -5.70 -6.06
N LYS B 212 8.64 -5.68 -4.97
CA LYS B 212 8.99 -6.90 -4.26
C LYS B 212 8.00 -7.08 -3.09
N THR B 213 7.64 -8.31 -2.75
CA THR B 213 6.81 -8.51 -1.57
C THR B 213 7.69 -8.94 -0.40
N VAL B 214 7.65 -8.17 0.69
CA VAL B 214 8.38 -8.53 1.91
C VAL B 214 7.50 -9.46 2.75
N ARG B 215 8.08 -10.55 3.25
CA ARG B 215 7.34 -11.53 4.06
C ARG B 215 8.04 -11.78 5.39
N VAL B 216 7.35 -11.52 6.50
CA VAL B 216 7.97 -11.64 7.83
C VAL B 216 7.09 -12.47 8.76
N PRO B 217 7.66 -13.51 9.41
CA PRO B 217 6.88 -14.22 10.42
C PRO B 217 6.60 -13.25 11.59
N TYR B 218 5.32 -13.02 11.83
CA TYR B 218 4.86 -12.00 12.76
C TYR B 218 3.55 -12.49 13.32
N PRO B 219 3.53 -12.84 14.62
CA PRO B 219 2.28 -13.29 15.22
C PRO B 219 1.45 -12.09 15.69
N LYS B 220 0.28 -11.90 15.08
CA LYS B 220 -0.67 -10.91 15.57
C LYS B 220 -1.44 -11.50 16.77
N ALA B 221 -2.21 -10.68 17.47
CA ALA B 221 -2.85 -11.10 18.72
C ALA B 221 -3.68 -12.38 18.55
N GLY B 222 -3.40 -13.36 19.41
CA GLY B 222 -4.09 -14.65 19.41
C GLY B 222 -3.61 -15.65 18.38
N ALA B 223 -2.69 -15.26 17.50
CA ALA B 223 -2.19 -16.16 16.44
C ALA B 223 -1.14 -17.15 17.00
N VAL B 224 -0.72 -18.09 16.17
CA VAL B 224 0.33 -19.05 16.59
C VAL B 224 1.66 -18.32 16.85
N ASN B 225 2.21 -18.51 18.05
CA ASN B 225 3.45 -17.87 18.48
C ASN B 225 4.66 -18.73 18.15
N PRO B 226 5.85 -18.11 18.05
CA PRO B 226 7.07 -18.90 17.99
C PRO B 226 7.25 -19.73 19.26
N THR B 227 7.91 -20.87 19.14
CA THR B 227 8.25 -21.68 20.30
C THR B 227 9.74 -21.52 20.52
N VAL B 228 10.19 -21.84 21.73
CA VAL B 228 11.58 -21.57 22.13
C VAL B 228 12.22 -22.75 22.88
N LYS B 229 13.51 -22.94 22.64
CA LYS B 229 14.32 -23.91 23.39
C LYS B 229 15.59 -23.20 23.85
N PHE B 230 16.20 -23.69 24.93
CA PHE B 230 17.41 -23.09 25.49
C PHE B 230 18.52 -24.12 25.62
N PHE B 231 19.74 -23.72 25.26
CA PHE B 231 20.89 -24.65 25.22
C PHE B 231 22.16 -24.02 25.78
N VAL B 232 23.06 -24.86 26.27
CA VAL B 232 24.38 -24.41 26.72
C VAL B 232 25.44 -25.33 26.13
N VAL B 233 26.45 -24.73 25.52
CA VAL B 233 27.58 -25.47 24.96
C VAL B 233 28.90 -25.09 25.64
N ASN B 234 29.74 -26.08 25.89
CA ASN B 234 31.06 -25.84 26.46
C ASN B 234 32.04 -25.57 25.33
N THR B 235 32.57 -24.34 25.27
CA THR B 235 33.45 -23.94 24.17
C THR B 235 34.92 -24.35 24.39
N ASP B 236 35.21 -24.89 25.58
CA ASP B 236 36.57 -25.32 25.89
C ASP B 236 36.81 -26.77 25.49
N SER B 237 35.73 -27.50 25.19
CA SER B 237 35.84 -28.90 24.81
C SER B 237 35.35 -29.17 23.38
N LEU B 238 35.52 -28.18 22.51
CA LEU B 238 35.12 -28.30 21.10
C LEU B 238 36.16 -29.10 20.33
N SER B 239 35.71 -29.83 19.30
CA SER B 239 36.58 -30.70 18.52
C SER B 239 36.46 -30.45 17.02
N SER B 240 37.57 -30.60 16.29
CA SER B 240 37.60 -30.49 14.83
C SER B 240 36.94 -31.67 14.13
N VAL B 241 36.81 -32.79 14.83
CA VAL B 241 36.39 -34.05 14.19
C VAL B 241 34.98 -34.50 14.60
N THR B 242 34.51 -34.02 15.75
CA THR B 242 33.18 -34.34 16.26
C THR B 242 32.32 -33.08 16.31
N ASN B 243 31.05 -33.20 15.95
CA ASN B 243 30.10 -32.11 16.11
C ASN B 243 29.94 -31.79 17.60
N ALA B 244 29.72 -30.52 17.89
CA ALA B 244 29.58 -30.02 19.27
C ALA B 244 28.30 -30.52 19.93
N THR B 245 28.38 -30.81 21.21
CA THR B 245 27.21 -31.25 21.98
C THR B 245 26.63 -30.09 22.79
N SER B 246 25.39 -29.72 22.47
CA SER B 246 24.70 -28.68 23.23
C SER B 246 23.78 -29.31 24.26
N ILE B 247 23.81 -28.79 25.48
CA ILE B 247 22.97 -29.34 26.55
C ILE B 247 21.72 -28.47 26.70
N GLN B 248 20.55 -29.12 26.63
CA GLN B 248 19.29 -28.38 26.75
C GLN B 248 18.88 -28.21 28.20
N ILE B 249 18.44 -26.99 28.53
CA ILE B 249 17.75 -26.71 29.79
C ILE B 249 16.29 -26.50 29.41
N THR B 250 15.44 -27.44 29.82
CA THR B 250 14.02 -27.38 29.52
C THR B 250 13.29 -26.45 30.49
N ALA B 251 12.23 -25.80 30.01
CA ALA B 251 11.38 -24.95 30.85
C ALA B 251 10.70 -25.75 31.96
N PRO B 252 10.40 -25.10 33.11
CA PRO B 252 9.70 -25.82 34.19
C PRO B 252 8.34 -26.34 33.77
N ALA B 253 7.84 -27.35 34.48
CA ALA B 253 6.55 -27.96 34.16
C ALA B 253 5.40 -26.95 34.13
N SER B 254 5.45 -25.94 35.01
CA SER B 254 4.42 -24.90 35.08
C SER B 254 4.34 -24.04 33.82
N MET B 255 5.35 -24.15 32.96
CA MET B 255 5.39 -23.39 31.73
C MET B 255 5.04 -24.28 30.57
N LEU B 256 5.53 -25.52 30.61
CA LEU B 256 5.32 -26.49 29.52
C LEU B 256 3.85 -26.84 29.27
N ILE B 257 2.99 -26.58 30.25
CA ILE B 257 1.55 -26.90 30.12
C ILE B 257 0.82 -26.10 29.04
N GLY B 258 1.45 -25.02 28.58
CA GLY B 258 0.87 -24.21 27.51
C GLY B 258 1.90 -23.28 26.86
N ASP B 259 1.42 -22.32 26.06
CA ASP B 259 2.30 -21.34 25.40
C ASP B 259 3.05 -20.51 26.44
N HIS B 260 4.30 -20.18 26.12
CA HIS B 260 5.17 -19.48 27.05
C HIS B 260 6.31 -18.79 26.32
N TYR B 261 7.05 -17.96 27.04
CA TYR B 261 8.22 -17.25 26.50
C TYR B 261 9.44 -17.43 27.41
N LEU B 262 10.62 -17.37 26.82
CA LEU B 262 11.85 -17.15 27.58
C LEU B 262 12.05 -15.62 27.66
N CYS B 263 12.15 -15.05 28.86
CA CYS B 263 12.16 -13.58 28.99
C CYS B 263 13.39 -12.95 29.67
N ASP B 264 14.24 -13.76 30.30
CA ASP B 264 15.49 -13.27 30.86
C ASP B 264 16.51 -14.38 30.93
N VAL B 265 17.76 -14.03 30.62
CA VAL B 265 18.92 -14.93 30.82
C VAL B 265 20.01 -14.15 31.53
N THR B 266 20.42 -14.63 32.72
CA THR B 266 21.46 -13.95 33.50
C THR B 266 22.38 -14.96 34.17
N TRP B 267 23.66 -14.93 33.80
CA TRP B 267 24.67 -15.77 34.44
C TRP B 267 24.90 -15.29 35.88
N ALA B 268 24.97 -16.25 36.81
CA ALA B 268 25.18 -15.95 38.22
C ALA B 268 26.65 -16.16 38.62
N THR B 269 27.21 -17.30 38.23
CA THR B 269 28.64 -17.63 38.44
C THR B 269 29.17 -18.31 37.16
N GLN B 270 30.40 -18.82 37.22
CA GLN B 270 30.97 -19.60 36.11
C GLN B 270 30.18 -20.87 35.80
N GLU B 271 29.42 -21.36 36.78
CA GLU B 271 28.71 -22.65 36.62
C GLU B 271 27.25 -22.62 37.02
N ARG B 272 26.67 -21.42 37.05
CA ARG B 272 25.29 -21.23 37.45
C ARG B 272 24.65 -20.16 36.59
N ILE B 273 23.51 -20.52 36.02
CA ILE B 273 22.79 -19.61 35.13
C ILE B 273 21.34 -19.50 35.62
N SER B 274 20.79 -18.30 35.57
CA SER B 274 19.38 -18.11 35.86
C SER B 274 18.60 -17.78 34.60
N LEU B 275 17.42 -18.39 34.47
CA LEU B 275 16.52 -18.13 33.35
C LEU B 275 15.16 -17.76 33.92
N GLN B 276 14.51 -16.78 33.29
CA GLN B 276 13.14 -16.48 33.64
C GLN B 276 12.23 -16.79 32.48
N TRP B 277 11.11 -17.44 32.79
CA TRP B 277 10.15 -17.91 31.79
C TRP B 277 8.85 -17.21 32.11
N LEU B 278 8.05 -16.95 31.07
CA LEU B 278 6.80 -16.19 31.25
C LEU B 278 5.66 -16.88 30.50
N ARG B 279 4.52 -17.10 31.18
CA ARG B 279 3.37 -17.67 30.51
C ARG B 279 2.84 -16.73 29.43
N ARG B 280 2.19 -17.29 28.42
CA ARG B 280 1.61 -16.44 27.36
C ARG B 280 0.60 -15.47 27.96
N ILE B 281 -0.15 -15.92 28.98
CA ILE B 281 -0.92 -14.99 29.82
C ILE B 281 0.09 -14.47 30.83
N GLN B 282 0.54 -13.24 30.62
CA GLN B 282 1.78 -12.72 31.19
C GLN B 282 1.64 -12.20 32.63
N ASN B 283 0.84 -12.89 33.43
CA ASN B 283 0.73 -12.56 34.84
C ASN B 283 1.37 -13.60 35.76
N TYR B 284 2.21 -14.45 35.17
CA TYR B 284 2.87 -15.55 35.90
C TYR B 284 4.21 -15.85 35.25
N SER B 285 5.27 -15.77 36.04
CA SER B 285 6.63 -16.01 35.57
C SER B 285 7.40 -16.85 36.60
N VAL B 286 8.40 -17.60 36.14
CA VAL B 286 9.21 -18.43 37.03
C VAL B 286 10.69 -18.31 36.69
N MET B 287 11.50 -18.09 37.71
CA MET B 287 12.97 -18.13 37.58
C MET B 287 13.51 -19.50 37.98
N ASP B 288 14.28 -20.12 37.09
CA ASP B 288 15.05 -21.32 37.38
C ASP B 288 16.50 -20.92 37.61
N ILE B 289 17.16 -21.60 38.53
CA ILE B 289 18.56 -21.36 38.82
C ILE B 289 19.27 -22.70 38.62
N CYS B 290 20.12 -22.76 37.58
CA CYS B 290 20.62 -24.03 37.06
C CYS B 290 22.13 -24.17 37.22
N ASP B 291 22.57 -25.29 37.79
CA ASP B 291 23.99 -25.55 38.06
C ASP B 291 24.54 -26.62 37.14
N TYR B 292 25.75 -26.41 36.65
CA TYR B 292 26.45 -27.42 35.87
C TYR B 292 26.87 -28.61 36.74
N ASP B 293 26.62 -29.82 36.24
CA ASP B 293 26.98 -31.05 36.94
C ASP B 293 28.11 -31.72 36.16
N GLU B 294 29.31 -31.58 36.70
CA GLU B 294 30.57 -31.98 36.08
C GLU B 294 30.72 -33.48 35.82
N SER B 295 29.85 -34.30 36.42
CA SER B 295 29.95 -35.75 36.27
C SER B 295 28.90 -36.33 35.30
N SER B 296 27.70 -35.76 35.33
CA SER B 296 26.65 -36.17 34.40
C SER B 296 26.71 -35.35 33.12
N GLY B 297 27.28 -34.16 33.21
CA GLY B 297 27.35 -33.22 32.10
C GLY B 297 26.05 -32.47 31.84
N ARG B 298 25.10 -32.58 32.78
CA ARG B 298 23.81 -31.93 32.65
C ARG B 298 23.80 -30.57 33.35
N TRP B 299 22.83 -29.74 33.02
CA TRP B 299 22.52 -28.56 33.80
C TRP B 299 21.24 -28.86 34.59
N ASN B 300 21.35 -28.81 35.92
CA ASN B 300 20.23 -29.15 36.80
C ASN B 300 19.67 -27.93 37.49
N CYS B 301 18.35 -27.76 37.42
CA CYS B 301 17.68 -26.63 38.04
C CYS B 301 16.82 -27.15 39.20
N LEU B 302 17.33 -27.00 40.43
CA LEU B 302 16.65 -27.54 41.61
C LEU B 302 15.33 -26.81 41.88
N VAL B 303 14.27 -27.57 42.15
CA VAL B 303 12.93 -27.01 42.39
C VAL B 303 12.94 -26.08 43.60
N ALA B 304 13.74 -26.42 44.61
CA ALA B 304 13.92 -25.61 45.80
C ALA B 304 14.45 -24.21 45.50
N ARG B 305 15.04 -24.05 44.31
CA ARG B 305 15.63 -22.76 43.91
C ARG B 305 14.79 -21.98 42.88
N GLN B 306 13.58 -22.46 42.62
CA GLN B 306 12.64 -21.74 41.74
C GLN B 306 12.05 -20.54 42.44
N HIS B 307 11.87 -19.45 41.71
CA HIS B 307 11.22 -18.27 42.23
C HIS B 307 10.07 -17.82 41.34
N ILE B 308 8.87 -17.76 41.93
CA ILE B 308 7.65 -17.43 41.19
C ILE B 308 7.36 -15.95 41.37
N GLU B 309 7.01 -15.29 40.28
CA GLU B 309 6.62 -13.89 40.35
C GLU B 309 5.31 -13.76 39.59
N MET B 310 4.27 -13.33 40.30
CA MET B 310 2.94 -13.20 39.69
C MET B 310 2.26 -11.88 40.02
N SER B 311 1.25 -11.52 39.22
CA SER B 311 0.47 -10.31 39.47
C SER B 311 -1.03 -10.61 39.42
N THR B 312 -1.76 -10.13 40.42
CA THR B 312 -3.22 -10.25 40.47
C THR B 312 -3.93 -9.06 39.78
N THR B 313 -3.23 -7.95 39.64
CA THR B 313 -3.82 -6.70 39.11
C THR B 313 -3.47 -6.43 37.63
N GLY B 314 -2.38 -7.02 37.16
CA GLY B 314 -1.94 -6.79 35.79
C GLY B 314 -1.00 -7.87 35.32
N TRP B 315 0.04 -7.44 34.61
CA TRP B 315 1.06 -8.30 34.04
C TRP B 315 2.30 -8.28 34.95
N VAL B 316 3.31 -9.10 34.66
CA VAL B 316 4.54 -9.12 35.48
C VAL B 316 5.60 -8.22 34.88
N GLY B 317 6.13 -7.31 35.69
CA GLY B 317 7.18 -6.38 35.29
C GLY B 317 6.65 -5.15 34.58
N ARG B 318 7.54 -4.19 34.32
CA ARG B 318 7.11 -3.02 33.58
C ARG B 318 6.73 -3.41 32.14
N PHE B 319 7.69 -3.99 31.43
CA PHE B 319 7.45 -4.58 30.09
C PHE B 319 7.78 -6.08 30.06
N ARG B 320 8.43 -6.56 31.12
CA ARG B 320 8.78 -7.98 31.32
C ARG B 320 9.38 -8.11 32.74
N PRO B 321 9.46 -9.34 33.29
CA PRO B 321 10.12 -9.52 34.59
C PRO B 321 11.54 -8.93 34.61
N SER B 322 11.93 -8.32 35.73
CA SER B 322 13.19 -7.59 35.86
C SER B 322 14.39 -8.55 35.93
N GLU B 323 15.59 -8.03 35.65
CA GLU B 323 16.81 -8.85 35.71
C GLU B 323 17.35 -8.93 37.15
N PRO B 324 17.81 -10.13 37.58
CA PRO B 324 18.46 -10.29 38.89
C PRO B 324 19.92 -9.85 38.84
N HIS B 325 20.43 -9.42 39.99
CA HIS B 325 21.82 -9.04 40.15
C HIS B 325 22.39 -9.93 41.24
N PHE B 326 23.20 -10.89 40.85
CA PHE B 326 23.73 -11.88 41.80
C PHE B 326 24.94 -11.39 42.59
N THR B 327 25.01 -11.78 43.86
CA THR B 327 26.17 -11.51 44.70
C THR B 327 27.39 -12.28 44.20
N LEU B 328 28.56 -11.94 44.73
CA LEU B 328 29.82 -12.56 44.33
C LEU B 328 29.74 -14.10 44.29
N ASP B 329 29.25 -14.70 45.37
CA ASP B 329 29.17 -16.15 45.47
C ASP B 329 27.98 -16.78 44.73
N GLY B 330 27.11 -15.94 44.17
CA GLY B 330 25.96 -16.40 43.40
C GLY B 330 24.87 -17.07 44.22
N ASN B 331 24.92 -16.91 45.54
CA ASN B 331 23.98 -17.53 46.46
C ASN B 331 22.83 -16.64 46.88
N SER B 332 22.92 -15.36 46.53
CA SER B 332 21.77 -14.48 46.68
C SER B 332 21.71 -13.45 45.56
N PHE B 333 20.62 -12.71 45.49
CA PHE B 333 20.45 -11.75 44.40
C PHE B 333 19.48 -10.63 44.74
N TYR B 334 19.65 -9.52 44.04
CA TYR B 334 18.77 -8.37 44.19
C TYR B 334 17.98 -8.20 42.89
N LYS B 335 16.70 -7.86 43.04
CA LYS B 335 15.81 -7.78 41.90
C LYS B 335 14.69 -6.76 42.19
N ILE B 336 14.35 -5.95 41.19
CA ILE B 336 13.20 -5.05 41.33
C ILE B 336 11.88 -5.81 41.17
N ILE B 337 11.07 -5.77 42.23
CA ILE B 337 9.71 -6.30 42.15
C ILE B 337 8.69 -5.32 42.77
N SER B 338 7.44 -5.45 42.34
CA SER B 338 6.37 -4.64 42.86
C SER B 338 6.07 -5.07 44.30
N ASN B 339 6.11 -4.11 45.22
CA ASN B 339 5.78 -4.41 46.62
C ASN B 339 4.25 -4.56 46.83
N GLU B 340 3.81 -4.74 48.08
CA GLU B 340 2.38 -5.00 48.32
C GLU B 340 1.47 -3.86 47.90
N GLU B 341 1.97 -2.63 47.99
CA GLU B 341 1.19 -1.47 47.60
C GLU B 341 1.24 -1.25 46.08
N GLY B 342 2.14 -1.95 45.40
CA GLY B 342 2.24 -1.81 43.95
C GLY B 342 3.34 -0.90 43.47
N TYR B 343 4.25 -0.50 44.37
CA TYR B 343 5.41 0.31 43.98
C TYR B 343 6.64 -0.59 43.77
N ARG B 344 7.39 -0.34 42.70
CA ARG B 344 8.57 -1.15 42.39
C ARG B 344 9.81 -0.78 43.21
N HIS B 345 10.29 -1.75 43.98
CA HIS B 345 11.42 -1.59 44.89
C HIS B 345 12.38 -2.77 44.81
N ILE B 346 13.56 -2.59 45.38
CA ILE B 346 14.57 -3.65 45.39
C ILE B 346 14.32 -4.67 46.50
N CYS B 347 14.20 -5.93 46.10
CA CYS B 347 14.03 -7.06 47.01
C CYS B 347 15.30 -7.91 46.98
N TYR B 348 15.68 -8.42 48.15
CA TYR B 348 16.89 -9.20 48.34
C TYR B 348 16.49 -10.66 48.60
N PHE B 349 16.99 -11.56 47.74
CA PHE B 349 16.62 -12.98 47.74
C PHE B 349 17.81 -13.85 48.10
N GLN B 350 17.57 -14.93 48.85
CA GLN B 350 18.51 -16.05 48.93
C GLN B 350 18.03 -17.09 47.94
N ILE B 351 18.94 -17.73 47.21
CA ILE B 351 18.54 -18.55 46.07
C ILE B 351 17.63 -19.73 46.44
N ASP B 352 17.70 -20.19 47.69
CA ASP B 352 16.87 -21.33 48.12
C ASP B 352 15.77 -20.94 49.11
N LYS B 353 15.46 -19.65 49.21
CA LYS B 353 14.38 -19.18 50.08
C LYS B 353 13.25 -18.49 49.31
N LYS B 354 12.01 -18.85 49.64
CA LYS B 354 10.81 -18.32 48.97
C LYS B 354 10.64 -16.81 49.18
N ASP B 355 10.72 -16.37 50.43
CA ASP B 355 10.42 -14.96 50.74
C ASP B 355 11.65 -14.09 50.57
N CYS B 356 11.48 -12.93 49.95
CA CYS B 356 12.54 -11.93 49.85
C CYS B 356 12.28 -10.78 50.83
N THR B 357 13.30 -9.93 51.01
CA THR B 357 13.24 -8.81 51.93
C THR B 357 13.42 -7.53 51.12
N PHE B 358 12.44 -6.63 51.20
CA PHE B 358 12.57 -5.33 50.54
C PHE B 358 13.59 -4.46 51.22
N ILE B 359 14.54 -3.96 50.44
CA ILE B 359 15.59 -3.08 51.01
C ILE B 359 15.31 -1.60 50.76
N THR B 360 14.41 -1.30 49.82
CA THR B 360 13.88 0.05 49.65
C THR B 360 12.37 0.04 49.78
N LYS B 361 11.80 1.18 50.13
CA LYS B 361 10.34 1.31 50.26
C LYS B 361 9.96 2.77 50.10
N GLY B 362 8.67 3.03 49.90
CA GLY B 362 8.18 4.39 49.73
C GLY B 362 7.25 4.51 48.54
N THR B 363 6.60 5.66 48.43
CA THR B 363 5.66 5.89 47.34
C THR B 363 6.39 6.60 46.19
N TRP B 364 7.40 5.91 45.67
CA TRP B 364 8.19 6.33 44.52
C TRP B 364 8.75 5.01 43.98
N GLU B 365 9.46 5.02 42.86
CA GLU B 365 9.90 3.74 42.32
C GLU B 365 11.38 3.71 42.02
N VAL B 366 11.97 2.52 42.17
CA VAL B 366 13.31 2.24 41.65
C VAL B 366 13.15 2.00 40.13
N ILE B 367 13.89 2.77 39.34
CA ILE B 367 13.91 2.67 37.87
C ILE B 367 14.78 1.50 37.41
N GLY B 368 15.96 1.35 38.00
CA GLY B 368 16.86 0.26 37.64
C GLY B 368 18.01 0.10 38.62
N ILE B 369 18.46 -1.14 38.79
CA ILE B 369 19.68 -1.43 39.57
C ILE B 369 20.83 -1.29 38.59
N GLU B 370 21.83 -0.47 38.93
CA GLU B 370 22.90 -0.12 37.97
C GLU B 370 24.25 -0.80 38.23
N ALA B 371 24.56 -1.04 39.50
CA ALA B 371 25.82 -1.71 39.88
C ALA B 371 25.66 -2.35 41.25
N LEU B 372 26.34 -3.48 41.45
CA LEU B 372 26.33 -4.15 42.73
C LEU B 372 27.76 -4.42 43.16
N THR B 373 28.10 -4.01 44.37
CA THR B 373 29.39 -4.37 44.97
C THR B 373 29.09 -5.15 46.23
N SER B 374 30.12 -5.55 46.96
CA SER B 374 29.91 -6.29 48.21
C SER B 374 29.35 -5.38 49.29
N ASP B 375 29.66 -4.09 49.16
CA ASP B 375 29.40 -3.01 50.09
CA ASP B 375 29.28 -3.14 50.18
C ASP B 375 28.08 -2.27 49.83
N TYR B 376 27.82 -2.03 48.55
CA TYR B 376 26.76 -1.12 48.12
C TYR B 376 26.01 -1.63 46.92
N LEU B 377 24.73 -1.29 46.86
CA LEU B 377 23.99 -1.40 45.62
C LEU B 377 23.68 0.00 45.10
N TYR B 378 23.98 0.23 43.82
CA TYR B 378 23.74 1.53 43.17
C TYR B 378 22.50 1.46 42.27
N TYR B 379 21.61 2.43 42.41
CA TYR B 379 20.34 2.40 41.67
C TYR B 379 19.88 3.79 41.26
N ILE B 380 19.02 3.85 40.24
CA ILE B 380 18.38 5.10 39.83
C ILE B 380 16.93 5.05 40.31
N SER B 381 16.44 6.15 40.87
CA SER B 381 15.04 6.24 41.27
C SER B 381 14.48 7.64 41.04
N ASN B 382 13.14 7.75 41.11
CA ASN B 382 12.48 9.07 41.09
C ASN B 382 12.04 9.54 42.47
N GLU B 383 12.79 9.16 43.52
CA GLU B 383 12.44 9.57 44.89
C GLU B 383 12.51 11.08 45.10
N TYR B 384 13.54 11.70 44.53
CA TYR B 384 13.89 13.07 44.88
C TYR B 384 12.76 14.05 44.62
N LYS B 385 12.37 14.77 45.67
CA LYS B 385 11.32 15.79 45.60
C LYS B 385 9.96 15.24 45.16
N GLY B 386 9.79 13.92 45.28
CA GLY B 386 8.56 13.24 44.86
C GLY B 386 8.16 13.54 43.42
N MET B 387 9.16 13.68 42.55
CA MET B 387 8.91 13.99 41.15
C MET B 387 9.11 12.74 40.32
N PRO B 388 8.00 12.13 39.83
CA PRO B 388 8.08 10.87 39.10
C PRO B 388 8.83 11.03 37.76
N GLY B 389 8.94 12.27 37.28
CA GLY B 389 9.60 12.59 36.01
C GLY B 389 11.06 13.02 36.15
N GLY B 390 11.61 12.90 37.37
CA GLY B 390 13.04 13.12 37.62
C GLY B 390 13.75 11.80 37.91
N ARG B 391 15.07 11.78 37.77
CA ARG B 391 15.85 10.55 37.94
C ARG B 391 17.17 10.92 38.62
N ASN B 392 17.50 10.20 39.69
CA ASN B 392 18.78 10.38 40.40
C ASN B 392 19.45 9.08 40.79
N LEU B 393 20.77 9.12 40.93
CA LEU B 393 21.55 7.97 41.34
C LEU B 393 21.70 7.96 42.85
N TYR B 394 21.43 6.79 43.45
CA TYR B 394 21.58 6.57 44.88
C TYR B 394 22.46 5.34 45.11
N LYS B 395 23.03 5.26 46.31
CA LYS B 395 23.59 4.01 46.80
C LYS B 395 22.97 3.65 48.14
N ILE B 396 22.69 2.37 48.33
CA ILE B 396 22.24 1.86 49.61
C ILE B 396 23.31 0.91 50.19
N GLN B 397 23.65 1.10 51.47
CA GLN B 397 24.66 0.30 52.12
C GLN B 397 24.09 -1.09 52.39
N LEU B 398 24.74 -2.13 51.89
CA LEU B 398 24.16 -3.48 52.00
C LEU B 398 24.16 -4.08 53.42
N SER B 399 24.99 -3.53 54.30
CA SER B 399 25.05 -3.97 55.69
C SER B 399 24.10 -3.18 56.59
N ASP B 400 23.48 -2.12 56.06
CA ASP B 400 22.63 -1.24 56.85
C ASP B 400 21.72 -0.41 55.93
N TYR B 401 20.47 -0.85 55.80
CA TYR B 401 19.54 -0.25 54.83
C TYR B 401 19.10 1.17 55.16
N THR B 402 19.37 1.63 56.39
CA THR B 402 19.08 3.02 56.76
C THR B 402 20.08 4.00 56.16
N LYS B 403 21.20 3.48 55.63
CA LYS B 403 22.22 4.37 55.08
C LYS B 403 22.10 4.43 53.55
N VAL B 404 21.25 5.35 53.09
CA VAL B 404 21.03 5.60 51.65
C VAL B 404 21.56 7.00 51.34
N THR B 405 22.41 7.11 50.32
CA THR B 405 23.03 8.38 49.95
C THR B 405 22.61 8.73 48.53
N CYS B 406 22.06 9.93 48.34
CA CYS B 406 21.84 10.40 46.96
C CYS B 406 23.17 10.91 46.43
N LEU B 407 23.60 10.37 45.30
CA LEU B 407 24.89 10.71 44.72
C LEU B 407 24.83 11.84 43.69
N SER B 408 23.65 12.08 43.13
CA SER B 408 23.50 13.10 42.08
C SER B 408 22.56 14.28 42.40
N CYS B 409 21.69 14.11 43.40
CA CYS B 409 20.60 15.05 43.68
C CYS B 409 21.07 16.48 43.81
N GLU B 410 22.19 16.68 44.51
CA GLU B 410 22.67 18.01 44.88
C GLU B 410 23.82 18.56 44.03
N LEU B 411 24.28 17.78 43.04
CA LEU B 411 25.43 18.20 42.22
C LEU B 411 25.17 19.54 41.56
N ASN B 412 24.00 19.67 40.92
CA ASN B 412 23.61 20.89 40.24
C ASN B 412 22.08 20.90 40.08
N PRO B 413 21.35 21.19 41.17
CA PRO B 413 19.89 20.93 41.22
C PRO B 413 19.05 21.78 40.25
N GLU B 414 19.53 22.96 39.87
CA GLU B 414 18.81 23.80 38.91
C GLU B 414 18.94 23.26 37.48
N ARG B 415 20.11 22.74 37.14
CA ARG B 415 20.38 22.28 35.78
C ARG B 415 20.05 20.80 35.59
N CYS B 416 20.20 20.01 36.65
CA CYS B 416 20.25 18.56 36.50
C CYS B 416 19.30 17.83 37.43
N GLN B 417 18.21 17.32 36.85
CA GLN B 417 17.21 16.56 37.59
C GLN B 417 16.93 15.17 37.00
N TYR B 418 17.64 14.79 35.94
CA TYR B 418 17.40 13.53 35.23
C TYR B 418 18.76 12.95 34.87
N TYR B 419 19.14 11.90 35.57
CA TYR B 419 20.45 11.28 35.36
C TYR B 419 20.31 9.84 34.88
N SER B 420 21.29 9.42 34.07
CA SER B 420 21.64 8.01 33.90
C SER B 420 23.13 7.86 34.26
N VAL B 421 23.63 6.64 34.30
CA VAL B 421 24.99 6.41 34.81
C VAL B 421 25.66 5.26 34.08
N SER B 422 26.99 5.29 34.03
CA SER B 422 27.78 4.18 33.51
C SER B 422 28.97 3.90 34.44
N PHE B 423 28.97 2.73 35.07
CA PHE B 423 30.02 2.33 36.00
C PHE B 423 31.14 1.59 35.28
N SER B 424 32.34 1.69 35.84
CA SER B 424 33.49 0.91 35.36
C SER B 424 33.27 -0.57 35.71
N LYS B 425 34.14 -1.44 35.21
CA LYS B 425 33.93 -2.90 35.26
C LYS B 425 33.61 -3.48 36.64
N GLU B 426 34.30 -2.99 37.66
CA GLU B 426 34.02 -3.35 39.05
C GLU B 426 33.57 -2.14 39.88
N ALA B 427 32.99 -1.13 39.21
CA ALA B 427 32.35 0.01 39.88
C ALA B 427 33.27 0.91 40.70
N LYS B 428 34.57 0.91 40.41
CA LYS B 428 35.51 1.84 41.05
C LYS B 428 35.18 3.30 40.68
N TYR B 429 34.66 3.47 39.45
CA TYR B 429 34.32 4.80 38.92
C TYR B 429 32.95 4.78 38.26
N TYR B 430 32.33 5.95 38.15
CA TYR B 430 31.09 6.11 37.38
C TYR B 430 31.04 7.43 36.64
N GLN B 431 30.48 7.37 35.42
CA GLN B 431 30.17 8.58 34.66
C GLN B 431 28.70 8.91 34.85
N LEU B 432 28.41 10.13 35.29
CA LEU B 432 27.02 10.62 35.33
C LEU B 432 26.67 11.38 34.06
N ARG B 433 25.46 11.10 33.56
CA ARG B 433 24.91 11.76 32.38
C ARG B 433 23.60 12.45 32.77
N CYS B 434 23.66 13.78 32.88
CA CYS B 434 22.50 14.60 33.17
C CYS B 434 21.89 15.01 31.84
N SER B 435 20.56 14.90 31.71
CA SER B 435 19.90 15.18 30.44
C SER B 435 18.85 16.27 30.54
N GLY B 436 18.76 16.90 31.71
CA GLY B 436 17.93 18.10 31.86
C GLY B 436 17.58 18.40 33.30
N PRO B 437 16.83 19.49 33.53
CA PRO B 437 16.16 20.35 32.53
C PRO B 437 17.08 21.30 31.76
N GLY B 438 18.33 21.46 32.21
CA GLY B 438 19.33 22.25 31.48
C GLY B 438 20.00 21.44 30.38
N LEU B 439 21.05 21.99 29.79
CA LEU B 439 21.79 21.27 28.75
C LEU B 439 22.51 20.05 29.33
N PRO B 440 22.66 18.98 28.52
CA PRO B 440 23.29 17.77 29.03
C PRO B 440 24.68 18.01 29.59
N LEU B 441 24.98 17.32 30.69
CA LEU B 441 26.23 17.50 31.40
C LEU B 441 26.77 16.13 31.77
N TYR B 442 28.01 15.86 31.36
CA TYR B 442 28.67 14.57 31.58
C TYR B 442 29.87 14.75 32.49
N THR B 443 29.90 13.98 33.58
CA THR B 443 30.93 14.10 34.61
C THR B 443 31.46 12.74 35.06
N LEU B 444 32.68 12.72 35.59
CA LEU B 444 33.28 11.49 36.07
C LEU B 444 33.52 11.55 37.59
N HIS B 445 33.33 10.41 38.26
CA HIS B 445 33.36 10.30 39.73
C HIS B 445 34.07 9.03 40.18
N SER B 446 34.66 9.04 41.38
CA SER B 446 35.18 7.81 41.99
C SER B 446 34.26 7.35 43.12
N SER B 447 34.04 6.04 43.19
CA SER B 447 33.12 5.45 44.16
C SER B 447 33.60 5.48 45.62
N VAL B 448 34.92 5.40 45.86
CA VAL B 448 35.42 5.24 47.24
C VAL B 448 34.89 6.30 48.23
N ASN B 449 34.93 7.58 47.86
CA ASN B 449 34.38 8.67 48.68
C ASN B 449 33.46 9.59 47.85
N ASP B 450 32.97 9.08 46.71
CA ASP B 450 32.11 9.86 45.79
C ASP B 450 32.67 11.24 45.41
N LYS B 451 33.98 11.31 45.16
CA LYS B 451 34.62 12.53 44.68
C LYS B 451 34.20 12.80 43.24
N GLY B 452 34.03 14.08 42.91
CA GLY B 452 33.74 14.50 41.54
C GLY B 452 35.08 14.80 40.90
N LEU B 453 35.50 13.94 39.97
CA LEU B 453 36.85 14.04 39.41
C LEU B 453 36.96 15.13 38.35
N ARG B 454 36.12 15.07 37.32
CA ARG B 454 36.16 16.08 36.27
C ARG B 454 34.91 16.18 35.44
N VAL B 455 34.78 17.34 34.79
CA VAL B 455 33.76 17.62 33.79
C VAL B 455 34.26 17.04 32.46
N LEU B 456 33.48 16.13 31.88
CA LEU B 456 33.83 15.51 30.60
C LEU B 456 33.26 16.28 29.40
N GLU B 457 32.01 16.74 29.52
CA GLU B 457 31.38 17.52 28.47
C GLU B 457 30.25 18.35 29.09
N ASP B 458 30.31 19.68 28.91
CA ASP B 458 29.31 20.54 29.52
C ASP B 458 28.42 21.30 28.52
N ASN B 459 28.61 21.05 27.23
CA ASN B 459 27.78 21.71 26.20
C ASN B 459 27.84 23.26 26.25
N SER B 460 28.96 23.80 26.72
CA SER B 460 29.13 25.27 26.72
C SER B 460 29.07 25.90 25.30
N ALA B 461 29.52 25.17 24.27
CA ALA B 461 29.44 25.67 22.89
C ALA B 461 27.98 25.88 22.46
N LEU B 462 27.13 24.88 22.67
CA LEU B 462 25.71 25.00 22.38
C LEU B 462 25.05 26.09 23.22
N ASP B 463 25.40 26.18 24.50
CA ASP B 463 24.90 27.25 25.37
C ASP B 463 25.16 28.64 24.78
N LYS B 464 26.38 28.85 24.32
CA LYS B 464 26.80 30.10 23.67
C LYS B 464 25.91 30.38 22.44
N MET B 465 25.64 29.36 21.64
CA MET B 465 24.76 29.50 20.47
C MET B 465 23.32 29.85 20.85
N LEU B 466 22.77 29.19 21.87
CA LEU B 466 21.35 29.35 22.22
C LEU B 466 21.02 30.69 22.89
N GLN B 467 22.04 31.37 23.40
CA GLN B 467 21.86 32.71 23.96
C GLN B 467 21.36 33.69 22.92
N ASN B 468 21.69 33.42 21.66
CA ASN B 468 21.27 34.24 20.52
C ASN B 468 19.90 33.84 19.94
N VAL B 469 19.19 32.94 20.63
CA VAL B 469 17.92 32.40 20.15
C VAL B 469 16.80 32.60 21.18
N GLN B 470 15.61 32.96 20.71
CA GLN B 470 14.46 33.05 21.61
C GLN B 470 13.91 31.65 21.86
N MET B 471 14.41 30.98 22.89
CA MET B 471 14.03 29.60 23.17
C MET B 471 12.77 29.51 24.01
N PRO B 472 11.99 28.42 23.86
CA PRO B 472 10.83 28.25 24.72
C PRO B 472 11.26 27.81 26.11
N SER B 473 10.32 27.82 27.04
CA SER B 473 10.55 27.27 28.36
C SER B 473 9.67 26.05 28.57
N LYS B 474 9.91 25.33 29.65
CA LYS B 474 9.16 24.12 29.95
C LYS B 474 8.62 24.22 31.37
N LYS B 475 7.30 24.08 31.51
CA LYS B 475 6.67 24.01 32.82
C LYS B 475 6.31 22.56 33.13
N LEU B 476 6.71 22.07 34.30
CA LEU B 476 6.31 20.74 34.76
C LEU B 476 5.51 20.90 36.03
N ASP B 477 4.27 20.44 36.01
CA ASP B 477 3.37 20.58 37.17
C ASP B 477 2.38 19.41 37.19
N PHE B 478 1.38 19.48 38.07
CA PHE B 478 0.37 18.45 38.17
C PHE B 478 -1.05 19.02 38.29
N ILE B 479 -2.03 18.17 38.00
CA ILE B 479 -3.43 18.42 38.28
C ILE B 479 -3.95 17.26 39.13
N ILE B 480 -5.00 17.51 39.92
CA ILE B 480 -5.52 16.51 40.85
C ILE B 480 -6.86 15.95 40.37
N LEU B 481 -6.87 14.66 40.03
CA LEU B 481 -8.10 13.94 39.69
C LEU B 481 -8.36 12.85 40.72
N ASN B 482 -9.52 12.89 41.38
CA ASN B 482 -9.91 11.90 42.38
C ASN B 482 -8.86 11.68 43.47
N GLU B 483 -8.39 12.77 44.06
CA GLU B 483 -7.33 12.75 45.09
C GLU B 483 -6.02 12.12 44.57
N THR B 484 -5.88 12.02 43.25
CA THR B 484 -4.64 11.52 42.66
C THR B 484 -4.02 12.58 41.78
N LYS B 485 -2.73 12.85 42.00
CA LYS B 485 -2.04 13.81 41.16
C LYS B 485 -1.57 13.13 39.87
N PHE B 486 -1.76 13.84 38.77
CA PHE B 486 -1.30 13.42 37.47
C PHE B 486 -0.51 14.56 36.86
N TRP B 487 0.70 14.24 36.42
CA TRP B 487 1.69 15.23 36.00
C TRP B 487 1.53 15.60 34.53
N TYR B 488 1.77 16.87 34.20
CA TYR B 488 1.82 17.32 32.82
C TYR B 488 3.03 18.22 32.59
N GLN B 489 3.41 18.38 31.34
CA GLN B 489 4.38 19.42 30.97
C GLN B 489 3.83 20.30 29.87
N MET B 490 4.31 21.55 29.82
CA MET B 490 3.99 22.46 28.73
C MET B 490 5.26 23.09 28.18
N ILE B 491 5.44 23.00 26.87
CA ILE B 491 6.46 23.75 26.18
C ILE B 491 5.84 25.10 25.86
N LEU B 492 6.36 26.14 26.53
CA LEU B 492 5.79 27.49 26.47
C LEU B 492 6.58 28.42 25.57
N PRO B 493 5.88 29.19 24.70
CA PRO B 493 6.53 30.18 23.84
C PRO B 493 7.40 31.17 24.63
N PRO B 494 8.47 31.68 23.99
CA PRO B 494 9.29 32.73 24.61
C PRO B 494 8.43 33.92 24.98
N HIS B 495 8.85 34.68 25.99
CA HIS B 495 8.09 35.85 26.48
C HIS B 495 6.63 35.51 26.77
N PHE B 496 6.39 34.30 27.29
CA PHE B 496 5.06 33.81 27.62
C PHE B 496 4.32 34.77 28.56
N ASP B 497 3.12 35.15 28.17
CA ASP B 497 2.29 36.10 28.88
C ASP B 497 0.95 35.46 29.22
N LYS B 498 0.72 35.19 30.50
CA LYS B 498 -0.48 34.47 30.92
C LYS B 498 -1.80 35.22 30.73
N SER B 499 -1.71 36.51 30.39
CA SER B 499 -2.90 37.31 30.08
C SER B 499 -3.28 37.16 28.61
N LYS B 500 -2.43 36.50 27.82
CA LYS B 500 -2.69 36.26 26.40
C LYS B 500 -3.23 34.84 26.19
N LYS B 501 -3.94 34.62 25.08
CA LYS B 501 -4.53 33.32 24.79
C LYS B 501 -3.81 32.63 23.64
N TYR B 502 -3.21 31.47 23.94
CA TYR B 502 -2.40 30.73 22.98
C TYR B 502 -3.14 29.48 22.50
N PRO B 503 -2.96 29.12 21.21
CA PRO B 503 -3.42 27.79 20.78
C PRO B 503 -2.57 26.70 21.44
N LEU B 504 -3.15 25.52 21.61
CA LEU B 504 -2.49 24.44 22.33
C LEU B 504 -2.51 23.16 21.49
N LEU B 505 -1.36 22.51 21.42
CA LEU B 505 -1.27 21.21 20.81
C LEU B 505 -0.96 20.19 21.90
N LEU B 506 -1.82 19.18 22.01
CA LEU B 506 -1.60 18.09 22.95
C LEU B 506 -0.76 17.00 22.26
N ASP B 507 0.48 16.84 22.69
CA ASP B 507 1.41 15.85 22.16
C ASP B 507 1.23 14.59 23.03
N VAL B 508 0.71 13.52 22.43
CA VAL B 508 0.30 12.35 23.20
C VAL B 508 1.06 11.08 22.79
N TYR B 509 1.37 10.25 23.79
CA TYR B 509 1.75 8.87 23.52
C TYR B 509 0.82 7.95 24.33
N ALA B 510 1.03 7.89 25.64
CA ALA B 510 0.08 7.35 26.60
C ALA B 510 -0.06 5.82 26.59
N GLY B 511 0.91 5.15 25.98
CA GLY B 511 1.03 3.68 26.07
C GLY B 511 1.31 3.23 27.51
N PRO B 512 0.96 1.98 27.84
CA PRO B 512 1.18 1.50 29.20
C PRO B 512 2.64 1.61 29.61
N CYS B 513 2.85 2.10 30.84
CA CYS B 513 4.16 2.38 31.44
C CYS B 513 4.96 3.49 30.75
N SER B 514 4.30 4.35 30.00
CA SER B 514 5.03 5.45 29.36
C SER B 514 5.05 6.69 30.24
N GLN B 515 5.91 7.64 29.90
CA GLN B 515 6.02 8.89 30.63
C GLN B 515 6.36 10.00 29.66
N LYS B 516 5.45 10.98 29.53
CA LYS B 516 5.63 12.11 28.63
C LYS B 516 5.85 13.43 29.36
N ALA B 517 5.70 13.43 30.69
CA ALA B 517 5.96 14.61 31.50
C ALA B 517 7.24 14.35 32.28
N ASP B 518 8.33 15.01 31.90
CA ASP B 518 9.60 14.77 32.57
C ASP B 518 10.51 16.00 32.56
N THR B 519 11.71 15.86 33.10
CA THR B 519 12.61 16.99 33.21
C THR B 519 13.71 16.96 32.15
N VAL B 520 13.54 16.15 31.10
CA VAL B 520 14.55 16.06 30.01
C VAL B 520 14.51 17.29 29.08
N PHE B 521 15.70 17.79 28.70
CA PHE B 521 15.84 18.86 27.73
C PHE B 521 15.83 18.27 26.31
N ARG B 522 14.91 18.74 25.47
CA ARG B 522 14.81 18.25 24.09
C ARG B 522 14.82 19.39 23.08
N LEU B 523 15.41 19.14 21.92
CA LEU B 523 15.27 20.03 20.77
C LEU B 523 14.51 19.27 19.70
N ASN B 524 13.25 19.64 19.48
CA ASN B 524 12.40 18.84 18.61
C ASN B 524 11.35 19.71 17.92
N TRP B 525 10.37 19.08 17.31
CA TRP B 525 9.31 19.80 16.57
C TRP B 525 8.57 20.76 17.50
N ALA B 526 8.23 20.30 18.71
CA ALA B 526 7.60 21.14 19.72
C ALA B 526 8.39 22.41 20.02
N THR B 527 9.73 22.30 20.06
CA THR B 527 10.58 23.48 20.27
C THR B 527 10.30 24.54 19.22
N TYR B 528 10.20 24.11 17.95
CA TYR B 528 9.89 25.01 16.85
C TYR B 528 8.47 25.60 16.97
N LEU B 529 7.48 24.74 17.22
CA LEU B 529 6.09 25.18 17.32
C LEU B 529 5.90 26.25 18.38
N ALA B 530 6.56 26.07 19.53
CA ALA B 530 6.50 27.04 20.61
C ALA B 530 7.33 28.28 20.31
N SER B 531 8.59 28.10 19.90
CA SER B 531 9.49 29.24 19.64
C SER B 531 9.08 30.14 18.47
N THR B 532 8.73 29.52 17.35
CA THR B 532 8.44 30.26 16.13
C THR B 532 6.95 30.51 15.93
N GLU B 533 6.12 29.50 16.18
CA GLU B 533 4.70 29.64 15.90
C GLU B 533 3.87 30.08 17.12
N ASN B 534 4.52 30.22 18.27
CA ASN B 534 3.83 30.59 19.52
C ASN B 534 2.67 29.66 19.90
N ILE B 535 2.90 28.36 19.75
CA ILE B 535 1.93 27.33 20.17
C ILE B 535 2.43 26.70 21.47
N ILE B 536 1.55 26.55 22.46
CA ILE B 536 1.88 25.77 23.64
C ILE B 536 1.78 24.27 23.29
N VAL B 537 2.81 23.49 23.61
CA VAL B 537 2.77 22.04 23.36
C VAL B 537 2.72 21.32 24.71
N ALA B 538 1.57 20.73 25.01
CA ALA B 538 1.38 20.08 26.30
C ALA B 538 1.40 18.55 26.17
N SER B 539 1.80 17.87 27.23
CA SER B 539 1.71 16.41 27.33
C SER B 539 1.28 16.07 28.75
N PHE B 540 0.57 14.95 28.91
CA PHE B 540 -0.08 14.59 30.16
C PHE B 540 0.04 13.09 30.41
N ASP B 541 0.40 12.71 31.64
CA ASP B 541 0.52 11.31 32.05
C ASP B 541 -0.68 10.91 32.93
N GLY B 542 -1.64 10.23 32.31
CA GLY B 542 -2.83 9.76 33.02
C GLY B 542 -2.76 8.29 33.41
N ARG B 543 -3.92 7.69 33.62
CA ARG B 543 -3.96 6.27 33.95
C ARG B 543 -3.27 5.41 32.89
N GLY B 544 -2.53 4.42 33.35
CA GLY B 544 -1.73 3.57 32.48
C GLY B 544 -0.27 4.00 32.43
N SER B 545 0.00 5.26 32.78
CA SER B 545 1.37 5.79 32.72
C SER B 545 2.28 5.15 33.79
N GLY B 546 3.59 5.25 33.57
CA GLY B 546 4.56 4.50 34.38
C GLY B 546 5.19 5.24 35.54
N TYR B 547 5.93 4.48 36.35
CA TYR B 547 6.86 5.02 37.35
C TYR B 547 6.20 5.64 38.59
N GLN B 548 4.91 5.37 38.76
CA GLN B 548 4.12 5.94 39.85
C GLN B 548 3.30 4.85 40.55
N GLY B 549 3.68 3.60 40.36
CA GLY B 549 2.98 2.49 41.00
C GLY B 549 1.89 1.82 40.16
N ASP B 550 1.54 0.60 40.56
CA ASP B 550 0.58 -0.22 39.83
C ASP B 550 -0.87 0.27 39.87
N LYS B 551 -1.28 0.96 40.93
CA LYS B 551 -2.65 1.52 40.93
C LYS B 551 -2.90 2.34 39.67
N ILE B 552 -1.92 3.16 39.31
CA ILE B 552 -2.01 3.96 38.10
C ILE B 552 -1.70 3.12 36.84
N MET B 553 -0.60 2.38 36.85
CA MET B 553 -0.16 1.63 35.67
C MET B 553 -1.15 0.53 35.26
N HIS B 554 -1.64 -0.23 36.24
CA HIS B 554 -2.54 -1.35 35.94
C HIS B 554 -4.00 -0.94 35.74
N ALA B 555 -4.27 0.36 35.80
CA ALA B 555 -5.65 0.86 35.65
C ALA B 555 -6.27 0.48 34.30
N ILE B 556 -5.43 0.33 33.28
CA ILE B 556 -5.92 -0.02 31.95
C ILE B 556 -5.76 -1.51 31.60
N ASN B 557 -5.48 -2.33 32.61
CA ASN B 557 -5.38 -3.77 32.40
C ASN B 557 -6.66 -4.31 31.73
N ARG B 558 -6.46 -5.03 30.62
CA ARG B 558 -7.55 -5.60 29.80
C ARG B 558 -8.47 -4.56 29.15
N ARG B 559 -8.08 -3.29 29.22
CA ARG B 559 -8.95 -2.20 28.80
C ARG B 559 -8.20 -1.05 28.12
N LEU B 560 -7.30 -1.37 27.17
CA LEU B 560 -6.66 -0.33 26.38
C LEU B 560 -7.72 0.44 25.60
N GLY B 561 -7.46 1.72 25.38
CA GLY B 561 -8.42 2.56 24.66
C GLY B 561 -9.59 3.02 25.52
N THR B 562 -9.42 2.97 26.84
CA THR B 562 -10.44 3.50 27.76
C THR B 562 -9.90 4.66 28.59
N PHE B 563 -9.43 4.38 29.81
CA PHE B 563 -9.05 5.47 30.73
C PHE B 563 -7.93 6.36 30.23
N GLU B 564 -6.96 5.82 29.50
CA GLU B 564 -5.85 6.64 29.02
C GLU B 564 -6.31 7.63 27.93
N VAL B 565 -7.34 7.23 27.19
CA VAL B 565 -7.99 8.12 26.22
C VAL B 565 -8.80 9.18 26.97
N GLU B 566 -9.69 8.74 27.85
CA GLU B 566 -10.56 9.64 28.62
C GLU B 566 -9.73 10.66 29.41
N ASP B 567 -8.56 10.24 29.91
CA ASP B 567 -7.72 11.13 30.71
C ASP B 567 -7.07 12.24 29.90
N GLN B 568 -6.72 11.97 28.64
CA GLN B 568 -6.21 13.01 27.74
C GLN B 568 -7.26 14.09 27.46
N ILE B 569 -8.50 13.64 27.29
CA ILE B 569 -9.61 14.56 27.06
C ILE B 569 -9.82 15.43 28.30
N GLU B 570 -9.83 14.78 29.48
CA GLU B 570 -10.04 15.51 30.74
C GLU B 570 -8.93 16.54 31.00
N ALA B 571 -7.69 16.16 30.68
CA ALA B 571 -6.54 17.03 30.78
C ALA B 571 -6.67 18.25 29.88
N ALA B 572 -6.99 18.02 28.60
CA ALA B 572 -7.17 19.13 27.65
C ALA B 572 -8.29 20.05 28.08
N ARG B 573 -9.37 19.48 28.60
CA ARG B 573 -10.49 20.25 29.15
C ARG B 573 -10.03 21.19 30.26
N GLN B 574 -9.22 20.67 31.18
CA GLN B 574 -8.68 21.47 32.27
C GLN B 574 -7.76 22.56 31.73
N PHE B 575 -6.87 22.19 30.79
CA PHE B 575 -6.00 23.18 30.14
C PHE B 575 -6.79 24.29 29.45
N SER B 576 -7.90 23.92 28.81
CA SER B 576 -8.70 24.87 28.01
C SER B 576 -9.38 25.93 28.87
N LYS B 577 -9.48 25.65 30.16
CA LYS B 577 -10.09 26.58 31.12
C LYS B 577 -9.05 27.45 31.79
N MET B 578 -7.78 27.09 31.63
CA MET B 578 -6.69 27.97 32.06
C MET B 578 -6.80 29.23 31.20
N GLY B 579 -6.55 30.37 31.83
CA GLY B 579 -6.82 31.65 31.20
C GLY B 579 -5.88 32.03 30.08
N PHE B 580 -4.93 31.16 29.75
CA PHE B 580 -3.94 31.43 28.70
C PHE B 580 -4.04 30.48 27.49
N VAL B 581 -5.10 29.67 27.45
CA VAL B 581 -5.34 28.77 26.33
C VAL B 581 -6.59 29.21 25.56
N ASP B 582 -6.47 29.28 24.24
CA ASP B 582 -7.61 29.53 23.37
C ASP B 582 -8.38 28.22 23.16
N ASN B 583 -9.58 28.12 23.75
CA ASN B 583 -10.39 26.88 23.67
C ASN B 583 -10.91 26.57 22.26
N LYS B 584 -10.88 27.57 21.38
CA LYS B 584 -11.26 27.36 19.99
C LYS B 584 -10.14 26.78 19.12
N ARG B 585 -8.93 26.68 19.69
CA ARG B 585 -7.76 26.20 18.92
C ARG B 585 -6.93 25.20 19.70
N ILE B 586 -7.49 24.01 19.90
CA ILE B 586 -6.80 22.93 20.58
C ILE B 586 -6.69 21.76 19.62
N ALA B 587 -5.46 21.29 19.43
CA ALA B 587 -5.19 20.16 18.55
C ALA B 587 -4.55 19.02 19.33
N ILE B 588 -4.47 17.85 18.69
CA ILE B 588 -3.84 16.68 19.32
C ILE B 588 -3.03 15.93 18.25
N TRP B 589 -1.89 15.37 18.63
CA TRP B 589 -1.13 14.54 17.70
C TRP B 589 -0.30 13.51 18.44
N GLY B 590 0.06 12.42 17.74
CA GLY B 590 0.92 11.40 18.31
C GLY B 590 1.28 10.33 17.28
N TRP B 591 2.26 9.50 17.65
CA TRP B 591 2.85 8.52 16.76
C TRP B 591 2.69 7.14 17.42
N SER B 592 2.27 6.13 16.65
CA SER B 592 2.12 4.73 17.14
C SER B 592 1.02 4.57 18.21
N TYR B 593 1.36 4.30 19.48
CA TYR B 593 0.30 4.33 20.54
C TYR B 593 -0.33 5.72 20.56
N GLY B 594 0.49 6.73 20.34
CA GLY B 594 0.04 8.12 20.28
C GLY B 594 -0.91 8.39 19.13
N GLY B 595 -0.67 7.75 18.00
CA GLY B 595 -1.59 7.83 16.84
C GLY B 595 -2.91 7.13 17.14
N TYR B 596 -2.83 5.98 17.81
CA TYR B 596 -4.04 5.33 18.30
C TYR B 596 -4.88 6.24 19.22
N VAL B 597 -4.23 6.76 20.26
CA VAL B 597 -4.91 7.62 21.22
C VAL B 597 -5.43 8.90 20.55
N THR B 598 -4.62 9.55 19.72
CA THR B 598 -5.10 10.70 18.93
C THR B 598 -6.41 10.38 18.18
N SER B 599 -6.43 9.22 17.52
CA SER B 599 -7.57 8.82 16.68
C SER B 599 -8.79 8.50 17.53
N MET B 600 -8.57 7.80 18.64
CA MET B 600 -9.63 7.49 19.61
C MET B 600 -10.22 8.75 20.23
N VAL B 601 -9.34 9.71 20.56
CA VAL B 601 -9.78 11.03 21.07
C VAL B 601 -10.61 11.77 20.02
N LEU B 602 -10.09 11.88 18.80
CA LEU B 602 -10.79 12.56 17.71
C LEU B 602 -12.13 11.92 17.35
N GLY B 603 -12.25 10.60 17.61
CA GLY B 603 -13.51 9.88 17.44
C GLY B 603 -14.40 9.78 18.67
N SER B 604 -14.08 10.54 19.73
CA SER B 604 -14.82 10.43 20.99
C SER B 604 -16.09 11.29 21.01
N GLY B 605 -16.17 12.29 20.13
CA GLY B 605 -17.28 13.26 20.15
C GLY B 605 -17.17 14.31 21.25
N SER B 606 -15.98 14.46 21.85
CA SER B 606 -15.81 15.37 22.99
C SER B 606 -16.00 16.84 22.63
N GLY B 607 -15.66 17.18 21.39
CA GLY B 607 -15.76 18.55 20.88
C GLY B 607 -14.63 19.45 21.32
N VAL B 608 -13.69 18.90 22.09
CA VAL B 608 -12.61 19.69 22.68
C VAL B 608 -11.57 20.08 21.63
N PHE B 609 -11.33 19.17 20.69
CA PHE B 609 -10.25 19.30 19.72
C PHE B 609 -10.75 19.66 18.33
N LYS B 610 -10.15 20.70 17.76
CA LYS B 610 -10.48 21.15 16.40
C LYS B 610 -9.91 20.22 15.33
N CYS B 611 -8.71 19.71 15.57
CA CYS B 611 -7.98 18.93 14.57
C CYS B 611 -6.96 18.01 15.23
N GLY B 612 -6.50 17.01 14.49
CA GLY B 612 -5.42 16.18 14.99
C GLY B 612 -4.70 15.42 13.90
N ILE B 613 -3.53 14.91 14.24
CA ILE B 613 -2.67 14.15 13.33
C ILE B 613 -2.32 12.81 13.95
N ALA B 614 -2.61 11.72 13.24
CA ALA B 614 -2.17 10.39 13.67
C ALA B 614 -1.11 9.86 12.71
N VAL B 615 0.06 9.56 13.26
CA VAL B 615 1.17 9.01 12.47
C VAL B 615 1.37 7.55 12.85
N ALA B 616 1.32 6.68 11.84
CA ALA B 616 1.48 5.23 12.03
C ALA B 616 0.68 4.68 13.22
N PRO B 617 -0.64 4.95 13.25
CA PRO B 617 -1.44 4.55 14.41
C PRO B 617 -1.74 3.06 14.44
N VAL B 618 -1.86 2.50 15.64
CA VAL B 618 -2.60 1.25 15.81
C VAL B 618 -4.07 1.64 15.61
N SER B 619 -4.83 0.78 14.93
CA SER B 619 -6.28 1.01 14.76
C SER B 619 -7.17 -0.07 15.39
N ARG B 620 -6.60 -1.26 15.57
CA ARG B 620 -7.35 -2.43 16.06
C ARG B 620 -6.32 -3.39 16.65
N TRP B 621 -6.54 -3.79 17.90
CA TRP B 621 -5.52 -4.55 18.64
C TRP B 621 -5.23 -5.93 18.03
N GLU B 622 -6.22 -6.50 17.35
CA GLU B 622 -6.00 -7.75 16.62
C GLU B 622 -4.96 -7.59 15.50
N TYR B 623 -4.64 -6.37 15.09
CA TYR B 623 -3.60 -6.16 14.05
C TYR B 623 -2.18 -6.05 14.61
N TYR B 624 -2.06 -5.84 15.92
CA TYR B 624 -0.72 -5.69 16.51
C TYR B 624 -0.17 -7.04 17.01
N ASP B 625 1.12 -7.08 17.38
CA ASP B 625 1.75 -8.36 17.69
C ASP B 625 1.30 -8.94 19.03
N SER B 626 1.43 -10.26 19.16
CA SER B 626 0.97 -11.01 20.30
C SER B 626 1.60 -10.58 21.63
N VAL B 627 2.93 -10.49 21.66
CA VAL B 627 3.64 -10.32 22.93
C VAL B 627 3.27 -9.00 23.60
N TYR B 628 3.25 -7.93 22.81
CA TYR B 628 2.87 -6.64 23.35
C TYR B 628 1.37 -6.57 23.68
N THR B 629 0.54 -6.88 22.67
CA THR B 629 -0.90 -6.68 22.80
C THR B 629 -1.50 -7.50 23.94
N GLU B 630 -1.17 -8.80 23.99
CA GLU B 630 -1.74 -9.70 24.98
C GLU B 630 -1.29 -9.42 26.41
N ARG B 631 -0.13 -8.80 26.57
CA ARG B 631 0.37 -8.41 27.89
C ARG B 631 -0.71 -7.60 28.60
N TYR B 632 -1.35 -6.71 27.85
CA TYR B 632 -2.39 -5.82 28.39
C TYR B 632 -3.81 -6.28 28.09
N MET B 633 -4.00 -7.02 26.99
CA MET B 633 -5.36 -7.31 26.50
C MET B 633 -5.84 -8.76 26.68
N GLY B 634 -4.93 -9.64 27.12
CA GLY B 634 -5.23 -11.08 27.13
C GLY B 634 -5.45 -11.55 25.70
N LEU B 635 -6.19 -12.66 25.54
CA LEU B 635 -6.45 -13.25 24.20
C LEU B 635 -7.78 -12.79 23.60
N PRO B 636 -7.82 -12.60 22.26
CA PRO B 636 -9.06 -12.23 21.58
C PRO B 636 -9.98 -13.43 21.30
N THR B 637 -10.43 -14.07 22.36
CA THR B 637 -11.33 -15.23 22.27
C THR B 637 -12.60 -14.90 23.06
N PRO B 638 -13.74 -15.52 22.69
CA PRO B 638 -14.96 -15.26 23.45
C PRO B 638 -14.79 -15.55 24.95
N GLU B 639 -13.97 -16.55 25.28
CA GLU B 639 -13.72 -16.97 26.68
C GLU B 639 -12.87 -15.96 27.46
N ASP B 640 -12.04 -15.18 26.75
CA ASP B 640 -11.17 -14.22 27.38
C ASP B 640 -11.65 -12.78 27.17
N ASN B 641 -11.08 -12.07 26.20
CA ASN B 641 -11.32 -10.62 26.10
C ASN B 641 -11.75 -10.12 24.71
N LEU B 642 -12.30 -11.01 23.88
CA LEU B 642 -12.72 -10.64 22.52
C LEU B 642 -13.65 -9.43 22.47
N ASP B 643 -14.63 -9.36 23.38
CA ASP B 643 -15.55 -8.22 23.38
C ASP B 643 -14.79 -6.91 23.47
N HIS B 644 -13.81 -6.82 24.37
CA HIS B 644 -13.06 -5.56 24.45
C HIS B 644 -12.12 -5.26 23.28
N TYR B 645 -11.51 -6.29 22.71
CA TYR B 645 -10.79 -6.14 21.43
C TYR B 645 -11.67 -5.47 20.37
N ARG B 646 -12.94 -5.89 20.30
CA ARG B 646 -13.88 -5.39 19.28
C ARG B 646 -14.44 -3.99 19.58
N ASN B 647 -14.56 -3.65 20.86
CA ASN B 647 -15.06 -2.33 21.27
C ASN B 647 -14.03 -1.21 21.24
N SER B 648 -12.74 -1.57 21.14
CA SER B 648 -11.67 -0.59 21.28
C SER B 648 -10.98 -0.20 19.96
N THR B 649 -11.69 -0.37 18.84
CA THR B 649 -11.08 -0.05 17.54
C THR B 649 -11.33 1.42 17.18
N VAL B 650 -10.44 1.98 16.37
CA VAL B 650 -10.66 3.31 15.81
C VAL B 650 -11.85 3.31 14.83
N MET B 651 -11.95 2.24 14.03
CA MET B 651 -12.93 2.15 12.94
C MET B 651 -14.37 2.32 13.43
N SER B 652 -14.66 1.81 14.63
CA SER B 652 -16.00 1.90 15.21
C SER B 652 -16.43 3.34 15.51
N ARG B 653 -15.48 4.24 15.58
CA ARG B 653 -15.73 5.66 15.90
C ARG B 653 -15.80 6.58 14.69
N ALA B 654 -15.83 6.00 13.48
CA ALA B 654 -15.65 6.78 12.24
C ALA B 654 -16.65 7.93 12.09
N GLU B 655 -17.92 7.66 12.39
CA GLU B 655 -19.00 8.67 12.32
C GLU B 655 -18.65 9.95 13.10
N ASN B 656 -18.00 9.81 14.27
CA ASN B 656 -17.61 10.96 15.09
C ASN B 656 -16.53 11.86 14.47
N PHE B 657 -15.86 11.39 13.42
CA PHE B 657 -14.83 12.21 12.76
C PHE B 657 -15.44 13.32 11.90
N LYS B 658 -16.76 13.31 11.74
CA LYS B 658 -17.44 14.37 11.01
C LYS B 658 -17.18 15.77 11.55
N GLN B 659 -16.90 15.90 12.83
CA GLN B 659 -16.71 17.24 13.39
C GLN B 659 -15.28 17.70 13.65
N VAL B 660 -14.31 16.94 13.14
CA VAL B 660 -12.90 17.31 13.30
C VAL B 660 -12.16 17.31 11.97
N GLU B 661 -11.04 18.02 11.93
CA GLU B 661 -10.08 17.91 10.84
C GLU B 661 -9.00 16.87 11.19
N TYR B 662 -8.86 15.83 10.37
CA TYR B 662 -7.97 14.71 10.68
C TYR B 662 -6.93 14.57 9.59
N LEU B 663 -5.68 14.33 10.00
CA LEU B 663 -4.63 13.99 9.06
C LEU B 663 -4.02 12.66 9.46
N LEU B 664 -4.03 11.72 8.51
CA LEU B 664 -3.60 10.33 8.73
C LEU B 664 -2.37 10.02 7.90
N ILE B 665 -1.30 9.60 8.56
CA ILE B 665 0.00 9.41 7.90
C ILE B 665 0.61 8.04 8.24
N HIS B 666 1.14 7.34 7.23
CA HIS B 666 1.72 6.01 7.48
C HIS B 666 2.77 5.66 6.43
N GLY B 667 3.87 5.05 6.86
CA GLY B 667 4.89 4.56 5.95
C GLY B 667 4.47 3.22 5.38
N THR B 668 4.62 3.03 4.07
CA THR B 668 4.12 1.79 3.44
C THR B 668 4.88 0.51 3.82
N ALA B 669 6.13 0.67 4.23
CA ALA B 669 6.97 -0.45 4.60
C ALA B 669 7.16 -0.57 6.12
N ASP B 670 6.16 -0.15 6.87
CA ASP B 670 6.18 -0.31 8.33
C ASP B 670 5.97 -1.80 8.68
N ASP B 671 7.03 -2.45 9.17
CA ASP B 671 7.03 -3.86 9.56
C ASP B 671 6.46 -4.05 10.96
N ASN B 672 6.24 -2.93 11.66
CA ASN B 672 5.89 -2.93 13.09
C ASN B 672 4.39 -2.71 13.29
N VAL B 673 3.95 -1.47 13.10
CA VAL B 673 2.51 -1.12 12.99
C VAL B 673 2.21 -1.13 11.48
N HIS B 674 1.60 -2.20 10.98
CA HIS B 674 1.49 -2.40 9.52
C HIS B 674 0.63 -1.34 8.86
N PHE B 675 0.97 -0.98 7.62
CA PHE B 675 0.17 -0.02 6.84
C PHE B 675 -1.31 -0.39 6.86
N GLN B 676 -1.58 -1.70 6.86
CA GLN B 676 -2.91 -2.24 7.09
C GLN B 676 -3.73 -1.46 8.10
N GLN B 677 -3.09 -1.07 9.21
CA GLN B 677 -3.84 -0.41 10.29
C GLN B 677 -4.50 0.92 9.84
N SER B 678 -3.74 1.75 9.14
CA SER B 678 -4.26 3.00 8.56
C SER B 678 -5.15 2.76 7.34
N ALA B 679 -4.85 1.72 6.56
CA ALA B 679 -5.71 1.35 5.43
C ALA B 679 -7.13 1.01 5.90
N GLN B 680 -7.23 0.41 7.08
CA GLN B 680 -8.53 0.13 7.67
C GLN B 680 -9.23 1.38 8.23
N ILE B 681 -8.48 2.28 8.85
CA ILE B 681 -9.05 3.57 9.25
C ILE B 681 -9.64 4.32 8.04
N SER B 682 -8.85 4.47 6.97
CA SER B 682 -9.32 5.25 5.81
C SER B 682 -10.58 4.65 5.20
N LYS B 683 -10.61 3.33 5.07
CA LYS B 683 -11.76 2.66 4.50
C LYS B 683 -13.02 2.87 5.34
N ALA B 684 -12.85 2.92 6.67
CA ALA B 684 -13.98 3.17 7.58
C ALA B 684 -14.54 4.58 7.46
N LEU B 685 -13.65 5.57 7.36
CA LEU B 685 -14.02 6.96 7.13
C LEU B 685 -14.70 7.15 5.77
N VAL B 686 -14.13 6.54 4.74
CA VAL B 686 -14.78 6.55 3.41
C VAL B 686 -16.18 5.97 3.49
N ASP B 687 -16.32 4.82 4.15
CA ASP B 687 -17.63 4.17 4.28
C ASP B 687 -18.73 5.01 4.95
N VAL B 688 -18.36 5.93 5.85
CA VAL B 688 -19.37 6.81 6.48
C VAL B 688 -19.38 8.25 5.94
N GLY B 689 -18.59 8.51 4.90
CA GLY B 689 -18.62 9.78 4.19
C GLY B 689 -17.96 10.93 4.93
N VAL B 690 -16.84 10.63 5.59
CA VAL B 690 -16.06 11.63 6.29
C VAL B 690 -14.86 12.01 5.43
N ASP B 691 -14.69 13.31 5.18
CA ASP B 691 -13.51 13.80 4.50
C ASP B 691 -12.36 13.98 5.50
N PHE B 692 -11.15 13.73 5.03
CA PHE B 692 -9.96 13.80 5.88
C PHE B 692 -8.75 13.98 4.98
N GLN B 693 -7.60 14.29 5.56
CA GLN B 693 -6.36 14.43 4.83
C GLN B 693 -5.50 13.18 5.03
N ALA B 694 -4.76 12.80 3.99
CA ALA B 694 -3.91 11.61 4.08
C ALA B 694 -2.53 11.84 3.46
N MET B 695 -1.56 11.07 3.95
CA MET B 695 -0.25 11.02 3.33
C MET B 695 0.37 9.64 3.56
N TRP B 696 0.73 8.95 2.47
CA TRP B 696 1.53 7.72 2.62
C TRP B 696 2.98 8.08 2.34
N TYR B 697 3.91 7.32 2.93
CA TYR B 697 5.36 7.49 2.66
C TYR B 697 5.92 6.21 2.10
N THR B 698 6.17 6.22 0.79
CA THR B 698 6.63 5.06 0.05
C THR B 698 7.93 4.53 0.63
N ASP B 699 7.91 3.24 0.96
CA ASP B 699 9.08 2.48 1.45
C ASP B 699 9.65 2.96 2.78
N GLU B 700 8.91 3.83 3.48
CA GLU B 700 9.34 4.22 4.83
C GLU B 700 8.78 3.24 5.85
N ASP B 701 9.53 3.01 6.93
CA ASP B 701 9.10 2.09 7.98
C ASP B 701 8.52 2.87 9.17
N HIS B 702 8.47 2.26 10.35
CA HIS B 702 7.84 2.91 11.50
C HIS B 702 8.46 4.25 11.89
N GLY B 703 9.74 4.41 11.64
CA GLY B 703 10.45 5.63 12.02
C GLY B 703 10.23 6.82 11.10
N ILE B 704 9.79 6.56 9.86
CA ILE B 704 9.73 7.60 8.80
C ILE B 704 10.97 8.49 8.93
N ALA B 705 12.13 7.85 8.93
CA ALA B 705 13.36 8.50 9.40
C ALA B 705 14.43 8.73 8.34
N SER B 706 14.17 8.39 7.07
CA SER B 706 15.12 8.79 6.04
C SER B 706 15.19 10.31 6.00
N SER B 707 16.36 10.85 5.67
CA SER B 707 16.57 12.29 5.66
C SER B 707 15.41 13.04 4.98
N THR B 708 15.10 12.67 3.73
CA THR B 708 14.10 13.41 2.97
C THR B 708 12.67 13.18 3.47
N ALA B 709 12.34 11.97 3.89
CA ALA B 709 10.98 11.71 4.41
C ALA B 709 10.75 12.43 5.72
N HIS B 710 11.78 12.46 6.57
CA HIS B 710 11.70 13.12 7.86
C HIS B 710 11.39 14.61 7.67
N GLN B 711 12.05 15.23 6.70
CA GLN B 711 11.87 16.65 6.45
C GLN B 711 10.48 16.89 5.87
N HIS B 712 10.05 15.99 5.00
CA HIS B 712 8.74 16.10 4.33
C HIS B 712 7.55 15.97 5.30
N ILE B 713 7.58 14.95 6.17
CA ILE B 713 6.46 14.71 7.08
C ILE B 713 6.29 15.89 8.04
N TYR B 714 7.39 16.37 8.61
CA TYR B 714 7.27 17.50 9.54
C TYR B 714 6.84 18.79 8.83
N THR B 715 7.26 18.94 7.58
CA THR B 715 6.82 20.08 6.76
C THR B 715 5.30 19.99 6.51
N HIS B 716 4.83 18.79 6.17
CA HIS B 716 3.41 18.55 5.89
C HIS B 716 2.57 18.78 7.14
N MET B 717 3.03 18.25 8.26
CA MET B 717 2.33 18.41 9.55
C MET B 717 2.30 19.88 10.00
N SER B 718 3.38 20.60 9.73
CA SER B 718 3.44 22.01 10.11
C SER B 718 2.41 22.84 9.36
N HIS B 719 2.27 22.61 8.05
CA HIS B 719 1.25 23.30 7.27
C HIS B 719 -0.13 23.00 7.80
N PHE B 720 -0.39 21.75 8.16
CA PHE B 720 -1.70 21.32 8.66
C PHE B 720 -2.09 22.00 9.99
N ILE B 721 -1.15 22.00 10.95
CA ILE B 721 -1.36 22.65 12.25
C ILE B 721 -1.57 24.16 12.09
N LYS B 722 -0.75 24.80 11.23
CA LYS B 722 -0.85 26.25 11.02
C LYS B 722 -2.18 26.66 10.38
N GLN B 723 -2.64 25.89 9.40
CA GLN B 723 -3.95 26.10 8.77
C GLN B 723 -5.09 25.92 9.78
N CYS B 724 -5.01 24.84 10.56
CA CYS B 724 -5.97 24.58 11.65
C CYS B 724 -6.07 25.75 12.65
N PHE B 725 -4.93 26.35 13.00
CA PHE B 725 -4.89 27.45 13.96
C PHE B 725 -4.98 28.84 13.32
N SER B 726 -5.22 28.89 12.01
CA SER B 726 -5.23 30.15 11.26
C SER B 726 -3.94 30.97 11.45
N LEU B 727 -2.80 30.30 11.30
CA LEU B 727 -1.50 30.96 11.38
C LEU B 727 -0.90 31.17 9.97
N PRO B 728 -0.38 32.37 9.68
CA PRO B 728 0.11 32.69 8.33
C PRO B 728 1.47 32.05 8.01
C1 NAG C . -22.34 -24.70 -4.62
C2 NAG C . -22.63 -26.20 -4.82
C3 NAG C . -23.73 -26.73 -3.88
C4 NAG C . -23.65 -26.22 -2.44
C5 NAG C . -23.39 -24.70 -2.46
C6 NAG C . -23.21 -24.09 -1.07
C7 NAG C . -22.45 -27.33 -6.98
C8 NAG C . -23.00 -27.43 -8.38
N2 NAG C . -23.02 -26.44 -6.19
O3 NAG C . -23.70 -28.14 -3.89
O4 NAG C . -24.88 -26.50 -1.78
O5 NAG C . -22.23 -24.42 -3.23
O6 NAG C . -22.00 -24.52 -0.48
O7 NAG C . -21.52 -28.06 -6.64
C1 NAG C . -24.80 -27.37 -0.61
C2 NAG C . -24.61 -28.86 -0.94
C3 NAG C . -23.77 -29.65 0.09
C4 NAG C . -23.66 -29.06 1.51
C5 NAG C . -24.11 -27.59 1.61
C6 NAG C . -23.35 -26.86 2.72
C7 NAG C . -26.68 -29.45 -2.24
C8 NAG C . -27.93 -30.26 -2.22
N2 NAG C . -25.89 -29.55 -1.16
O3 NAG C . -22.46 -29.85 -0.41
O4 NAG C . -24.43 -29.85 2.40
O5 NAG C . -23.89 -26.93 0.38
O6 NAG C . -23.76 -25.51 2.75
O7 NAG C . -26.43 -28.74 -3.22
C1 NAG D . -23.11 -28.12 -39.17
C2 NAG D . -24.16 -29.11 -39.69
C3 NAG D . -23.58 -30.39 -40.30
C4 NAG D . -22.23 -30.19 -41.00
C5 NAG D . -21.36 -29.11 -40.35
C6 NAG D . -20.12 -28.80 -41.20
C7 NAG D . -26.37 -29.29 -38.71
C8 NAG D . -27.18 -29.71 -37.52
N2 NAG D . -25.06 -29.47 -38.61
O3 NAG D . -24.50 -30.90 -41.25
O4 NAG D . -21.58 -31.44 -40.99
O5 NAG D . -22.09 -27.92 -40.13
O6 NAG D . -20.53 -28.27 -42.44
O7 NAG D . -26.90 -28.81 -39.71
C1 NAG D . -21.26 -31.92 -42.32
C2 NAG D . -20.42 -33.20 -42.15
C3 NAG D . -20.22 -34.01 -43.43
C4 NAG D . -21.41 -33.97 -44.39
C5 NAG D . -22.04 -32.58 -44.44
C6 NAG D . -23.26 -32.52 -45.36
C7 NAG D . -18.92 -32.84 -40.26
C8 NAG D . -17.54 -32.47 -39.81
N2 NAG D . -19.13 -32.84 -41.57
O3 NAG D . -20.00 -35.35 -43.03
O4 NAG D . -20.99 -34.38 -45.69
O5 NAG D . -22.40 -32.18 -43.13
O6 NAG D . -24.44 -32.39 -44.60
O7 NAG D . -19.79 -33.12 -39.44
C1 NAG E . 4.03 -23.67 -21.07
C2 NAG E . 3.99 -25.16 -21.42
C3 NAG E . 5.06 -25.95 -20.66
C4 NAG E . 6.42 -25.28 -20.60
C5 NAG E . 6.35 -23.74 -20.45
C6 NAG E . 7.67 -23.09 -20.86
C7 NAG E . 1.83 -26.09 -21.97
C8 NAG E . 0.57 -26.73 -21.46
N2 NAG E . 2.74 -25.78 -21.05
O3 NAG E . 5.14 -27.27 -21.17
O4 NAG E . 6.89 -25.80 -19.37
O5 NAG E . 5.34 -23.17 -21.27
O6 NAG E . 7.70 -21.76 -20.39
O7 NAG E . 1.98 -25.86 -23.16
C1 NAG E . 8.19 -26.40 -19.36
C2 NAG E . 8.63 -27.24 -20.57
C3 NAG E . 10.01 -27.85 -20.27
C4 NAG E . 10.98 -26.90 -19.55
C5 NAG E . 10.29 -26.01 -18.50
C6 NAG E . 11.14 -24.87 -17.95
C7 NAG E . 7.12 -29.17 -20.08
C8 NAG E . 6.22 -30.20 -20.71
N2 NAG E . 7.71 -28.31 -20.93
O3 NAG E . 10.57 -28.35 -21.47
O4 NAG E . 11.95 -27.69 -18.91
O5 NAG E . 9.17 -25.42 -19.10
O6 NAG E . 10.55 -23.64 -18.31
O7 NAG E . 7.25 -29.15 -18.85
C1 NAG F . 7.99 -1.66 -37.61
C2 NAG F . 8.55 -1.26 -38.98
C3 NAG F . 10.08 -1.48 -39.05
C4 NAG F . 10.79 -0.82 -37.85
C5 NAG F . 10.07 -1.16 -36.54
C6 NAG F . 10.63 -0.35 -35.37
C7 NAG F . 7.18 -1.37 -41.03
C8 NAG F . 6.52 -2.27 -42.04
N2 NAG F . 7.85 -1.98 -40.04
O3 NAG F . 10.53 -0.93 -40.27
O4 NAG F . 12.12 -1.28 -37.65
O5 NAG F . 8.67 -0.92 -36.62
O6 NAG F . 10.46 1.04 -35.62
O7 NAG F . 7.10 -0.15 -41.15
C1 NAG F . 13.21 -0.80 -38.48
C2 NAG F . 13.36 0.72 -38.67
C3 NAG F . 14.83 1.05 -38.92
C4 NAG F . 15.64 0.76 -37.66
C5 NAG F . 15.22 -0.58 -37.04
C6 NAG F . 14.56 -0.36 -35.67
C7 NAG F . 11.80 2.38 -39.70
C8 NAG F . 11.83 3.23 -38.46
N2 NAG F . 12.52 1.24 -39.75
O3 NAG F . 15.02 2.41 -39.28
O4 NAG F . 17.01 0.71 -37.96
O5 NAG F . 14.42 -1.34 -37.95
O6 NAG F . 13.95 -1.54 -35.21
O7 NAG F . 11.11 2.75 -40.65
C1 NAG G . 48.48 7.94 32.44
C2 NAG G . 48.77 6.80 31.45
C3 NAG G . 49.54 5.67 32.11
C4 NAG G . 50.76 6.17 32.88
C5 NAG G . 50.42 7.32 33.85
C6 NAG G . 51.72 8.01 34.31
C7 NAG G . 47.10 6.55 29.68
C8 NAG G . 45.81 5.90 29.26
N2 NAG G . 47.54 6.26 30.90
O3 NAG G . 49.97 4.80 31.10
O4 NAG G . 51.37 5.09 33.56
O5 NAG G . 49.63 8.30 33.20
O6 NAG G . 51.49 8.91 35.36
O7 NAG G . 47.67 7.33 28.92
C1 NAG G . 52.73 4.98 33.06
C2 NAG G . 53.66 4.32 34.08
C3 NAG G . 55.09 4.44 33.54
C4 NAG G . 55.23 4.00 32.07
C5 NAG G . 54.09 4.52 31.18
C6 NAG G . 54.13 3.89 29.79
C7 NAG G . 52.75 4.57 36.37
C8 NAG G . 52.81 5.40 37.62
N2 NAG G . 53.56 4.96 35.37
O3 NAG G . 55.95 3.66 34.35
O4 NAG G . 56.46 4.43 31.56
O5 NAG G . 52.84 4.31 31.81
O6 NAG G . 52.96 3.15 29.48
O7 NAG G . 51.99 3.61 36.31
C1 NAG H . 32.59 -10.98 0.74
C2 NAG H . 33.65 -12.09 0.74
C3 NAG H . 34.84 -11.73 -0.16
C4 NAG H . 34.41 -11.26 -1.56
C5 NAG H . 33.29 -10.21 -1.43
C6 NAG H . 32.74 -9.77 -2.81
C7 NAG H . 33.99 -13.55 2.65
C8 NAG H . 34.58 -13.71 4.02
N2 NAG H . 34.16 -12.37 2.06
O3 NAG H . 35.67 -12.87 -0.21
O4 NAG H . 35.47 -10.63 -2.28
O5 NAG H . 32.23 -10.66 -0.60
O6 NAG H . 31.91 -10.77 -3.37
O7 NAG H . 33.37 -14.48 2.14
C1 NAG H . 36.61 -11.41 -2.75
C2 NAG H . 36.33 -12.86 -3.18
C3 NAG H . 36.54 -13.09 -4.68
C4 NAG H . 36.17 -11.88 -5.53
C5 NAG H . 36.86 -10.59 -5.06
C6 NAG H . 35.98 -9.36 -5.27
C7 NAG H . 38.14 -13.78 -1.63
C8 NAG H . 38.72 -15.09 -1.18
N2 NAG H . 37.13 -13.88 -2.51
O3 NAG H . 35.79 -14.22 -5.07
O4 NAG H . 36.56 -12.15 -6.87
O5 NAG H . 37.36 -10.68 -3.72
O6 NAG H . 36.30 -8.34 -4.34
O7 NAG H . 38.61 -12.72 -1.18
C1 NAG I . 36.44 -20.47 34.06
C2 NAG I . 37.77 -20.86 34.72
C3 NAG I . 37.96 -22.38 34.58
C4 NAG I . 36.70 -23.16 34.99
C5 NAG I . 35.41 -22.51 34.45
C6 NAG I . 34.15 -23.15 35.00
C7 NAG I . 39.84 -19.52 34.82
C8 NAG I . 40.91 -18.83 34.01
N2 NAG I . 38.88 -20.14 34.12
O3 NAG I . 39.07 -22.79 35.36
O4 NAG I . 36.81 -24.48 34.50
O5 NAG I . 35.38 -21.12 34.73
O6 NAG I . 34.18 -23.09 36.41
O7 NAG I . 39.90 -19.49 36.06
C1 NAG I . 36.61 -25.47 35.54
C2 NAG I . 36.40 -26.84 34.89
C3 NAG I . 36.67 -27.97 35.87
C4 NAG I . 38.08 -27.90 36.46
C5 NAG I . 38.58 -26.46 36.68
C6 NAG I . 39.81 -26.15 35.81
C7 NAG I . 34.76 -27.02 33.05
C8 NAG I . 33.31 -27.13 32.72
N2 NAG I . 35.05 -26.94 34.37
O3 NAG I . 36.56 -29.21 35.20
O4 NAG I . 38.11 -28.61 37.68
O5 NAG I . 37.60 -25.45 36.56
O6 NAG I . 40.96 -26.37 36.58
O7 NAG I . 35.60 -27.02 32.14
C1 NAG J . 9.80 -26.59 14.60
C2 NAG J . 10.47 -27.97 14.70
C3 NAG J . 9.72 -29.02 13.89
C4 NAG J . 8.23 -29.04 14.14
C5 NAG J . 7.64 -27.61 14.11
C6 NAG J . 6.22 -27.58 14.65
C7 NAG J . 12.85 -27.93 15.08
C8 NAG J . 14.22 -27.94 14.50
N2 NAG J . 11.83 -27.96 14.22
O3 NAG J . 10.26 -30.30 14.11
O4 NAG J . 7.81 -29.80 13.02
O5 NAG J . 8.40 -26.69 14.87
O6 NAG J . 5.64 -26.35 14.33
O7 NAG J . 12.68 -27.88 16.30
C1 NAG J . 6.71 -30.72 13.13
C2 NAG J . 6.66 -31.72 14.30
C3 NAG J . 5.50 -32.69 13.97
C4 NAG J . 4.21 -32.01 13.48
C5 NAG J . 4.46 -30.80 12.58
C6 NAG J . 3.27 -29.86 12.42
C7 NAG J . 8.35 -33.59 14.17
C8 NAG J . 9.78 -33.93 14.47
N2 NAG J . 7.96 -32.34 14.46
O3 NAG J . 5.21 -33.54 15.06
O4 NAG J . 3.47 -32.96 12.75
O5 NAG J . 5.50 -30.01 13.09
O6 NAG J . 3.70 -28.71 11.71
O7 NAG J . 7.63 -34.46 13.69
C1 NAG K . -3.93 -14.31 35.16
C2 NAG K . -4.59 -14.60 36.50
C3 NAG K . -5.61 -15.73 36.33
C4 NAG K . -6.56 -15.52 35.14
C5 NAG K . -5.85 -14.91 33.92
C6 NAG K . -6.85 -14.37 32.89
C7 NAG K . -3.52 -14.19 38.68
C8 NAG K . -2.42 -14.58 39.62
N2 NAG K . -3.58 -14.87 37.52
O3 NAG K . -6.34 -15.82 37.54
O4 NAG K . -7.14 -16.74 34.69
O5 NAG K . -4.96 -13.87 34.28
O6 NAG K . -7.01 -12.97 33.04
O7 NAG K . -4.30 -13.29 38.99
C1 NAG K . -8.34 -17.15 35.40
C2 NAG K . -9.47 -16.10 35.43
C3 NAG K . -10.82 -16.72 35.11
C4 NAG K . -10.74 -17.52 33.81
C5 NAG K . -9.66 -18.62 33.90
C6 NAG K . -8.88 -18.81 32.59
C7 NAG K . -9.59 -14.22 37.04
C8 NAG K . -9.55 -13.22 35.91
N2 NAG K . -9.54 -15.52 36.76
O3 NAG K . -11.79 -15.71 35.01
O4 NAG K . -12.00 -18.09 33.53
O5 NAG K . -8.77 -18.46 35.01
O6 NAG K . -8.73 -17.60 31.88
O7 NAG K . -9.65 -13.82 38.21
C1 NAG L . -48.37 -9.72 -31.20
C2 NAG L . -48.11 -11.08 -30.55
C3 NAG L . -48.29 -12.24 -31.54
C4 NAG L . -49.61 -12.14 -32.31
C5 NAG L . -49.78 -10.74 -32.91
C6 NAG L . -51.17 -10.55 -33.49
C7 NAG L . -46.47 -10.99 -28.72
C8 NAG L . -45.02 -11.11 -28.36
N2 NAG L . -46.76 -11.16 -30.02
O3 NAG L . -48.24 -13.44 -30.80
O4 NAG L . -49.69 -13.11 -33.35
O5 NAG L . -49.60 -9.75 -31.91
O6 NAG L . -51.39 -9.21 -33.85
O7 NAG L . -47.32 -10.74 -27.87
C1 NAG M . -7.06 -36.75 -23.64
C2 NAG M . -6.34 -37.18 -22.34
C3 NAG M . -5.20 -36.20 -22.03
C4 NAG M . -4.30 -36.01 -23.24
C5 NAG M . -5.14 -35.65 -24.48
C6 NAG M . -4.31 -35.50 -25.76
C7 NAG M . -7.62 -38.56 -20.81
C8 NAG M . -8.58 -38.66 -19.67
N2 NAG M . -7.26 -37.33 -21.23
O3 NAG M . -4.45 -36.65 -20.92
O4 NAG M . -3.36 -34.99 -22.98
O5 NAG M . -6.11 -36.65 -24.68
O6 NAG M . -3.69 -36.72 -26.11
O7 NAG M . -7.20 -39.59 -21.32
C2 C8S N . -8.43 1.00 -21.59
C3 C8S N . -9.49 1.55 -22.59
C4 C8S N . -7.03 1.08 -22.26
C5 C8S N . -9.50 0.67 -23.86
C6 C8S N . -7.08 0.25 -23.58
C7 C8S N . -8.15 0.77 -24.55
C8 C8S N . -6.78 2.56 -22.67
N1 C8S N . -5.91 -0.87 -21.00
C9 C8S N . -7.89 3.13 -23.58
C10 C8S N . -9.26 3.06 -22.89
C11 C8S N . -7.87 2.26 -24.86
C12 C8S N . -5.84 0.59 -21.33
O13 C8S N . -10.78 1.36 -22.05
C14 C8S N . -5.78 1.38 -20.02
C15 C8S N . -4.67 3.10 -18.66
N16 C8S N . -4.90 2.43 -19.92
C17 C8S N . -3.28 3.64 -18.62
C18 C8S N . -3.94 2.87 -20.91
C19 C8S N . -2.96 3.75 -20.10
C20 C8S N . -3.75 4.34 -21.23
O21 C8S N . -6.52 1.08 -19.10
O22 C8S N . -7.58 4.50 -23.95
C23 C8S N . -5.60 4.36 -18.33
N24 C8S N . -6.77 4.42 -19.03
C1 NAG O . 27.57 -32.81 11.88
C2 NAG O . 28.19 -33.87 10.94
C3 NAG O . 27.85 -33.60 9.49
C4 NAG O . 26.34 -33.44 9.31
C5 NAG O . 25.78 -32.42 10.31
C6 NAG O . 24.26 -32.31 10.23
C7 NAG O . 30.20 -34.99 11.72
C8 NAG O . 31.69 -34.99 11.83
N2 NAG O . 29.63 -33.95 11.11
O3 NAG O . 28.34 -34.66 8.68
O4 NAG O . 26.06 -33.03 7.98
O5 NAG O . 26.17 -32.74 11.64
O6 NAG O . 23.62 -33.46 10.78
O7 NAG O . 29.54 -35.92 12.18
C2 C8S P . 8.30 0.00 21.38
C3 C8S P . 9.05 0.72 22.53
C4 C8S P . 7.08 -0.77 21.94
C5 C8S P . 9.54 -0.33 23.55
C6 C8S P . 7.56 -1.80 23.02
C7 C8S P . 8.34 -1.06 24.14
C8 C8S P . 6.20 0.29 22.68
N1 C8S P . 6.90 -2.67 20.24
C9 C8S P . 6.95 1.04 23.80
C10 C8S P . 8.15 1.81 23.20
C11 C8S P . 7.42 -0.03 24.81
C12 C8S P . 6.19 -1.51 20.87
O13 C8S P . 10.23 1.32 22.02
C14 C8S P . 5.72 -0.56 19.76
C15 C8S P . 3.84 0.53 18.69
N16 C8S P . 4.42 -0.12 19.82
C17 C8S P . 2.37 0.24 18.69
C18 C8S P . 3.42 -0.44 20.82
C19 C8S P . 2.08 -0.06 20.14
C20 C8S P . 2.52 0.61 21.42
O21 C8S P . 6.47 -0.24 18.84
O22 C8S P . 6.07 1.92 24.49
C23 C8S P . 3.97 2.12 18.65
N24 C8S P . 4.77 2.66 19.61
#